data_8GYQ
#
_entry.id   8GYQ
#
_cell.length_a   1.00
_cell.length_b   1.00
_cell.length_c   1.00
_cell.angle_alpha   90.00
_cell.angle_beta   90.00
_cell.angle_gamma   90.00
#
_symmetry.space_group_name_H-M   'P 1'
#
loop_
_entity.id
_entity.type
_entity.pdbx_description
1 polymer Pannexin-2
2 non-polymer 2-acetamido-2-deoxy-beta-D-glucopyranose
#
_entity_poly.entity_id   1
_entity_poly.type   'polypeptide(L)'
_entity_poly.pdbx_seq_one_letter_code
;MHHLLEQSADMATALLAGEKLRELILPGAQDDKAGALAALLLQLKLELPFDRVVTIGTVLVPILLVTLVFTKNFAEEPIY
CYTPHNFTRDQALYARGYCWTELRDALPGVDASLWPSLFEHKFLPYALLAFAAIMYVPALGWEFLASTRLTSELNFLLQE
IDNCYHRAAEGRAPKIEKQIQSKGPGITEREKREIIENAEKEKSPEQNLFEKYLERRGRSNFLAKLYLARHVLILLLSAV
PISYLCTYYATQKQNEFTCALGASPDGAAGAGPAVRVSCKLPSVQLQRIIAGVDIVLLCVMNLIILVNLIHLFIFRKSNF
IFDKLHKVGIKTRRQWRRSQFCDINILAMFCNENRDHIKSLNRLDFITNESDLMYDNVVRQLLAALAQSNHDATPTVRDS
GVQTVDPSANPAEPDGAAEPPVVKRPRKKMKWIPTSNPLPQPFKEPLAIMRVENSKAEKPKPARRKTATDTLIAPLLDRS
AHHYKGGGGDPGPGPAPAPAPPPAPDKKHARHFSLDVHPYILGTKKAKAEAVPAALPASRSQEGGFLSQAEDCGLGLAPA
PIKDAPLPEKEIPYPTEPARAGLPSGGPFHVRSPPAAPAVAPLTPASLGKAEPLTILSRNATHPLLHINTLYEAREEEDG
GPRLPQDVGDLIAIPAPQQILIATFDEPRTVVSTVEF
;
_entity_poly.pdbx_strand_id   A,B,C,D,E,F,G
#
loop_
_chem_comp.id
_chem_comp.type
_chem_comp.name
_chem_comp.formula
NAG D-saccharide, beta linking 2-acetamido-2-deoxy-beta-D-glucopyranose 'C8 H15 N O6'
#
# COMPACT_ATOMS: atom_id res chain seq x y z
N LEU A 42 -22.15 -10.18 -4.23
CA LEU A 42 -21.65 -9.63 -2.96
C LEU A 42 -21.56 -10.71 -1.89
N GLN A 43 -21.38 -10.29 -0.65
CA GLN A 43 -21.21 -11.18 0.48
C GLN A 43 -22.37 -11.04 1.46
N LEU A 44 -22.63 -12.11 2.21
CA LEU A 44 -23.68 -12.13 3.21
C LEU A 44 -23.08 -12.22 4.61
N LYS A 45 -23.71 -11.54 5.56
CA LYS A 45 -23.16 -11.37 6.89
C LYS A 45 -23.63 -12.49 7.81
N LEU A 46 -22.82 -12.77 8.84
CA LEU A 46 -23.12 -13.78 9.84
C LEU A 46 -22.63 -13.32 11.21
N GLU A 47 -22.69 -12.03 11.48
CA GLU A 47 -21.99 -11.46 12.61
C GLU A 47 -22.88 -11.23 13.82
N LEU A 48 -24.16 -10.92 13.60
CA LEU A 48 -25.10 -10.74 14.75
C LEU A 48 -24.45 -9.79 15.76
N PRO A 49 -24.68 -8.46 15.67
CA PRO A 49 -24.00 -7.49 16.53
C PRO A 49 -23.55 -7.98 17.92
N PHE A 50 -24.39 -8.73 18.63
CA PHE A 50 -24.05 -9.12 20.01
C PHE A 50 -22.73 -9.90 20.05
N ASP A 51 -22.53 -10.81 19.10
CA ASP A 51 -21.29 -11.58 19.07
C ASP A 51 -20.07 -10.70 18.81
N ARG A 52 -20.18 -9.76 17.86
CA ARG A 52 -19.04 -8.90 17.58
C ARG A 52 -18.70 -8.02 18.77
N VAL A 53 -19.74 -7.55 19.48
CA VAL A 53 -19.48 -6.77 20.70
C VAL A 53 -18.76 -7.64 21.72
N VAL A 54 -19.19 -8.89 21.87
CA VAL A 54 -18.57 -9.78 22.85
C VAL A 54 -17.10 -10.01 22.51
N THR A 55 -16.82 -10.36 21.26
CA THR A 55 -15.43 -10.63 20.88
C THR A 55 -14.59 -9.37 20.99
N ILE A 56 -15.15 -8.21 20.65
CA ILE A 56 -14.44 -6.94 20.84
C ILE A 56 -14.02 -6.81 22.30
N GLY A 57 -15.00 -6.76 23.20
CA GLY A 57 -14.73 -6.54 24.61
C GLY A 57 -13.98 -7.66 25.29
N THR A 58 -13.87 -8.83 24.65
CA THR A 58 -13.19 -9.96 25.24
C THR A 58 -11.77 -10.16 24.72
N VAL A 59 -11.46 -9.66 23.52
CA VAL A 59 -10.16 -9.87 22.89
C VAL A 59 -9.48 -8.54 22.57
N LEU A 60 -10.16 -7.66 21.83
CA LEU A 60 -9.49 -6.46 21.33
C LEU A 60 -9.05 -5.56 22.47
N VAL A 61 -9.95 -5.32 23.43
CA VAL A 61 -9.58 -4.48 24.58
C VAL A 61 -8.43 -5.09 25.36
N PRO A 62 -8.47 -6.37 25.77
CA PRO A 62 -7.31 -6.94 26.45
C PRO A 62 -6.03 -6.87 25.62
N ILE A 63 -6.12 -7.00 24.30
CA ILE A 63 -4.93 -6.86 23.46
C ILE A 63 -4.39 -5.44 23.56
N LEU A 64 -5.27 -4.44 23.54
CA LEU A 64 -4.83 -3.06 23.67
C LEU A 64 -4.15 -2.83 25.02
N LEU A 65 -4.74 -3.35 26.09
CA LEU A 65 -4.11 -3.21 27.40
C LEU A 65 -2.77 -3.93 27.45
N VAL A 66 -2.68 -5.09 26.80
CA VAL A 66 -1.42 -5.84 26.77
C VAL A 66 -0.34 -5.02 26.09
N THR A 67 -0.64 -4.45 24.92
CA THR A 67 0.37 -3.67 24.22
C THR A 67 0.72 -2.41 24.99
N LEU A 68 -0.25 -1.81 25.69
CA LEU A 68 0.05 -0.66 26.54
C LEU A 68 1.02 -1.05 27.66
N VAL A 69 0.78 -2.20 28.29
CA VAL A 69 1.67 -2.66 29.36
C VAL A 69 3.05 -2.96 28.81
N PHE A 70 3.12 -3.58 27.62
CA PHE A 70 4.42 -3.83 27.00
C PHE A 70 5.16 -2.53 26.75
N THR A 71 4.46 -1.53 26.20
CA THR A 71 5.10 -0.24 25.93
C THR A 71 5.61 0.39 27.21
N LYS A 72 4.79 0.38 28.26
CA LYS A 72 5.21 0.97 29.53
C LYS A 72 6.43 0.24 30.09
N ASN A 73 6.40 -1.09 30.10
CA ASN A 73 7.49 -1.85 30.69
C ASN A 73 8.79 -1.68 29.92
N PHE A 74 8.74 -1.68 28.58
CA PHE A 74 9.95 -1.53 27.80
C PHE A 74 10.42 -0.09 27.73
N ALA A 75 9.54 0.88 28.00
CA ALA A 75 9.98 2.27 28.08
C ALA A 75 10.74 2.53 29.37
N GLU A 76 10.29 1.94 30.48
CA GLU A 76 10.98 2.06 31.77
C GLU A 76 12.14 1.07 31.79
N GLU A 77 12.78 0.93 32.95
CA GLU A 77 13.80 -0.08 33.14
C GLU A 77 13.20 -1.25 33.93
N PRO A 78 13.75 -2.46 33.78
CA PRO A 78 13.13 -3.61 34.45
C PRO A 78 13.01 -3.46 35.96
N ILE A 79 14.12 -3.17 36.64
CA ILE A 79 14.15 -3.17 38.09
C ILE A 79 15.11 -2.08 38.55
N TYR A 80 14.92 -1.61 39.78
CA TYR A 80 15.77 -0.57 40.36
C TYR A 80 16.33 -1.08 41.68
N CYS A 81 17.63 -1.31 41.74
CA CYS A 81 18.26 -1.95 42.89
C CYS A 81 19.24 -0.97 43.54
N TYR A 82 19.15 -0.85 44.87
CA TYR A 82 19.98 0.08 45.64
C TYR A 82 21.33 -0.60 45.95
N THR A 83 22.17 -0.66 44.92
CA THR A 83 23.44 -1.34 45.05
C THR A 83 24.32 -0.63 46.08
N PRO A 84 25.14 -1.35 46.83
CA PRO A 84 25.99 -0.70 47.84
C PRO A 84 26.99 0.27 47.23
N HIS A 85 27.76 0.94 48.09
CA HIS A 85 28.74 1.91 47.60
C HIS A 85 29.91 1.23 46.91
N ASN A 86 30.41 0.14 47.49
CA ASN A 86 31.61 -0.51 46.94
C ASN A 86 31.39 -1.02 45.53
N PHE A 87 30.15 -1.38 45.19
CA PHE A 87 29.87 -1.96 43.88
C PHE A 87 30.36 -1.05 42.77
N THR A 88 31.11 -1.63 41.83
CA THR A 88 31.43 -0.92 40.60
C THR A 88 30.20 -0.86 39.72
N ARG A 89 30.35 -0.30 38.51
CA ARG A 89 29.22 -0.22 37.61
C ARG A 89 28.89 -1.59 37.01
N ASP A 90 29.92 -2.36 36.67
CA ASP A 90 29.68 -3.71 36.15
C ASP A 90 29.02 -4.60 37.21
N GLN A 91 29.51 -4.53 38.45
CA GLN A 91 28.90 -5.31 39.52
C GLN A 91 27.47 -4.86 39.78
N ALA A 92 27.23 -3.55 39.71
CA ALA A 92 25.87 -3.05 39.90
C ALA A 92 24.94 -3.55 38.80
N LEU A 93 25.43 -3.58 37.56
CA LEU A 93 24.62 -4.13 36.47
C LEU A 93 24.36 -5.61 36.70
N TYR A 94 25.36 -6.36 37.17
CA TYR A 94 25.14 -7.76 37.47
C TYR A 94 24.08 -7.93 38.55
N ALA A 95 24.11 -7.09 39.58
CA ALA A 95 23.12 -7.20 40.65
C ALA A 95 21.72 -6.90 40.12
N ARG A 96 21.59 -5.81 39.35
CA ARG A 96 20.29 -5.43 38.81
C ARG A 96 19.77 -6.45 37.79
N GLY A 97 20.66 -7.25 37.22
CA GLY A 97 20.22 -8.31 36.32
C GLY A 97 19.86 -9.58 37.03
N TYR A 98 20.68 -9.96 38.02
CA TYR A 98 20.43 -11.18 38.77
C TYR A 98 19.16 -11.06 39.59
N CYS A 99 18.94 -9.91 40.23
CA CYS A 99 17.74 -9.74 41.04
C CYS A 99 16.48 -9.66 40.21
N TRP A 100 16.60 -9.41 38.91
CA TRP A 100 15.45 -9.42 38.01
C TRP A 100 15.27 -10.76 37.31
N THR A 101 16.32 -11.58 37.21
CA THR A 101 16.17 -12.93 36.70
C THR A 101 15.72 -13.88 37.80
N GLU A 102 16.44 -13.89 38.93
CA GLU A 102 16.02 -14.70 40.07
C GLU A 102 14.64 -14.27 40.55
N LEU A 103 14.48 -12.97 40.84
CA LEU A 103 13.19 -12.40 41.19
C LEU A 103 12.53 -13.13 42.35
N ARG A 104 13.30 -13.46 43.39
CA ARG A 104 12.79 -14.17 44.56
C ARG A 104 13.15 -13.39 45.81
N ASP A 105 12.12 -12.91 46.51
CA ASP A 105 12.33 -12.10 47.71
C ASP A 105 12.93 -12.93 48.84
N ALA A 106 13.85 -12.32 49.58
CA ALA A 106 14.48 -12.94 50.74
C ALA A 106 13.78 -12.47 52.02
N LEU A 107 14.34 -12.86 53.15
CA LEU A 107 13.81 -12.56 54.46
C LEU A 107 14.94 -12.06 55.35
N PRO A 108 14.63 -11.29 56.40
CA PRO A 108 15.70 -10.69 57.22
C PRO A 108 16.71 -11.71 57.69
N GLY A 109 16.26 -12.73 58.43
CA GLY A 109 17.09 -13.87 58.73
C GLY A 109 17.00 -14.90 57.61
N VAL A 110 17.69 -16.02 57.81
CA VAL A 110 17.56 -17.12 56.86
C VAL A 110 16.09 -17.51 56.75
N ASP A 111 15.51 -18.00 57.85
CA ASP A 111 14.07 -18.14 58.00
C ASP A 111 13.46 -19.18 57.04
N ALA A 112 14.24 -19.68 56.09
CA ALA A 112 13.76 -20.69 55.15
C ALA A 112 14.88 -20.98 54.17
N SER A 113 14.70 -22.06 53.41
CA SER A 113 15.40 -22.25 52.15
C SER A 113 14.51 -21.97 50.95
N LEU A 114 13.20 -21.88 51.17
CA LEU A 114 12.21 -21.54 50.14
C LEU A 114 11.44 -20.32 50.63
N TRP A 115 11.86 -19.14 50.18
CA TRP A 115 11.22 -17.88 50.52
C TRP A 115 10.38 -17.36 49.37
N PRO A 116 9.40 -16.50 49.65
CA PRO A 116 8.39 -16.18 48.63
C PRO A 116 8.99 -15.61 47.36
N SER A 117 8.38 -15.96 46.24
CA SER A 117 8.83 -15.55 44.92
C SER A 117 7.93 -14.43 44.38
N LEU A 118 8.33 -13.88 43.24
CA LEU A 118 7.59 -12.81 42.59
C LEU A 118 7.55 -13.00 41.08
N PHE A 119 7.56 -14.26 40.61
CA PHE A 119 7.65 -14.51 39.19
C PHE A 119 6.44 -13.95 38.44
N GLU A 120 5.30 -13.82 39.11
CA GLU A 120 4.09 -13.37 38.43
C GLU A 120 4.23 -11.94 37.91
N HIS A 121 4.87 -11.07 38.70
CA HIS A 121 5.04 -9.69 38.25
C HIS A 121 5.81 -9.62 36.93
N LYS A 122 6.65 -10.61 36.67
CA LYS A 122 7.41 -10.68 35.42
C LYS A 122 6.68 -11.45 34.34
N PHE A 123 5.81 -12.38 34.73
CA PHE A 123 5.18 -13.30 33.77
C PHE A 123 3.80 -12.84 33.31
N LEU A 124 3.15 -11.94 34.03
CA LEU A 124 1.78 -11.59 33.70
C LEU A 124 1.62 -11.07 32.27
N PRO A 125 2.40 -10.09 31.81
CA PRO A 125 2.11 -9.52 30.49
C PRO A 125 2.26 -10.50 29.33
N TYR A 126 2.60 -11.75 29.63
CA TYR A 126 2.52 -12.85 28.68
C TYR A 126 1.30 -13.74 28.92
N ALA A 127 0.99 -14.02 30.18
CA ALA A 127 -0.23 -14.74 30.49
C ALA A 127 -1.46 -14.00 29.99
N LEU A 128 -1.40 -12.66 29.96
CA LEU A 128 -2.51 -11.89 29.41
C LEU A 128 -2.67 -12.14 27.92
N LEU A 129 -1.57 -12.21 27.16
CA LEU A 129 -1.65 -12.60 25.76
C LEU A 129 -2.22 -13.99 25.61
N ALA A 130 -1.78 -14.91 26.47
CA ALA A 130 -2.31 -16.28 26.40
C ALA A 130 -3.82 -16.29 26.65
N PHE A 131 -4.29 -15.52 27.62
CA PHE A 131 -5.72 -15.44 27.89
C PHE A 131 -6.47 -14.84 26.72
N ALA A 132 -5.90 -13.80 26.10
CA ALA A 132 -6.55 -13.21 24.94
C ALA A 132 -6.71 -14.23 23.82
N ALA A 133 -5.65 -14.98 23.52
CA ALA A 133 -5.74 -16.00 22.49
C ALA A 133 -6.74 -17.09 22.85
N ILE A 134 -6.73 -17.52 24.11
CA ILE A 134 -7.65 -18.58 24.54
C ILE A 134 -9.10 -18.11 24.39
N MET A 135 -9.38 -16.88 24.78
CA MET A 135 -10.73 -16.35 24.67
C MET A 135 -11.13 -16.11 23.22
N TYR A 136 -10.16 -15.84 22.35
CA TYR A 136 -10.46 -15.70 20.93
C TYR A 136 -10.69 -17.03 20.25
N VAL A 137 -10.15 -18.12 20.81
CA VAL A 137 -10.30 -19.44 20.17
C VAL A 137 -11.76 -19.79 19.87
N PRO A 138 -12.70 -19.68 20.81
CA PRO A 138 -14.06 -20.18 20.54
C PRO A 138 -14.73 -19.55 19.33
N ALA A 139 -14.47 -18.26 19.07
CA ALA A 139 -15.04 -17.64 17.88
C ALA A 139 -14.53 -18.31 16.62
N LEU A 140 -13.23 -18.58 16.56
CA LEU A 140 -12.66 -19.30 15.43
C LEU A 140 -13.24 -20.71 15.31
N GLY A 141 -13.40 -21.38 16.45
CA GLY A 141 -13.97 -22.72 16.42
C GLY A 141 -15.38 -22.74 15.84
N TRP A 142 -16.22 -21.82 16.31
CA TRP A 142 -17.57 -21.74 15.78
C TRP A 142 -17.57 -21.38 14.30
N GLU A 143 -16.71 -20.44 13.90
CA GLU A 143 -16.61 -20.09 12.49
C GLU A 143 -16.29 -21.32 11.66
N PHE A 144 -15.24 -22.06 12.04
CA PHE A 144 -14.85 -23.23 11.27
C PHE A 144 -15.97 -24.26 11.23
N LEU A 145 -16.66 -24.48 12.36
CA LEU A 145 -17.64 -25.55 12.42
C LEU A 145 -18.99 -25.17 11.81
N ALA A 146 -19.27 -23.88 11.59
CA ALA A 146 -20.58 -23.47 11.13
C ALA A 146 -20.59 -22.70 9.81
N SER A 147 -19.43 -22.33 9.26
CA SER A 147 -19.41 -21.49 8.07
C SER A 147 -20.28 -22.09 6.96
N THR A 148 -19.92 -23.27 6.48
CA THR A 148 -20.59 -23.85 5.32
C THR A 148 -22.06 -24.11 5.62
N ARG A 149 -22.35 -24.69 6.78
CA ARG A 149 -23.71 -25.08 7.09
C ARG A 149 -24.63 -23.86 7.16
N LEU A 150 -24.22 -22.83 7.90
CA LEU A 150 -25.05 -21.64 8.00
C LEU A 150 -25.14 -20.90 6.67
N THR A 151 -24.05 -20.86 5.91
CA THR A 151 -24.10 -20.25 4.59
C THR A 151 -25.17 -20.92 3.74
N SER A 152 -25.16 -22.25 3.67
CA SER A 152 -26.13 -22.96 2.86
C SER A 152 -27.55 -22.75 3.37
N GLU A 153 -27.74 -22.88 4.69
CA GLU A 153 -29.08 -22.76 5.23
C GLU A 153 -29.67 -21.37 4.97
N LEU A 154 -28.87 -20.32 5.18
CA LEU A 154 -29.37 -18.97 4.98
C LEU A 154 -29.55 -18.66 3.50
N ASN A 155 -28.68 -19.19 2.63
CA ASN A 155 -28.88 -19.00 1.19
C ASN A 155 -30.21 -19.61 0.75
N PHE A 156 -30.53 -20.79 1.28
CA PHE A 156 -31.83 -21.39 0.95
C PHE A 156 -32.98 -20.59 1.56
N LEU A 157 -32.82 -20.13 2.81
CA LEU A 157 -33.91 -19.47 3.50
C LEU A 157 -34.25 -18.12 2.87
N LEU A 158 -33.25 -17.35 2.46
CA LEU A 158 -33.53 -16.04 1.87
C LEU A 158 -34.34 -16.19 0.59
N GLN A 159 -33.97 -17.14 -0.26
CA GLN A 159 -34.74 -17.37 -1.48
C GLN A 159 -36.13 -17.89 -1.14
N GLU A 160 -36.24 -18.75 -0.13
CA GLU A 160 -37.55 -19.27 0.24
C GLU A 160 -38.47 -18.13 0.68
N ILE A 161 -37.96 -17.20 1.50
CA ILE A 161 -38.80 -16.11 1.99
C ILE A 161 -39.12 -15.13 0.85
N ASP A 162 -38.17 -14.91 -0.06
CA ASP A 162 -38.47 -14.08 -1.22
C ASP A 162 -39.63 -14.66 -2.01
N ASN A 163 -39.57 -15.96 -2.30
CA ASN A 163 -40.67 -16.60 -3.02
C ASN A 163 -41.94 -16.61 -2.20
N CYS A 164 -41.83 -16.71 -0.88
CA CYS A 164 -43.02 -16.68 -0.02
C CYS A 164 -43.73 -15.33 -0.11
N TYR A 165 -42.97 -14.24 -0.11
CA TYR A 165 -43.61 -12.93 -0.21
C TYR A 165 -44.09 -12.63 -1.62
N HIS A 166 -43.43 -13.19 -2.65
CA HIS A 166 -44.01 -13.13 -3.99
C HIS A 166 -45.35 -13.87 -4.04
N ARG A 167 -45.41 -15.03 -3.39
CA ARG A 167 -46.68 -15.75 -3.29
C ARG A 167 -47.72 -14.94 -2.54
N ALA A 168 -47.30 -14.23 -1.49
CA ALA A 168 -48.23 -13.35 -0.78
C ALA A 168 -48.77 -12.28 -1.70
N ALA A 169 -47.91 -11.66 -2.50
CA ALA A 169 -48.36 -10.68 -3.48
C ALA A 169 -49.37 -11.30 -4.44
N GLU A 170 -49.09 -12.51 -4.92
CA GLU A 170 -50.02 -13.19 -5.82
C GLU A 170 -51.36 -13.44 -5.14
N GLY A 171 -51.33 -13.91 -3.89
CA GLY A 171 -52.54 -14.36 -3.22
C GLY A 171 -53.40 -13.26 -2.64
N ARG A 172 -52.83 -12.07 -2.41
CA ARG A 172 -53.66 -10.95 -1.95
C ARG A 172 -54.58 -10.43 -3.05
N ALA A 173 -54.25 -10.66 -4.32
CA ALA A 173 -55.07 -10.14 -5.41
C ALA A 173 -56.50 -10.66 -5.38
N PRO A 174 -56.76 -11.97 -5.29
CA PRO A 174 -58.15 -12.45 -5.29
C PRO A 174 -58.96 -12.02 -4.07
N LYS A 175 -58.31 -11.57 -2.99
CA LYS A 175 -59.07 -11.21 -1.80
C LYS A 175 -60.00 -10.02 -2.05
N ILE A 176 -59.52 -9.02 -2.79
CA ILE A 176 -60.37 -7.87 -3.08
C ILE A 176 -61.57 -8.30 -3.91
N GLU A 177 -61.34 -9.17 -4.91
CA GLU A 177 -62.45 -9.64 -5.73
C GLU A 177 -63.45 -10.41 -4.88
N LYS A 178 -62.97 -11.24 -3.95
CA LYS A 178 -63.88 -11.96 -3.06
C LYS A 178 -64.68 -10.97 -2.22
N GLN A 179 -64.03 -9.93 -1.72
CA GLN A 179 -64.73 -8.95 -0.89
C GLN A 179 -65.83 -8.24 -1.68
N ILE A 180 -65.53 -7.83 -2.92
CA ILE A 180 -66.57 -7.20 -3.73
C ILE A 180 -67.67 -8.20 -4.05
N GLN A 181 -67.32 -9.48 -4.24
CA GLN A 181 -68.35 -10.49 -4.44
C GLN A 181 -69.29 -10.56 -3.25
N SER A 182 -68.73 -10.49 -2.04
CA SER A 182 -69.58 -10.42 -0.85
C SER A 182 -70.46 -9.17 -0.88
N LYS A 183 -69.97 -8.09 -1.49
CA LYS A 183 -70.74 -6.86 -1.63
C LYS A 183 -71.44 -6.79 -2.99
N GLU A 189 -69.84 -13.34 10.88
CA GLU A 189 -69.27 -12.09 10.40
C GLU A 189 -68.67 -12.27 9.01
N ARG A 190 -68.91 -11.30 8.13
CA ARG A 190 -68.42 -11.41 6.75
C ARG A 190 -66.91 -11.47 6.70
N GLU A 191 -66.24 -10.52 7.36
CA GLU A 191 -64.79 -10.48 7.30
C GLU A 191 -64.17 -11.74 7.89
N LYS A 192 -64.67 -12.18 9.05
CA LYS A 192 -64.10 -13.34 9.70
C LYS A 192 -64.26 -14.60 8.84
N ARG A 193 -65.46 -14.79 8.28
CA ARG A 193 -65.68 -15.98 7.46
C ARG A 193 -64.85 -15.93 6.18
N GLU A 194 -64.69 -14.73 5.60
CA GLU A 194 -63.82 -14.59 4.44
C GLU A 194 -62.39 -14.96 4.77
N ILE A 195 -61.89 -14.50 5.93
CA ILE A 195 -60.53 -14.86 6.33
C ILE A 195 -60.40 -16.35 6.56
N ILE A 196 -61.40 -16.96 7.18
CA ILE A 196 -61.33 -18.41 7.45
C ILE A 196 -61.30 -19.18 6.14
N GLU A 197 -62.18 -18.84 5.20
CA GLU A 197 -62.21 -19.57 3.93
C GLU A 197 -60.92 -19.34 3.15
N ASN A 198 -60.37 -18.12 3.22
CA ASN A 198 -59.08 -17.87 2.58
C ASN A 198 -58.00 -18.75 3.18
N ALA A 199 -57.95 -18.84 4.51
CA ALA A 199 -56.96 -19.69 5.16
C ALA A 199 -57.11 -21.13 4.72
N GLU A 200 -58.36 -21.60 4.60
CA GLU A 200 -58.59 -22.99 4.20
C GLU A 200 -58.15 -23.24 2.77
N LYS A 201 -58.49 -22.36 1.84
CA LYS A 201 -58.34 -22.63 0.42
C LYS A 201 -57.10 -22.01 -0.21
N GLU A 202 -56.26 -21.32 0.56
CA GLU A 202 -55.14 -20.60 -0.02
C GLU A 202 -53.85 -21.42 -0.04
N LYS A 203 -53.81 -22.56 0.65
CA LYS A 203 -52.57 -23.30 0.80
C LYS A 203 -51.96 -23.59 -0.55
N SER A 204 -50.80 -23.01 -0.82
CA SER A 204 -50.08 -23.17 -2.08
C SER A 204 -49.06 -24.30 -1.97
N PRO A 205 -48.51 -24.75 -3.10
CA PRO A 205 -47.48 -25.80 -3.02
C PRO A 205 -46.25 -25.37 -2.24
N GLU A 206 -45.65 -24.24 -2.60
CA GLU A 206 -44.52 -23.72 -1.84
C GLU A 206 -44.92 -23.42 -0.40
N GLN A 207 -46.20 -23.17 -0.14
CA GLN A 207 -46.64 -23.00 1.24
C GLN A 207 -46.48 -24.29 2.02
N ASN A 208 -46.85 -25.43 1.41
CA ASN A 208 -46.58 -26.72 2.03
C ASN A 208 -45.08 -26.97 2.15
N LEU A 209 -44.31 -26.50 1.17
CA LEU A 209 -42.84 -26.58 1.28
C LEU A 209 -42.37 -25.87 2.55
N PHE A 210 -42.87 -24.64 2.78
CA PHE A 210 -42.51 -23.90 3.98
C PHE A 210 -42.93 -24.64 5.23
N GLU A 211 -44.15 -25.19 5.23
CA GLU A 211 -44.65 -25.89 6.42
C GLU A 211 -43.76 -27.09 6.74
N LYS A 212 -43.45 -27.89 5.73
CA LYS A 212 -42.60 -29.07 5.96
C LYS A 212 -41.20 -28.66 6.40
N TYR A 213 -40.65 -27.61 5.79
CA TYR A 213 -39.32 -27.14 6.18
C TYR A 213 -39.31 -26.72 7.64
N LEU A 214 -40.30 -25.94 8.05
CA LEU A 214 -40.36 -25.50 9.44
C LEU A 214 -40.54 -26.67 10.39
N GLU A 215 -41.39 -27.63 10.01
CA GLU A 215 -41.63 -28.79 10.88
C GLU A 215 -40.36 -29.59 11.06
N ARG A 216 -39.59 -29.79 9.98
CA ARG A 216 -38.36 -30.56 10.09
C ARG A 216 -37.25 -29.79 10.81
N ARG A 217 -37.21 -28.46 10.68
CA ARG A 217 -36.21 -27.68 11.38
C ARG A 217 -36.51 -27.62 12.88
N GLY A 218 -37.79 -27.56 13.24
CA GLY A 218 -38.13 -27.45 14.66
C GLY A 218 -37.60 -28.58 15.50
N ARG A 219 -37.42 -29.77 14.90
CA ARG A 219 -36.91 -30.93 15.62
C ARG A 219 -35.47 -31.25 15.24
N SER A 220 -34.74 -30.27 14.73
CA SER A 220 -33.32 -30.42 14.38
C SER A 220 -32.57 -29.27 15.04
N ASN A 221 -32.16 -29.46 16.29
CA ASN A 221 -31.56 -28.42 17.11
C ASN A 221 -30.06 -28.33 16.96
N PHE A 222 -29.51 -28.74 15.81
CA PHE A 222 -28.06 -28.78 15.66
C PHE A 222 -27.44 -27.40 15.81
N LEU A 223 -27.95 -26.40 15.07
CA LEU A 223 -27.34 -25.08 15.10
C LEU A 223 -27.54 -24.39 16.43
N ALA A 224 -28.72 -24.57 17.04
CA ALA A 224 -28.92 -24.04 18.39
C ALA A 224 -27.97 -24.70 19.38
N LYS A 225 -27.78 -26.02 19.25
CA LYS A 225 -26.80 -26.72 20.06
C LYS A 225 -25.42 -26.07 19.90
N LEU A 226 -25.02 -25.82 18.65
CA LEU A 226 -23.69 -25.27 18.40
C LEU A 226 -23.56 -23.88 18.98
N TYR A 227 -24.60 -23.05 18.86
CA TYR A 227 -24.53 -21.69 19.38
C TYR A 227 -24.44 -21.67 20.90
N LEU A 228 -25.30 -22.46 21.56
CA LEU A 228 -25.22 -22.56 23.01
C LEU A 228 -23.86 -23.09 23.44
N ALA A 229 -23.32 -24.07 22.69
CA ALA A 229 -22.00 -24.58 23.01
C ALA A 229 -20.94 -23.50 22.88
N ARG A 230 -21.01 -22.69 21.82
CA ARG A 230 -20.03 -21.63 21.65
C ARG A 230 -20.06 -20.64 22.80
N HIS A 231 -21.26 -20.17 23.16
CA HIS A 231 -21.33 -19.14 24.19
C HIS A 231 -21.00 -19.70 25.57
N VAL A 232 -21.44 -20.93 25.86
CA VAL A 232 -21.07 -21.56 27.12
C VAL A 232 -19.57 -21.80 27.17
N LEU A 233 -18.95 -22.13 26.04
CA LEU A 233 -17.50 -22.31 25.99
C LEU A 233 -16.79 -20.99 26.24
N ILE A 234 -17.31 -19.90 25.68
CA ILE A 234 -16.72 -18.59 25.95
C ILE A 234 -16.80 -18.29 27.45
N LEU A 235 -17.95 -18.56 28.06
CA LEU A 235 -18.09 -18.33 29.50
C LEU A 235 -17.11 -19.17 30.29
N LEU A 236 -17.01 -20.47 29.97
CA LEU A 236 -16.12 -21.36 30.70
C LEU A 236 -14.67 -20.95 30.52
N LEU A 237 -14.27 -20.55 29.31
CA LEU A 237 -12.90 -20.10 29.08
C LEU A 237 -12.62 -18.82 29.84
N SER A 238 -13.60 -17.90 29.90
CA SER A 238 -13.43 -16.70 30.71
C SER A 238 -13.31 -17.02 32.18
N ALA A 239 -13.88 -18.16 32.61
CA ALA A 239 -13.78 -18.53 34.01
C ALA A 239 -12.33 -18.65 34.48
N VAL A 240 -11.40 -18.96 33.58
CA VAL A 240 -10.00 -19.16 33.93
C VAL A 240 -9.32 -17.84 34.20
N PRO A 241 -9.23 -16.92 33.22
CA PRO A 241 -8.53 -15.66 33.47
C PRO A 241 -9.14 -14.84 34.60
N ILE A 242 -10.46 -14.88 34.77
CA ILE A 242 -11.07 -14.20 35.90
C ILE A 242 -10.48 -14.71 37.20
N SER A 243 -10.46 -16.03 37.37
CA SER A 243 -9.93 -16.61 38.60
C SER A 243 -8.46 -16.26 38.78
N TYR A 244 -7.66 -16.40 37.73
CA TYR A 244 -6.23 -16.14 37.85
C TYR A 244 -5.97 -14.69 38.24
N LEU A 245 -6.57 -13.75 37.50
CA LEU A 245 -6.34 -12.34 37.77
C LEU A 245 -6.83 -11.96 39.16
N CYS A 246 -8.02 -12.45 39.56
CA CYS A 246 -8.51 -12.16 40.89
C CYS A 246 -7.56 -12.70 41.96
N THR A 247 -6.95 -13.86 41.70
CA THR A 247 -5.94 -14.37 42.63
C THR A 247 -4.63 -13.58 42.55
N TYR A 248 -4.40 -12.86 41.46
CA TYR A 248 -3.20 -12.05 41.32
C TYR A 248 -3.42 -10.63 41.84
N TYR A 249 -4.57 -10.02 41.51
CA TYR A 249 -4.91 -8.74 42.08
C TYR A 249 -5.12 -8.80 43.59
N ALA A 250 -5.42 -9.98 44.12
CA ALA A 250 -5.81 -10.09 45.52
C ALA A 250 -4.62 -10.12 46.46
N THR A 251 -3.72 -11.09 46.29
CA THR A 251 -2.68 -11.38 47.28
C THR A 251 -1.29 -11.00 46.81
N GLN A 252 -0.83 -11.50 45.66
CA GLN A 252 0.54 -11.30 45.23
C GLN A 252 0.70 -9.92 44.58
N LYS A 253 0.61 -8.89 45.42
CA LYS A 253 0.77 -7.50 45.01
C LYS A 253 1.72 -6.80 45.98
N GLN A 254 3.02 -6.92 45.73
CA GLN A 254 4.03 -6.18 46.47
C GLN A 254 5.07 -5.64 45.50
N ASN A 255 5.64 -4.49 45.86
CA ASN A 255 6.53 -3.74 44.98
C ASN A 255 8.01 -3.96 45.26
N GLU A 256 8.39 -4.07 46.54
CA GLU A 256 9.78 -4.01 46.95
C GLU A 256 10.18 -5.33 47.60
N PHE A 257 11.37 -5.83 47.24
CA PHE A 257 11.93 -7.01 47.88
C PHE A 257 13.41 -6.79 48.13
N THR A 258 14.06 -7.80 48.71
CA THR A 258 15.49 -7.73 49.03
C THR A 258 16.14 -9.04 48.58
N CYS A 259 16.85 -9.00 47.46
CA CYS A 259 17.51 -10.17 46.91
C CYS A 259 18.86 -10.36 47.59
N ALA A 260 19.40 -11.57 47.42
CA ALA A 260 20.69 -11.94 48.02
C ALA A 260 21.60 -12.46 46.91
N LEU A 261 22.68 -11.73 46.64
CA LEU A 261 23.65 -12.16 45.64
C LEU A 261 24.53 -13.25 46.22
N GLY A 262 24.85 -14.25 45.39
CA GLY A 262 25.50 -15.45 45.88
C GLY A 262 27.00 -15.51 45.68
N ALA A 263 27.48 -15.21 44.47
CA ALA A 263 28.88 -15.44 44.16
C ALA A 263 29.80 -14.65 45.07
N SER A 264 29.73 -13.33 45.00
CA SER A 264 30.54 -12.46 45.85
C SER A 264 32.02 -12.76 45.70
N PRO A 265 32.64 -12.43 44.57
CA PRO A 265 34.09 -12.60 44.44
C PRO A 265 34.85 -11.61 45.32
N ASP A 266 36.17 -11.59 45.21
CA ASP A 266 37.09 -10.81 46.05
C ASP A 266 37.35 -11.50 47.38
N GLY A 267 36.97 -12.76 47.54
CA GLY A 267 37.23 -13.48 48.78
C GLY A 267 38.69 -13.68 49.06
N ALA A 268 39.54 -13.63 48.02
CA ALA A 268 40.98 -13.83 48.18
C ALA A 268 41.28 -15.19 48.82
N ALA A 269 40.92 -16.24 48.07
CA ALA A 269 41.02 -17.63 48.52
C ALA A 269 40.01 -17.94 49.63
N GLY A 270 38.99 -17.10 49.79
CA GLY A 270 37.96 -17.30 50.78
C GLY A 270 36.57 -17.29 50.15
N ALA A 271 35.57 -17.58 50.98
CA ALA A 271 34.19 -17.63 50.51
C ALA A 271 33.76 -16.26 50.00
N GLY A 272 33.76 -15.26 50.88
CA GLY A 272 33.33 -13.92 50.52
C GLY A 272 32.02 -13.55 51.19
N PRO A 273 31.72 -12.25 51.27
CA PRO A 273 30.49 -11.81 51.93
C PRO A 273 29.29 -11.88 50.98
N ALA A 274 28.24 -12.56 51.43
CA ALA A 274 26.98 -12.62 50.68
C ALA A 274 26.21 -11.34 50.90
N VAL A 275 26.06 -10.55 49.85
CA VAL A 275 25.46 -9.22 49.97
C VAL A 275 23.96 -9.31 49.74
N ARG A 276 23.22 -8.44 50.42
CA ARG A 276 21.78 -8.32 50.25
C ARG A 276 21.48 -6.94 49.68
N VAL A 277 20.73 -6.92 48.58
CA VAL A 277 20.44 -5.71 47.83
C VAL A 277 18.94 -5.53 47.75
N SER A 278 18.47 -4.34 48.14
CA SER A 278 17.05 -4.03 48.13
C SER A 278 16.66 -3.51 46.75
N CYS A 279 15.67 -4.14 46.13
CA CYS A 279 15.23 -3.79 44.79
C CYS A 279 13.74 -3.46 44.80
N LYS A 280 13.35 -2.61 43.85
CA LYS A 280 11.98 -2.17 43.66
C LYS A 280 11.63 -2.30 42.19
N LEU A 281 10.44 -2.86 41.94
CA LEU A 281 9.91 -3.06 40.59
C LEU A 281 9.08 -1.84 40.18
N PRO A 282 9.31 -1.26 39.02
CA PRO A 282 8.56 -0.05 38.65
C PRO A 282 7.22 -0.35 37.98
N SER A 283 7.08 -1.53 37.39
CA SER A 283 5.95 -1.84 36.52
C SER A 283 4.79 -2.52 37.23
N VAL A 284 4.84 -2.70 38.56
CA VAL A 284 3.79 -3.45 39.23
C VAL A 284 2.49 -2.65 39.26
N GLN A 285 2.57 -1.32 39.35
CA GLN A 285 1.36 -0.52 39.52
C GLN A 285 0.45 -0.61 38.31
N LEU A 286 1.00 -0.38 37.12
CA LEU A 286 0.20 -0.44 35.91
C LEU A 286 -0.35 -1.85 35.70
N GLN A 287 0.46 -2.87 35.96
CA GLN A 287 -0.03 -4.25 35.82
C GLN A 287 -1.18 -4.51 36.78
N ARG A 288 -1.05 -4.06 38.03
CA ARG A 288 -2.09 -4.29 39.03
C ARG A 288 -3.36 -3.50 38.73
N ILE A 289 -3.25 -2.40 37.99
CA ILE A 289 -4.45 -1.66 37.58
C ILE A 289 -5.10 -2.34 36.37
N ILE A 290 -4.29 -2.74 35.40
CA ILE A 290 -4.83 -3.41 34.21
C ILE A 290 -5.47 -4.73 34.59
N ALA A 291 -4.95 -5.41 35.61
CA ALA A 291 -5.56 -6.65 36.06
C ALA A 291 -6.99 -6.41 36.52
N GLY A 292 -7.20 -5.38 37.34
CA GLY A 292 -8.55 -5.05 37.78
C GLY A 292 -9.44 -4.63 36.62
N VAL A 293 -8.90 -3.84 35.70
CA VAL A 293 -9.68 -3.42 34.55
C VAL A 293 -10.15 -4.63 33.75
N ASP A 294 -9.24 -5.56 33.48
CA ASP A 294 -9.60 -6.76 32.73
C ASP A 294 -10.60 -7.62 33.50
N ILE A 295 -10.42 -7.74 34.82
CA ILE A 295 -11.35 -8.52 35.62
C ILE A 295 -12.76 -7.95 35.47
N VAL A 296 -12.89 -6.64 35.65
CA VAL A 296 -14.21 -6.02 35.57
C VAL A 296 -14.79 -6.17 34.16
N LEU A 297 -13.97 -5.95 33.13
CA LEU A 297 -14.45 -6.04 31.76
C LEU A 297 -14.97 -7.44 31.46
N LEU A 298 -14.19 -8.46 31.82
CA LEU A 298 -14.59 -9.83 31.51
C LEU A 298 -15.78 -10.27 32.35
N CYS A 299 -15.89 -9.80 33.60
CA CYS A 299 -17.07 -10.11 34.39
C CYS A 299 -18.31 -9.50 33.77
N VAL A 300 -18.21 -8.25 33.28
CA VAL A 300 -19.34 -7.62 32.63
C VAL A 300 -19.71 -8.38 31.36
N MET A 301 -18.71 -8.82 30.60
CA MET A 301 -18.99 -9.63 29.41
C MET A 301 -19.69 -10.93 29.78
N ASN A 302 -19.27 -11.58 30.86
CA ASN A 302 -19.93 -12.80 31.29
C ASN A 302 -21.39 -12.52 31.64
N LEU A 303 -21.64 -11.44 32.37
CA LEU A 303 -23.02 -11.09 32.73
C LEU A 303 -23.85 -10.82 31.48
N ILE A 304 -23.28 -10.11 30.52
CA ILE A 304 -24.00 -9.81 29.28
C ILE A 304 -24.33 -11.10 28.54
N ILE A 305 -23.37 -12.02 28.46
CA ILE A 305 -23.61 -13.30 27.78
C ILE A 305 -24.74 -14.04 28.46
N LEU A 306 -24.70 -14.12 29.79
CA LEU A 306 -25.74 -14.86 30.51
C LEU A 306 -27.11 -14.23 30.30
N VAL A 307 -27.18 -12.89 30.37
CA VAL A 307 -28.46 -12.22 30.19
C VAL A 307 -29.00 -12.46 28.79
N ASN A 308 -28.12 -12.38 27.78
CA ASN A 308 -28.57 -12.60 26.41
C ASN A 308 -29.09 -14.02 26.22
N LEU A 309 -28.38 -15.01 26.75
CA LEU A 309 -28.84 -16.39 26.63
C LEU A 309 -30.18 -16.59 27.34
N ILE A 310 -30.31 -16.05 28.55
CA ILE A 310 -31.56 -16.22 29.29
C ILE A 310 -32.71 -15.58 28.53
N HIS A 311 -32.49 -14.39 27.97
CA HIS A 311 -33.54 -13.72 27.20
C HIS A 311 -33.90 -14.53 25.96
N LEU A 312 -32.89 -15.10 25.29
CA LEU A 312 -33.15 -15.75 24.01
C LEU A 312 -33.84 -17.10 24.18
N PHE A 313 -33.45 -17.88 25.18
CA PHE A 313 -33.90 -19.26 25.28
C PHE A 313 -34.94 -19.52 26.35
N ILE A 314 -35.26 -18.54 27.21
CA ILE A 314 -36.24 -18.76 28.26
C ILE A 314 -37.32 -17.68 28.20
N PHE A 315 -36.92 -16.41 28.29
CA PHE A 315 -37.89 -15.32 28.30
C PHE A 315 -38.49 -15.06 26.92
N ARG A 316 -37.73 -15.31 25.85
CA ARG A 316 -38.24 -15.03 24.51
C ARG A 316 -39.45 -15.89 24.22
N LYS A 317 -40.44 -15.27 23.56
CA LYS A 317 -41.66 -15.95 23.16
C LYS A 317 -41.94 -15.86 21.67
N SER A 318 -41.63 -14.73 21.05
CA SER A 318 -41.85 -14.52 19.62
C SER A 318 -40.53 -14.17 18.95
N ASN A 319 -40.30 -14.76 17.77
CA ASN A 319 -39.08 -14.57 17.02
C ASN A 319 -39.38 -13.75 15.75
N PHE A 320 -38.34 -13.58 14.93
CA PHE A 320 -38.44 -12.71 13.76
C PHE A 320 -39.26 -13.36 12.65
N ILE A 321 -38.86 -14.55 12.21
CA ILE A 321 -39.50 -15.18 11.05
C ILE A 321 -40.95 -15.53 11.36
N PHE A 322 -41.22 -16.00 12.58
CA PHE A 322 -42.59 -16.37 12.93
C PHE A 322 -43.52 -15.16 12.84
N ASP A 323 -43.12 -14.05 13.46
CA ASP A 323 -43.94 -12.84 13.41
C ASP A 323 -44.03 -12.32 11.98
N LYS A 324 -42.93 -12.40 11.22
CA LYS A 324 -42.93 -11.92 9.85
C LYS A 324 -43.94 -12.69 9.00
N LEU A 325 -43.97 -14.01 9.14
CA LEU A 325 -44.94 -14.81 8.41
C LEU A 325 -46.36 -14.52 8.90
N HIS A 326 -46.55 -14.40 10.22
CA HIS A 326 -47.87 -14.10 10.75
C HIS A 326 -48.38 -12.77 10.23
N LYS A 327 -47.47 -11.85 9.90
CA LYS A 327 -47.88 -10.57 9.32
C LYS A 327 -48.75 -10.78 8.10
N VAL A 328 -48.30 -11.65 7.18
CA VAL A 328 -49.11 -11.98 6.01
C VAL A 328 -50.25 -12.93 6.36
N GLY A 329 -50.09 -13.74 7.40
CA GLY A 329 -51.16 -14.62 7.85
C GLY A 329 -50.88 -16.09 7.65
N ILE A 330 -50.45 -16.77 8.72
CA ILE A 330 -50.29 -18.21 8.74
C ILE A 330 -50.67 -18.70 10.14
N LYS A 331 -50.61 -20.02 10.33
CA LYS A 331 -51.06 -20.60 11.59
C LYS A 331 -50.07 -20.33 12.72
N THR A 332 -48.79 -20.60 12.50
CA THR A 332 -47.77 -20.51 13.55
C THR A 332 -48.18 -21.30 14.79
N ARG A 333 -48.73 -22.50 14.57
CA ARG A 333 -49.17 -23.33 15.68
C ARG A 333 -47.97 -23.88 16.45
N ARG A 334 -48.26 -24.42 17.63
CA ARG A 334 -47.23 -24.94 18.52
C ARG A 334 -46.60 -26.23 18.01
N GLN A 335 -47.13 -26.84 16.95
CA GLN A 335 -46.54 -28.08 16.44
C GLN A 335 -45.08 -27.90 16.09
N TRP A 336 -44.67 -26.69 15.73
CA TRP A 336 -43.27 -26.34 15.52
C TRP A 336 -42.78 -25.33 16.55
N ARG A 337 -43.39 -25.35 17.74
CA ARG A 337 -43.05 -24.43 18.82
C ARG A 337 -43.08 -25.21 20.12
N ARG A 338 -43.11 -24.49 21.25
CA ARG A 338 -43.12 -25.00 22.61
C ARG A 338 -41.74 -25.49 23.03
N SER A 339 -40.74 -25.50 22.14
CA SER A 339 -39.37 -25.87 22.46
C SER A 339 -38.51 -24.67 22.10
N GLN A 340 -38.27 -23.79 23.09
CA GLN A 340 -37.53 -22.56 22.83
C GLN A 340 -36.12 -22.85 22.34
N PHE A 341 -35.53 -23.96 22.80
CA PHE A 341 -34.20 -24.37 22.34
C PHE A 341 -34.35 -24.99 20.94
N CYS A 342 -34.67 -24.11 19.99
CA CYS A 342 -35.01 -24.52 18.64
C CYS A 342 -34.06 -23.87 17.63
N ASP A 343 -33.89 -24.55 16.49
CA ASP A 343 -32.98 -24.07 15.46
C ASP A 343 -33.49 -22.78 14.84
N ILE A 344 -34.77 -22.73 14.48
CA ILE A 344 -35.31 -21.53 13.87
C ILE A 344 -35.22 -20.35 14.83
N ASN A 345 -35.21 -20.62 16.13
CA ASN A 345 -35.13 -19.55 17.11
C ASN A 345 -33.86 -18.73 16.93
N ILE A 346 -32.74 -19.40 16.68
CA ILE A 346 -31.49 -18.69 16.46
C ILE A 346 -31.28 -18.30 15.00
N LEU A 347 -31.98 -18.95 14.07
CA LEU A 347 -31.96 -18.48 12.69
C LEU A 347 -32.70 -17.16 12.54
N ALA A 348 -33.64 -16.89 13.44
CA ALA A 348 -34.39 -15.64 13.38
C ALA A 348 -33.46 -14.44 13.55
N MET A 349 -32.50 -14.53 14.47
CA MET A 349 -31.57 -13.42 14.68
C MET A 349 -30.71 -13.20 13.45
N PHE A 350 -30.21 -14.29 12.84
CA PHE A 350 -29.41 -14.14 11.62
C PHE A 350 -30.22 -13.49 10.52
N CYS A 351 -31.49 -13.91 10.37
CA CYS A 351 -32.35 -13.29 9.36
C CYS A 351 -32.55 -11.81 9.66
N ASN A 352 -32.76 -11.46 10.93
CA ASN A 352 -32.94 -10.06 11.29
C ASN A 352 -31.71 -9.23 10.94
N GLU A 353 -30.52 -9.76 11.23
CA GLU A 353 -29.31 -9.06 10.83
C GLU A 353 -29.21 -8.96 9.32
N ASN A 354 -29.55 -10.05 8.62
CA ASN A 354 -29.60 -10.06 7.16
C ASN A 354 -30.97 -9.63 6.63
N ARG A 355 -31.73 -8.87 7.42
CA ARG A 355 -33.08 -8.49 7.02
C ARG A 355 -33.08 -7.78 5.67
N ASP A 356 -32.11 -6.92 5.43
CA ASP A 356 -32.03 -6.15 4.20
C ASP A 356 -31.29 -6.89 3.08
N HIS A 357 -30.80 -8.10 3.34
CA HIS A 357 -30.17 -8.87 2.27
C HIS A 357 -31.19 -9.34 1.23
N ILE A 358 -32.48 -9.27 1.55
CA ILE A 358 -33.56 -9.61 0.63
C ILE A 358 -34.40 -8.36 0.42
N LYS A 359 -34.57 -7.97 -0.85
CA LYS A 359 -35.19 -6.68 -1.14
C LYS A 359 -36.68 -6.67 -0.83
N SER A 360 -37.44 -7.53 -1.51
CA SER A 360 -38.90 -7.48 -1.43
C SER A 360 -39.38 -7.35 0.01
N LEU A 361 -39.06 -8.35 0.84
CA LEU A 361 -39.51 -8.37 2.22
C LEU A 361 -39.41 -6.99 2.85
N ASN A 362 -38.26 -6.33 2.69
CA ASN A 362 -38.04 -5.01 3.29
C ASN A 362 -39.26 -4.12 3.10
N ARG A 363 -39.61 -3.83 1.85
CA ARG A 363 -40.71 -2.89 1.60
C ARG A 363 -41.99 -3.40 2.23
N LEU A 364 -42.26 -4.70 2.12
CA LEU A 364 -43.50 -5.25 2.63
C LEU A 364 -43.64 -5.06 4.13
N ASP A 365 -42.54 -4.79 4.84
CA ASP A 365 -42.64 -4.53 6.27
C ASP A 365 -43.01 -3.09 6.58
N PHE A 366 -42.55 -2.15 5.76
CA PHE A 366 -42.76 -0.73 6.05
C PHE A 366 -44.06 -0.19 5.48
N ILE A 367 -44.77 -0.98 4.67
CA ILE A 367 -46.03 -0.52 4.12
C ILE A 367 -47.11 -0.44 5.20
N THR A 368 -47.07 -1.34 6.18
CA THR A 368 -48.13 -1.45 7.17
C THR A 368 -47.50 -1.69 8.55
N ASN A 369 -48.35 -2.06 9.51
CA ASN A 369 -47.92 -2.33 10.87
C ASN A 369 -48.94 -3.28 11.51
N GLU A 370 -48.74 -3.57 12.78
CA GLU A 370 -49.62 -4.38 13.62
C GLU A 370 -49.62 -5.86 13.25
N SER A 371 -48.89 -6.27 12.22
CA SER A 371 -48.83 -7.67 11.81
C SER A 371 -50.23 -8.22 11.52
N ASP A 372 -51.08 -7.37 10.94
CA ASP A 372 -52.44 -7.72 10.55
C ASP A 372 -52.72 -7.21 9.14
N LEU A 373 -51.79 -7.49 8.22
CA LEU A 373 -51.85 -6.92 6.89
C LEU A 373 -53.16 -7.27 6.17
N MET A 374 -53.75 -8.42 6.51
CA MET A 374 -54.91 -8.94 5.79
C MET A 374 -56.23 -8.72 6.53
N TYR A 375 -56.27 -7.78 7.48
CA TYR A 375 -57.51 -7.47 8.18
C TYR A 375 -58.10 -6.13 7.77
N ASP A 376 -57.42 -5.36 6.93
CA ASP A 376 -58.04 -4.19 6.32
C ASP A 376 -58.92 -4.62 5.15
N ASN A 377 -59.88 -3.77 4.81
CA ASN A 377 -60.77 -4.08 3.71
C ASN A 377 -60.21 -3.60 2.37
N VAL A 378 -59.64 -2.39 2.34
CA VAL A 378 -59.36 -1.73 1.07
C VAL A 378 -57.89 -1.33 0.91
N VAL A 379 -57.42 -0.41 1.75
CA VAL A 379 -56.25 0.40 1.38
C VAL A 379 -55.03 -0.48 1.17
N ARG A 380 -54.64 -1.25 2.17
CA ARG A 380 -53.35 -1.95 2.09
C ARG A 380 -53.36 -2.96 0.95
N GLN A 381 -54.49 -3.63 0.73
CA GLN A 381 -54.59 -4.59 -0.35
C GLN A 381 -54.94 -3.95 -1.69
N LEU A 382 -55.68 -2.84 -1.69
CA LEU A 382 -55.97 -2.15 -2.95
C LEU A 382 -54.69 -1.59 -3.55
N LEU A 383 -53.79 -1.07 -2.72
CA LEU A 383 -52.51 -0.60 -3.22
C LEU A 383 -51.77 -1.72 -3.96
N ALA A 384 -51.69 -2.89 -3.35
CA ALA A 384 -51.02 -4.01 -4.00
C ALA A 384 -51.76 -4.46 -5.25
N ALA A 385 -53.09 -4.42 -5.21
CA ALA A 385 -53.88 -4.81 -6.38
C ALA A 385 -53.54 -3.94 -7.58
N LEU A 386 -53.54 -2.61 -7.39
CA LEU A 386 -53.18 -1.73 -8.49
C LEU A 386 -51.69 -1.79 -8.82
N ALA A 387 -50.85 -2.20 -7.87
CA ALA A 387 -49.42 -2.29 -8.14
C ALA A 387 -49.06 -3.51 -8.97
N GLN A 388 -49.78 -4.62 -8.81
CA GLN A 388 -49.39 -5.88 -9.41
C GLN A 388 -50.41 -6.41 -10.42
N SER A 389 -51.70 -6.42 -10.07
CA SER A 389 -52.69 -7.10 -10.90
C SER A 389 -52.75 -6.49 -12.31
N ASN A 390 -52.75 -5.16 -12.39
CA ASN A 390 -52.84 -4.52 -13.70
C ASN A 390 -51.58 -4.75 -14.53
N HIS A 391 -50.41 -4.84 -13.89
CA HIS A 391 -49.17 -4.99 -14.63
C HIS A 391 -49.12 -6.29 -15.43
N ASP A 392 -49.82 -7.33 -14.98
CA ASP A 392 -49.84 -8.60 -15.70
C ASP A 392 -50.65 -8.49 -16.99
N LEU B 42 -23.16 2.95 -6.23
CA LEU B 42 -22.31 3.72 -5.31
C LEU B 42 -22.81 3.61 -3.88
N GLN B 43 -22.31 4.48 -3.01
CA GLN B 43 -22.63 4.46 -1.59
C GLN B 43 -23.45 5.68 -1.21
N LEU B 44 -24.35 5.49 -0.26
CA LEU B 44 -25.18 6.57 0.27
C LEU B 44 -24.64 7.02 1.62
N LYS B 45 -24.71 8.32 1.87
CA LYS B 45 -24.10 8.92 3.04
C LYS B 45 -25.05 8.90 4.22
N LEU B 46 -24.48 8.70 5.41
CA LEU B 46 -25.26 8.65 6.64
C LEU B 46 -24.55 9.37 7.79
N GLU B 47 -23.50 10.15 7.51
CA GLU B 47 -22.67 10.69 8.58
C GLU B 47 -23.31 11.87 9.29
N LEU B 48 -24.18 12.63 8.62
CA LEU B 48 -24.79 13.79 9.25
C LEU B 48 -23.69 14.76 9.70
N PRO B 49 -23.06 15.49 8.78
CA PRO B 49 -21.78 16.16 9.09
C PRO B 49 -21.73 16.91 10.40
N PHE B 50 -22.87 17.29 10.98
CA PHE B 50 -22.84 17.88 12.32
C PHE B 50 -22.32 16.89 13.34
N ASP B 51 -22.77 15.64 13.26
CA ASP B 51 -22.25 14.61 14.15
C ASP B 51 -20.78 14.33 13.86
N ARG B 52 -20.36 14.48 12.59
CA ARG B 52 -18.95 14.36 12.28
C ARG B 52 -18.15 15.46 12.96
N VAL B 53 -18.66 16.69 12.97
CA VAL B 53 -17.99 17.78 13.68
C VAL B 53 -17.90 17.45 15.16
N VAL B 54 -19.00 16.96 15.73
CA VAL B 54 -19.02 16.65 17.17
C VAL B 54 -17.99 15.58 17.49
N THR B 55 -17.98 14.48 16.74
CA THR B 55 -17.05 13.39 17.02
C THR B 55 -15.62 13.83 16.79
N ILE B 56 -15.37 14.63 15.74
CA ILE B 56 -14.04 15.19 15.55
C ILE B 56 -13.60 15.93 16.80
N GLY B 57 -14.32 16.99 17.15
CA GLY B 57 -13.94 17.82 18.27
C GLY B 57 -13.95 17.12 19.62
N THR B 58 -14.59 15.96 19.71
CA THR B 58 -14.67 15.24 20.97
C THR B 58 -13.67 14.11 21.11
N VAL B 59 -13.18 13.55 20.01
CA VAL B 59 -12.27 12.40 20.03
C VAL B 59 -10.96 12.71 19.31
N LEU B 60 -11.03 13.17 18.06
CA LEU B 60 -9.83 13.28 17.26
C LEU B 60 -8.85 14.28 17.88
N VAL B 61 -9.36 15.44 18.31
CA VAL B 61 -8.49 16.42 18.96
C VAL B 61 -7.86 15.86 20.22
N PRO B 62 -8.62 15.29 21.17
CA PRO B 62 -7.97 14.72 22.35
C PRO B 62 -6.96 13.64 22.04
N ILE B 63 -7.17 12.85 20.98
CA ILE B 63 -6.17 11.86 20.58
C ILE B 63 -4.89 12.56 20.15
N LEU B 64 -5.03 13.64 19.37
CA LEU B 64 -3.84 14.39 18.97
C LEU B 64 -3.11 14.94 20.18
N LEU B 65 -3.84 15.51 21.14
CA LEU B 65 -3.20 16.03 22.34
C LEU B 65 -2.52 14.92 23.13
N VAL B 66 -3.14 13.75 23.19
CA VAL B 66 -2.57 12.62 23.94
C VAL B 66 -1.26 12.18 23.30
N THR B 67 -1.26 12.04 21.97
CA THR B 67 -0.02 11.62 21.31
C THR B 67 1.06 12.68 21.44
N LEU B 68 0.67 13.96 21.40
CA LEU B 68 1.63 15.02 21.64
C LEU B 68 2.23 14.94 23.04
N VAL B 69 1.39 14.67 24.04
CA VAL B 69 1.87 14.53 25.41
C VAL B 69 2.81 13.34 25.53
N PHE B 70 2.46 12.23 24.88
CA PHE B 70 3.35 11.07 24.87
C PHE B 70 4.69 11.41 24.25
N THR B 71 4.68 12.13 23.12
CA THR B 71 5.93 12.50 22.48
C THR B 71 6.77 13.38 23.40
N LYS B 72 6.14 14.37 24.05
CA LYS B 72 6.89 15.22 24.97
C LYS B 72 7.46 14.40 26.13
N ASN B 73 6.66 13.52 26.72
CA ASN B 73 7.09 12.80 27.90
C ASN B 73 8.20 11.81 27.60
N PHE B 74 8.16 11.15 26.44
CA PHE B 74 9.19 10.21 26.08
C PHE B 74 10.43 10.87 25.47
N ALA B 75 10.29 12.07 24.90
CA ALA B 75 11.47 12.79 24.44
C ALA B 75 12.31 13.26 25.61
N GLU B 76 11.66 13.64 26.72
CA GLU B 76 12.35 14.07 27.92
C GLU B 76 12.60 12.86 28.82
N GLU B 77 13.02 13.12 30.06
CA GLU B 77 13.24 12.08 31.05
C GLU B 77 12.12 12.09 32.08
N PRO B 78 11.81 10.96 32.71
CA PRO B 78 10.66 10.95 33.64
C PRO B 78 10.79 11.92 34.80
N ILE B 79 11.89 11.87 35.53
CA ILE B 79 12.03 12.65 36.77
C ILE B 79 13.47 13.11 36.90
N TYR B 80 13.67 14.23 37.59
CA TYR B 80 14.99 14.79 37.82
C TYR B 80 15.21 14.94 39.33
N CYS B 81 16.12 14.14 39.88
CA CYS B 81 16.33 14.07 41.33
C CYS B 81 17.73 14.54 41.67
N TYR B 82 17.83 15.40 42.69
CA TYR B 82 19.09 16.00 43.12
C TYR B 82 19.76 15.07 44.12
N THR B 83 20.38 14.02 43.60
CA THR B 83 21.00 13.04 44.47
C THR B 83 22.20 13.65 45.19
N PRO B 84 22.48 13.22 46.43
CA PRO B 84 23.61 13.79 47.17
C PRO B 84 24.94 13.51 46.49
N HIS B 85 26.03 14.01 47.09
CA HIS B 85 27.35 13.81 46.52
C HIS B 85 27.85 12.38 46.71
N ASN B 86 27.51 11.75 47.84
CA ASN B 86 28.01 10.42 48.12
C ASN B 86 27.54 9.42 47.07
N PHE B 87 26.33 9.59 46.57
CA PHE B 87 25.74 8.60 45.67
C PHE B 87 26.64 8.35 44.47
N THR B 88 26.85 7.08 44.17
CA THR B 88 27.48 6.68 42.92
C THR B 88 26.45 6.83 41.80
N ARG B 89 26.81 6.42 40.58
CA ARG B 89 25.87 6.56 39.47
C ARG B 89 24.75 5.53 39.57
N ASP B 90 25.06 4.30 39.97
CA ASP B 90 24.03 3.28 40.10
C ASP B 90 23.04 3.63 41.20
N GLN B 91 23.54 4.11 42.34
CA GLN B 91 22.63 4.52 43.42
C GLN B 91 21.78 5.71 42.99
N ALA B 92 22.37 6.65 42.25
CA ALA B 92 21.59 7.78 41.76
C ALA B 92 20.49 7.32 40.80
N LEU B 93 20.81 6.35 39.94
CA LEU B 93 19.78 5.78 39.07
C LEU B 93 18.69 5.11 39.88
N TYR B 94 19.08 4.37 40.93
CA TYR B 94 18.09 3.76 41.80
C TYR B 94 17.17 4.80 42.42
N ALA B 95 17.74 5.91 42.88
CA ALA B 95 16.93 6.95 43.50
C ALA B 95 15.98 7.57 42.48
N ARG B 96 16.50 7.91 41.30
CA ARG B 96 15.66 8.53 40.27
C ARG B 96 14.59 7.57 39.76
N GLY B 97 14.77 6.27 39.92
CA GLY B 97 13.74 5.32 39.55
C GLY B 97 12.74 5.07 40.65
N TYR B 98 13.23 4.98 41.89
CA TYR B 98 12.35 4.74 43.03
C TYR B 98 11.41 5.92 43.25
N CYS B 99 11.96 7.13 43.29
CA CYS B 99 11.14 8.30 43.55
C CYS B 99 10.08 8.54 42.46
N TRP B 100 10.28 7.98 41.27
CA TRP B 100 9.28 8.05 40.21
C TRP B 100 8.34 6.85 40.21
N THR B 101 8.76 5.73 40.80
CA THR B 101 7.85 4.61 40.99
C THR B 101 6.97 4.84 42.22
N GLU B 102 7.59 5.16 43.36
CA GLU B 102 6.81 5.51 44.54
C GLU B 102 5.98 6.76 44.29
N LEU B 103 6.63 7.84 43.84
CA LEU B 103 5.95 9.05 43.43
C LEU B 103 5.04 9.60 44.54
N ARG B 104 5.53 9.62 45.78
CA ARG B 104 4.76 10.10 46.92
C ARG B 104 5.58 11.13 47.68
N ASP B 105 5.09 12.37 47.70
CA ASP B 105 5.82 13.46 48.34
C ASP B 105 5.86 13.27 49.85
N ALA B 106 6.98 13.67 50.44
CA ALA B 106 7.16 13.63 51.89
C ALA B 106 6.95 15.02 52.48
N LEU B 107 7.21 15.12 53.77
CA LEU B 107 7.04 16.34 54.55
C LEU B 107 8.27 16.51 55.42
N PRO B 108 8.55 17.73 55.91
CA PRO B 108 9.83 17.95 56.60
C PRO B 108 9.96 17.11 57.86
N GLY B 109 8.97 17.20 58.76
CA GLY B 109 8.83 16.22 59.80
C GLY B 109 8.14 14.98 59.29
N VAL B 110 8.04 13.97 60.15
CA VAL B 110 7.30 12.77 59.77
C VAL B 110 5.83 13.13 59.49
N ASP B 111 5.15 13.68 60.49
CA ASP B 111 3.87 14.37 60.30
C ASP B 111 2.74 13.44 59.88
N ALA B 112 3.06 12.18 59.55
CA ALA B 112 2.04 11.23 59.12
C ALA B 112 2.72 9.92 58.76
N SER B 113 1.91 8.89 58.53
CA SER B 113 2.32 7.73 57.76
C SER B 113 1.75 7.76 56.35
N LEU B 114 0.75 8.61 56.09
CA LEU B 114 0.16 8.81 54.77
C LEU B 114 0.34 10.29 54.41
N TRP B 115 1.34 10.57 53.58
CA TRP B 115 1.60 11.92 53.10
C TRP B 115 1.17 12.05 51.64
N PRO B 116 0.92 13.28 51.17
CA PRO B 116 0.26 13.44 49.88
C PRO B 116 1.01 12.75 48.75
N SER B 117 0.24 12.15 47.84
CA SER B 117 0.77 11.43 46.70
C SER B 117 0.67 12.29 45.45
N LEU B 118 1.25 11.78 44.36
CA LEU B 118 1.25 12.46 43.08
C LEU B 118 1.01 11.49 41.92
N PHE B 119 0.26 10.41 42.18
CA PHE B 119 0.09 9.38 41.17
C PHE B 119 -0.58 9.92 39.92
N GLU B 120 -1.42 10.96 40.05
CA GLU B 120 -2.12 11.49 38.89
C GLU B 120 -1.17 12.07 37.85
N HIS B 121 -0.09 12.72 38.29
CA HIS B 121 0.86 13.27 37.34
C HIS B 121 1.45 12.18 36.45
N LYS B 122 1.49 10.95 36.96
CA LYS B 122 1.98 9.80 36.20
C LYS B 122 0.88 9.05 35.48
N PHE B 123 -0.37 9.20 35.92
CA PHE B 123 -1.47 8.41 35.41
C PHE B 123 -2.33 9.13 34.39
N LEU B 124 -2.26 10.46 34.32
CA LEU B 124 -3.15 11.20 33.42
C LEU B 124 -3.00 10.79 31.97
N PRO B 125 -1.80 10.73 31.39
CA PRO B 125 -1.70 10.49 29.94
C PRO B 125 -2.23 9.14 29.51
N TYR B 126 -2.73 8.35 30.45
CA TYR B 126 -3.53 7.15 30.16
C TYR B 126 -5.01 7.38 30.38
N ALA B 127 -5.37 8.16 31.40
CA ALA B 127 -6.76 8.52 31.61
C ALA B 127 -7.31 9.30 30.43
N LEU B 128 -6.47 10.10 29.77
CA LEU B 128 -6.92 10.82 28.59
C LEU B 128 -7.28 9.86 27.46
N LEU B 129 -6.46 8.81 27.25
CA LEU B 129 -6.80 7.79 26.28
C LEU B 129 -8.10 7.09 26.65
N ALA B 130 -8.27 6.77 27.92
CA ALA B 130 -9.51 6.12 28.37
C ALA B 130 -10.71 7.00 28.07
N PHE B 131 -10.60 8.30 28.35
CA PHE B 131 -11.71 9.22 28.08
C PHE B 131 -11.98 9.32 26.59
N ALA B 132 -10.93 9.35 25.77
CA ALA B 132 -11.13 9.39 24.32
C ALA B 132 -11.90 8.18 23.84
N ALA B 133 -11.52 6.99 24.30
CA ALA B 133 -12.22 5.77 23.90
C ALA B 133 -13.67 5.80 24.39
N ILE B 134 -13.90 6.23 25.63
CA ILE B 134 -15.24 6.28 26.17
C ILE B 134 -16.11 7.23 25.35
N MET B 135 -15.57 8.39 24.98
CA MET B 135 -16.31 9.34 24.16
C MET B 135 -16.57 8.80 22.77
N TYR B 136 -15.64 8.01 22.21
CA TYR B 136 -15.88 7.44 20.90
C TYR B 136 -16.91 6.32 20.93
N VAL B 137 -17.11 5.69 22.10
CA VAL B 137 -18.03 4.56 22.19
C VAL B 137 -19.43 4.91 21.68
N PRO B 138 -20.09 5.99 22.16
CA PRO B 138 -21.50 6.19 21.78
C PRO B 138 -21.74 6.29 20.29
N ALA B 139 -20.83 6.90 19.53
CA ALA B 139 -21.01 6.94 18.09
C ALA B 139 -21.00 5.54 17.49
N LEU B 140 -20.09 4.68 17.95
CA LEU B 140 -20.06 3.30 17.51
C LEU B 140 -21.35 2.59 17.88
N GLY B 141 -21.85 2.83 19.09
CA GLY B 141 -23.10 2.20 19.49
C GLY B 141 -24.26 2.60 18.60
N TRP B 142 -24.39 3.90 18.32
CA TRP B 142 -25.46 4.36 17.46
C TRP B 142 -25.33 3.77 16.06
N GLU B 143 -24.11 3.72 15.52
CA GLU B 143 -23.93 3.13 14.20
C GLU B 143 -24.35 1.67 14.21
N PHE B 144 -23.89 0.90 15.20
CA PHE B 144 -24.26 -0.51 15.28
C PHE B 144 -25.76 -0.70 15.40
N LEU B 145 -26.45 0.20 16.11
CA LEU B 145 -27.87 0.02 16.37
C LEU B 145 -28.76 0.62 15.30
N ALA B 146 -28.22 1.44 14.39
CA ALA B 146 -29.06 2.11 13.40
C ALA B 146 -28.64 1.87 11.95
N SER B 147 -27.52 1.19 11.69
CA SER B 147 -27.04 1.05 10.32
C SER B 147 -28.10 0.48 9.40
N THR B 148 -28.54 -0.76 9.67
CA THR B 148 -29.46 -1.43 8.77
C THR B 148 -30.79 -0.71 8.68
N ARG B 149 -31.32 -0.25 9.83
CA ARG B 149 -32.63 0.39 9.83
C ARG B 149 -32.61 1.67 9.00
N LEU B 150 -31.62 2.53 9.21
CA LEU B 150 -31.53 3.74 8.42
C LEU B 150 -31.28 3.43 6.95
N THR B 151 -30.45 2.41 6.66
CA THR B 151 -30.23 2.03 5.29
C THR B 151 -31.56 1.72 4.60
N SER B 152 -32.36 0.84 5.21
CA SER B 152 -33.64 0.47 4.61
C SER B 152 -34.57 1.67 4.49
N GLU B 153 -34.69 2.44 5.57
CA GLU B 153 -35.64 3.55 5.58
C GLU B 153 -35.30 4.58 4.51
N LEU B 154 -34.04 4.99 4.44
CA LEU B 154 -33.65 6.00 3.46
C LEU B 154 -33.67 5.44 2.04
N ASN B 155 -33.33 4.17 1.86
CA ASN B 155 -33.44 3.56 0.54
C ASN B 155 -34.88 3.60 0.05
N PHE B 156 -35.84 3.32 0.94
CA PHE B 156 -37.24 3.46 0.57
C PHE B 156 -37.58 4.91 0.27
N LEU B 157 -37.16 5.83 1.14
CA LEU B 157 -37.65 7.20 1.07
C LEU B 157 -37.12 7.93 -0.16
N LEU B 158 -35.88 7.64 -0.57
CA LEU B 158 -35.33 8.34 -1.74
C LEU B 158 -36.12 7.99 -2.99
N GLN B 159 -36.36 6.69 -3.22
CA GLN B 159 -37.18 6.28 -4.37
C GLN B 159 -38.60 6.80 -4.23
N GLU B 160 -39.11 6.86 -3.00
CA GLU B 160 -40.47 7.34 -2.76
C GLU B 160 -40.60 8.81 -3.15
N ILE B 161 -39.60 9.64 -2.79
CA ILE B 161 -39.61 11.04 -3.18
C ILE B 161 -39.41 11.18 -4.69
N ASP B 162 -38.58 10.33 -5.28
CA ASP B 162 -38.39 10.36 -6.73
C ASP B 162 -39.73 10.13 -7.43
N ASN B 163 -40.48 9.12 -6.99
CA ASN B 163 -41.79 8.86 -7.57
C ASN B 163 -42.74 10.02 -7.32
N CYS B 164 -42.66 10.64 -6.14
CA CYS B 164 -43.51 11.80 -5.86
C CYS B 164 -43.25 12.93 -6.85
N TYR B 165 -41.99 13.22 -7.14
CA TYR B 165 -41.70 14.32 -8.04
C TYR B 165 -42.00 13.96 -9.49
N HIS B 166 -41.86 12.69 -9.87
CA HIS B 166 -42.35 12.27 -11.17
C HIS B 166 -43.86 12.48 -11.27
N ARG B 167 -44.58 12.15 -10.21
CA ARG B 167 -46.02 12.39 -10.18
C ARG B 167 -46.35 13.87 -10.26
N ALA B 168 -45.56 14.71 -9.58
CA ALA B 168 -45.77 16.15 -9.69
C ALA B 168 -45.56 16.63 -11.12
N ALA B 169 -44.52 16.12 -11.78
CA ALA B 169 -44.31 16.46 -13.18
C ALA B 169 -45.51 16.04 -14.03
N GLU B 170 -46.05 14.85 -13.78
CA GLU B 170 -47.22 14.40 -14.52
C GLU B 170 -48.42 15.29 -14.26
N GLY B 171 -48.64 15.66 -12.99
CA GLY B 171 -49.84 16.39 -12.61
C GLY B 171 -49.84 17.86 -12.93
N ARG B 172 -48.66 18.46 -13.12
CA ARG B 172 -48.64 19.86 -13.55
C ARG B 172 -49.14 20.00 -14.98
N ALA B 173 -49.06 18.93 -15.77
CA ALA B 173 -49.42 19.04 -17.19
C ALA B 173 -50.88 19.44 -17.42
N PRO B 174 -51.88 18.78 -16.82
CA PRO B 174 -53.27 19.17 -17.08
C PRO B 174 -53.66 20.53 -16.54
N LYS B 175 -52.84 21.13 -15.67
CA LYS B 175 -53.21 22.42 -15.10
C LYS B 175 -53.23 23.51 -16.18
N ILE B 176 -52.27 23.50 -17.10
CA ILE B 176 -52.29 24.49 -18.17
C ILE B 176 -53.53 24.31 -19.04
N GLU B 177 -53.90 23.06 -19.30
CA GLU B 177 -55.12 22.81 -20.07
C GLU B 177 -56.34 23.36 -19.34
N LYS B 178 -56.42 23.14 -18.03
CA LYS B 178 -57.55 23.67 -17.26
C LYS B 178 -57.56 25.20 -17.29
N GLN B 179 -56.39 25.81 -17.15
CA GLN B 179 -56.32 27.27 -17.16
C GLN B 179 -56.79 27.84 -18.50
N ILE B 180 -56.34 27.24 -19.60
CA ILE B 180 -56.79 27.70 -20.91
C ILE B 180 -58.28 27.44 -21.09
N GLN B 181 -58.79 26.34 -20.52
CA GLN B 181 -60.23 26.10 -20.56
C GLN B 181 -60.99 27.21 -19.86
N SER B 182 -60.47 27.66 -18.71
CA SER B 182 -61.07 28.81 -18.04
C SER B 182 -61.07 30.04 -18.94
N LYS B 183 -59.99 30.25 -19.69
CA LYS B 183 -59.89 31.37 -20.60
C LYS B 183 -60.53 31.05 -21.94
N GLU B 189 -62.28 33.37 -6.82
CA GLU B 189 -61.17 33.77 -7.66
C GLU B 189 -60.75 32.64 -8.59
N ARG B 190 -60.77 32.92 -9.89
CA ARG B 190 -60.46 31.92 -10.91
C ARG B 190 -59.27 31.06 -10.50
N GLU B 191 -58.14 31.71 -10.19
CA GLU B 191 -56.95 30.95 -9.79
C GLU B 191 -57.21 30.17 -8.52
N LYS B 192 -57.87 30.79 -7.54
CA LYS B 192 -58.12 30.10 -6.28
C LYS B 192 -59.03 28.89 -6.47
N ARG B 193 -60.10 29.04 -7.27
CA ARG B 193 -60.99 27.92 -7.52
C ARG B 193 -60.27 26.81 -8.28
N GLU B 194 -59.43 27.18 -9.25
CA GLU B 194 -58.69 26.16 -9.99
C GLU B 194 -57.74 25.40 -9.05
N ILE B 195 -57.05 26.12 -8.17
CA ILE B 195 -56.13 25.47 -7.24
C ILE B 195 -56.89 24.56 -6.29
N ILE B 196 -58.04 25.01 -5.78
CA ILE B 196 -58.78 24.19 -4.83
C ILE B 196 -59.33 22.93 -5.50
N GLU B 197 -59.87 23.07 -6.72
CA GLU B 197 -60.38 21.89 -7.40
C GLU B 197 -59.24 20.93 -7.72
N ASN B 198 -58.07 21.45 -8.07
CA ASN B 198 -56.90 20.58 -8.24
C ASN B 198 -56.58 19.84 -6.94
N ALA B 199 -56.54 20.57 -5.83
CA ALA B 199 -56.19 19.95 -4.56
C ALA B 199 -57.16 18.83 -4.22
N GLU B 200 -58.44 19.03 -4.53
CA GLU B 200 -59.44 17.99 -4.25
C GLU B 200 -59.31 16.79 -5.19
N LYS B 201 -59.13 17.05 -6.50
CA LYS B 201 -59.24 15.98 -7.50
C LYS B 201 -57.90 15.37 -7.89
N GLU B 202 -56.79 15.82 -7.32
CA GLU B 202 -55.47 15.37 -7.73
C GLU B 202 -54.97 14.16 -6.96
N LYS B 203 -55.67 13.74 -5.91
CA LYS B 203 -55.20 12.64 -5.09
C LYS B 203 -54.91 11.41 -5.94
N SER B 204 -53.66 10.99 -5.92
CA SER B 204 -53.18 9.83 -6.65
C SER B 204 -52.94 8.66 -5.71
N PRO B 205 -52.83 7.44 -6.23
CA PRO B 205 -52.57 6.30 -5.34
C PRO B 205 -51.29 6.44 -4.55
N GLU B 206 -50.17 6.76 -5.22
CA GLU B 206 -48.93 7.00 -4.51
C GLU B 206 -49.02 8.23 -3.60
N GLN B 207 -49.92 9.17 -3.90
CA GLN B 207 -50.20 10.25 -2.97
C GLN B 207 -50.72 9.70 -1.65
N ASN B 208 -51.66 8.75 -1.72
CA ASN B 208 -52.14 8.10 -0.50
C ASN B 208 -51.05 7.26 0.15
N LEU B 209 -50.16 6.67 -0.65
CA LEU B 209 -49.01 5.97 -0.08
C LEU B 209 -48.17 6.93 0.77
N PHE B 210 -47.84 8.10 0.21
CA PHE B 210 -47.14 9.12 0.97
C PHE B 210 -47.89 9.48 2.24
N GLU B 211 -49.19 9.74 2.12
CA GLU B 211 -49.97 10.18 3.27
C GLU B 211 -49.93 9.14 4.38
N LYS B 212 -50.16 7.86 4.02
CA LYS B 212 -50.17 6.81 5.02
C LYS B 212 -48.80 6.61 5.64
N TYR B 213 -47.74 6.65 4.83
CA TYR B 213 -46.39 6.49 5.38
C TYR B 213 -46.08 7.60 6.37
N LEU B 214 -46.39 8.85 6.00
CA LEU B 214 -46.13 9.96 6.91
C LEU B 214 -46.95 9.81 8.19
N GLU B 215 -48.22 9.42 8.06
CA GLU B 215 -49.08 9.28 9.23
C GLU B 215 -48.54 8.21 10.17
N ARG B 216 -48.08 7.09 9.62
CA ARG B 216 -47.58 6.01 10.48
C ARG B 216 -46.21 6.34 11.07
N ARG B 217 -45.37 7.09 10.36
CA ARG B 217 -44.08 7.47 10.92
C ARG B 217 -44.24 8.52 12.01
N GLY B 218 -45.22 9.41 11.87
CA GLY B 218 -45.40 10.47 12.85
C GLY B 218 -45.60 9.98 14.27
N ARG B 219 -46.09 8.75 14.44
CA ARG B 219 -46.36 8.18 15.76
C ARG B 219 -45.39 7.05 16.10
N SER B 220 -44.25 6.97 15.41
CA SER B 220 -43.24 5.95 15.64
C SER B 220 -41.93 6.65 15.94
N ASN B 221 -41.72 7.03 17.21
CA ASN B 221 -40.59 7.85 17.62
C ASN B 221 -39.37 7.03 18.03
N PHE B 222 -39.21 5.83 17.46
CA PHE B 222 -38.06 4.99 17.82
C PHE B 222 -36.75 5.66 17.43
N LEU B 223 -36.66 6.16 16.20
CA LEU B 223 -35.39 6.68 15.71
C LEU B 223 -35.05 8.03 16.33
N ALA B 224 -36.06 8.88 16.55
CA ALA B 224 -35.82 10.11 17.29
C ALA B 224 -35.36 9.78 18.72
N LYS B 225 -35.99 8.78 19.33
CA LYS B 225 -35.52 8.29 20.63
C LYS B 225 -34.06 7.92 20.57
N LEU B 226 -33.66 7.16 19.55
CA LEU B 226 -32.28 6.70 19.45
C LEU B 226 -31.32 7.86 19.28
N TYR B 227 -31.65 8.83 18.43
CA TYR B 227 -30.76 9.97 18.21
C TYR B 227 -30.62 10.81 19.47
N LEU B 228 -31.74 11.10 20.13
CA LEU B 228 -31.67 11.85 21.39
C LEU B 228 -30.88 11.08 22.43
N ALA B 229 -31.05 9.76 22.49
CA ALA B 229 -30.28 8.96 23.43
C ALA B 229 -28.79 9.04 23.12
N ARG B 230 -28.42 8.97 21.84
CA ARG B 230 -27.01 9.09 21.49
C ARG B 230 -26.43 10.41 21.97
N HIS B 231 -27.12 11.51 21.66
CA HIS B 231 -26.57 12.82 22.03
C HIS B 231 -26.51 13.01 23.54
N VAL B 232 -27.57 12.59 24.24
CA VAL B 232 -27.58 12.73 25.70
C VAL B 232 -26.52 11.82 26.32
N LEU B 233 -26.28 10.64 25.76
CA LEU B 233 -25.23 9.78 26.26
C LEU B 233 -23.85 10.39 26.03
N ILE B 234 -23.65 11.03 24.89
CA ILE B 234 -22.40 11.74 24.66
C ILE B 234 -22.21 12.81 25.73
N LEU B 235 -23.27 13.58 26.00
CA LEU B 235 -23.17 14.61 27.03
C LEU B 235 -22.85 14.02 28.40
N LEU B 236 -23.55 12.94 28.77
CA LEU B 236 -23.36 12.34 30.09
C LEU B 236 -21.97 11.74 30.22
N LEU B 237 -21.46 11.11 29.16
CA LEU B 237 -20.10 10.60 29.19
C LEU B 237 -19.09 11.74 29.27
N SER B 238 -19.36 12.86 28.61
CA SER B 238 -18.51 14.04 28.75
C SER B 238 -18.51 14.55 30.18
N ALA B 239 -19.61 14.35 30.90
CA ALA B 239 -19.69 14.84 32.27
C ALA B 239 -18.56 14.30 33.15
N VAL B 240 -18.05 13.11 32.83
CA VAL B 240 -17.02 12.47 33.65
C VAL B 240 -15.67 13.15 33.45
N PRO B 241 -15.10 13.13 32.24
CA PRO B 241 -13.78 13.74 32.05
C PRO B 241 -13.74 15.21 32.40
N ILE B 242 -14.82 15.95 32.13
CA ILE B 242 -14.85 17.35 32.51
C ILE B 242 -14.62 17.49 34.00
N SER B 243 -15.37 16.74 34.81
CA SER B 243 -15.23 16.83 36.26
C SER B 243 -13.83 16.40 36.70
N TYR B 244 -13.35 15.27 36.17
CA TYR B 244 -12.05 14.76 36.61
C TYR B 244 -10.94 15.76 36.28
N LEU B 245 -10.90 16.24 35.04
CA LEU B 245 -9.85 17.18 34.66
C LEU B 245 -9.95 18.48 35.44
N CYS B 246 -11.17 19.01 35.61
CA CYS B 246 -11.32 20.25 36.38
C CYS B 246 -10.86 20.05 37.81
N THR B 247 -11.01 18.84 38.35
CA THR B 247 -10.46 18.55 39.67
C THR B 247 -8.93 18.46 39.63
N TYR B 248 -8.38 17.90 38.56
CA TYR B 248 -6.93 17.75 38.44
C TYR B 248 -6.26 19.10 38.19
N TYR B 249 -6.81 19.90 37.28
CA TYR B 249 -6.25 21.22 37.03
C TYR B 249 -6.40 22.13 38.24
N ALA B 250 -7.44 21.91 39.05
CA ALA B 250 -7.76 22.85 40.12
C ALA B 250 -6.76 22.75 41.27
N THR B 251 -6.65 21.57 41.87
CA THR B 251 -5.91 21.40 43.12
C THR B 251 -4.61 20.64 42.96
N GLN B 252 -4.60 19.57 42.16
CA GLN B 252 -3.42 18.69 42.08
C GLN B 252 -2.43 19.25 41.07
N LYS B 253 -1.78 20.34 41.46
CA LYS B 253 -0.78 21.02 40.64
C LYS B 253 0.42 21.39 41.53
N GLN B 254 1.43 20.53 41.53
CA GLN B 254 2.72 20.81 42.14
C GLN B 254 3.80 20.05 41.40
N ASN B 255 4.93 20.73 41.16
CA ASN B 255 6.00 20.19 40.33
C ASN B 255 7.07 19.46 41.12
N GLU B 256 7.44 19.99 42.29
CA GLU B 256 8.59 19.53 43.04
C GLU B 256 8.15 18.87 44.33
N PHE B 257 8.76 17.72 44.64
CA PHE B 257 8.54 17.06 45.93
C PHE B 257 9.88 16.60 46.49
N THR B 258 9.84 15.95 47.65
CA THR B 258 11.03 15.46 48.33
C THR B 258 10.78 14.04 48.79
N CYS B 259 11.29 13.07 48.05
CA CYS B 259 11.10 11.66 48.38
C CYS B 259 12.11 11.24 49.44
N ALA B 260 11.84 10.09 50.05
CA ALA B 260 12.70 9.53 51.10
C ALA B 260 13.06 8.11 50.74
N LEU B 261 14.33 7.87 50.43
CA LEU B 261 14.78 6.52 50.12
C LEU B 261 14.84 5.67 51.38
N GLY B 262 14.46 4.41 51.26
CA GLY B 262 14.25 3.58 52.44
C GLY B 262 15.39 2.65 52.81
N ALA B 263 15.92 1.89 51.84
CA ALA B 263 16.87 0.84 52.17
C ALA B 263 18.13 1.41 52.82
N SER B 264 18.88 2.23 52.09
CA SER B 264 20.07 2.85 52.61
C SER B 264 21.09 1.81 53.07
N PRO B 265 21.70 1.07 52.15
CA PRO B 265 22.80 0.18 52.55
C PRO B 265 24.03 0.98 52.98
N ASP B 266 25.13 0.29 53.28
CA ASP B 266 26.36 0.85 53.85
C ASP B 266 26.24 1.01 55.36
N GLY B 267 25.20 0.45 55.98
CA GLY B 267 25.05 0.55 57.42
C GLY B 267 26.11 -0.21 58.19
N ALA B 268 26.77 -1.17 57.56
CA ALA B 268 27.81 -1.97 58.21
C ALA B 268 27.26 -2.65 59.47
N ALA B 269 26.32 -3.56 59.25
CA ALA B 269 25.59 -4.26 60.30
C ALA B 269 24.63 -3.33 61.05
N GLY B 270 24.34 -2.16 60.48
CA GLY B 270 23.42 -1.22 61.08
C GLY B 270 22.28 -0.88 60.13
N ALA B 271 21.33 -0.10 60.64
CA ALA B 271 20.17 0.28 59.84
C ALA B 271 20.59 1.08 58.62
N GLY B 272 21.19 2.25 58.83
CA GLY B 272 21.61 3.12 57.76
C GLY B 272 20.85 4.44 57.78
N PRO B 273 21.39 5.45 57.11
CA PRO B 273 20.76 6.78 57.11
C PRO B 273 19.69 6.87 56.03
N ALA B 274 18.46 7.14 56.44
CA ALA B 274 17.36 7.34 55.49
C ALA B 274 17.53 8.69 54.82
N VAL B 275 17.91 8.68 53.55
CA VAL B 275 18.23 9.90 52.82
C VAL B 275 16.96 10.49 52.23
N ARG B 276 16.93 11.82 52.14
CA ARG B 276 15.85 12.55 51.51
C ARG B 276 16.38 13.24 50.27
N VAL B 277 15.73 13.02 49.13
CA VAL B 277 16.17 13.50 47.83
C VAL B 277 15.07 14.36 47.23
N SER B 278 15.41 15.58 46.84
CA SER B 278 14.47 16.50 46.22
C SER B 278 14.36 16.20 44.73
N CYS B 279 13.14 15.94 44.26
CA CYS B 279 12.91 15.59 42.87
C CYS B 279 11.92 16.57 42.25
N LYS B 280 12.06 16.75 40.93
CA LYS B 280 11.22 17.64 40.15
C LYS B 280 10.77 16.89 38.91
N LEU B 281 9.47 16.99 38.61
CA LEU B 281 8.86 16.38 37.42
C LEU B 281 8.90 17.36 36.26
N PRO B 282 9.35 16.95 35.07
CA PRO B 282 9.43 17.90 33.95
C PRO B 282 8.14 18.01 33.16
N SER B 283 7.28 17.01 33.26
CA SER B 283 6.12 16.88 32.38
C SER B 283 4.83 17.43 32.97
N VAL B 284 4.87 18.07 34.15
CA VAL B 284 3.62 18.52 34.75
C VAL B 284 3.06 19.72 34.00
N GLN B 285 3.92 20.61 33.48
CA GLN B 285 3.43 21.83 32.88
C GLN B 285 2.59 21.56 31.63
N LEU B 286 3.12 20.74 30.71
CA LEU B 286 2.39 20.46 29.49
C LEU B 286 1.11 19.69 29.78
N GLN B 287 1.15 18.75 30.73
CA GLN B 287 -0.05 18.03 31.10
C GLN B 287 -1.11 18.98 31.66
N ARG B 288 -0.68 19.94 32.49
CA ARG B 288 -1.62 20.89 33.07
C ARG B 288 -2.21 21.81 32.02
N ILE B 289 -1.44 22.17 30.99
CA ILE B 289 -1.98 22.99 29.90
C ILE B 289 -2.96 22.19 29.07
N ILE B 290 -2.60 20.94 28.73
CA ILE B 290 -3.48 20.11 27.91
C ILE B 290 -4.77 19.79 28.65
N ALA B 291 -4.71 19.67 29.98
CA ALA B 291 -5.93 19.43 30.73
C ALA B 291 -6.92 20.58 30.56
N GLY B 292 -6.44 21.82 30.67
CA GLY B 292 -7.31 22.96 30.45
C GLY B 292 -7.82 23.03 29.02
N VAL B 293 -6.94 22.73 28.06
CA VAL B 293 -7.37 22.73 26.65
C VAL B 293 -8.51 21.74 26.46
N ASP B 294 -8.36 20.53 26.99
CA ASP B 294 -9.41 19.52 26.86
C ASP B 294 -10.68 19.95 27.57
N ILE B 295 -10.56 20.54 28.76
CA ILE B 295 -11.75 20.98 29.48
C ILE B 295 -12.52 21.97 28.63
N VAL B 296 -11.83 22.99 28.11
CA VAL B 296 -12.52 24.01 27.32
C VAL B 296 -13.12 23.41 26.06
N LEU B 297 -12.37 22.54 25.38
CA LEU B 297 -12.85 21.94 24.14
C LEU B 297 -14.13 21.14 24.39
N LEU B 298 -14.12 20.28 25.41
CA LEU B 298 -15.27 19.44 25.67
C LEU B 298 -16.45 20.26 26.20
N CYS B 299 -16.20 21.32 26.97
CA CYS B 299 -17.30 22.18 27.39
C CYS B 299 -17.94 22.86 26.19
N VAL B 300 -17.14 23.34 25.24
CA VAL B 300 -17.70 23.97 24.05
C VAL B 300 -18.48 22.94 23.22
N MET B 301 -17.96 21.71 23.14
CA MET B 301 -18.70 20.66 22.44
C MET B 301 -20.04 20.40 23.12
N ASN B 302 -20.06 20.38 24.45
CA ASN B 302 -21.31 20.18 25.18
C ASN B 302 -22.30 21.29 24.87
N LEU B 303 -21.82 22.54 24.86
CA LEU B 303 -22.68 23.67 24.55
C LEU B 303 -23.24 23.55 23.13
N ILE B 304 -22.39 23.17 22.17
CA ILE B 304 -22.85 23.00 20.79
C ILE B 304 -23.93 21.93 20.72
N ILE B 305 -23.70 20.80 21.40
CA ILE B 305 -24.67 19.71 21.36
C ILE B 305 -26.00 20.17 21.95
N LEU B 306 -25.96 20.86 23.09
CA LEU B 306 -27.19 21.32 23.72
C LEU B 306 -27.93 22.30 22.83
N VAL B 307 -27.21 23.25 22.22
CA VAL B 307 -27.87 24.23 21.37
C VAL B 307 -28.50 23.55 20.17
N ASN B 308 -27.77 22.62 19.55
CA ASN B 308 -28.32 21.90 18.39
C ASN B 308 -29.57 21.13 18.78
N LEU B 309 -29.54 20.43 19.91
CA LEU B 309 -30.71 19.66 20.33
C LEU B 309 -31.89 20.57 20.60
N ILE B 310 -31.67 21.69 21.28
CA ILE B 310 -32.76 22.60 21.59
C ILE B 310 -33.36 23.16 20.30
N HIS B 311 -32.50 23.55 19.35
CA HIS B 311 -33.00 24.05 18.08
C HIS B 311 -33.81 22.99 17.35
N LEU B 312 -33.33 21.75 17.36
CA LEU B 312 -33.99 20.70 16.58
C LEU B 312 -35.33 20.31 17.18
N PHE B 313 -35.43 20.21 18.51
CA PHE B 313 -36.60 19.62 19.14
C PHE B 313 -37.55 20.63 19.79
N ILE B 314 -37.20 21.91 19.84
CA ILE B 314 -38.09 22.90 20.45
C ILE B 314 -38.34 24.06 19.49
N PHE B 315 -37.27 24.73 19.07
CA PHE B 315 -37.43 25.91 18.23
C PHE B 315 -37.75 25.57 16.78
N ARG B 316 -37.29 24.42 16.29
CA ARG B 316 -37.55 24.06 14.90
C ARG B 316 -39.05 23.91 14.66
N LYS B 317 -39.52 24.49 13.56
CA LYS B 317 -40.92 24.42 13.17
C LYS B 317 -41.13 23.70 11.84
N SER B 318 -40.40 24.13 10.80
CA SER B 318 -40.52 23.52 9.47
C SER B 318 -39.27 22.70 9.19
N ASN B 319 -39.47 21.47 8.75
CA ASN B 319 -38.38 20.56 8.42
C ASN B 319 -38.24 20.44 6.90
N PHE B 320 -37.15 19.78 6.50
CA PHE B 320 -36.80 19.73 5.08
C PHE B 320 -37.91 19.09 4.25
N ILE B 321 -38.35 17.90 4.63
CA ILE B 321 -39.27 17.16 3.77
C ILE B 321 -40.63 17.84 3.73
N PHE B 322 -41.09 18.39 4.86
CA PHE B 322 -42.38 19.06 4.88
C PHE B 322 -42.42 20.23 3.90
N ASP B 323 -41.41 21.10 3.97
CA ASP B 323 -41.36 22.23 3.06
C ASP B 323 -41.15 21.78 1.63
N LYS B 324 -40.34 20.75 1.42
CA LYS B 324 -40.08 20.26 0.07
C LYS B 324 -41.36 19.75 -0.57
N LEU B 325 -42.20 19.05 0.19
CA LEU B 325 -43.47 18.58 -0.35
C LEU B 325 -44.46 19.72 -0.51
N HIS B 326 -44.50 20.65 0.45
CA HIS B 326 -45.37 21.81 0.32
C HIS B 326 -45.02 22.63 -0.92
N LYS B 327 -43.76 22.56 -1.36
CA LYS B 327 -43.35 23.26 -2.57
C LYS B 327 -44.24 22.88 -3.75
N VAL B 328 -44.40 21.57 -4.00
CA VAL B 328 -45.26 21.12 -5.09
C VAL B 328 -46.73 21.16 -4.74
N GLY B 329 -47.06 21.34 -3.45
CA GLY B 329 -48.43 21.52 -3.03
C GLY B 329 -49.06 20.30 -2.40
N ILE B 330 -49.10 20.27 -1.08
CA ILE B 330 -49.83 19.27 -0.31
C ILE B 330 -50.36 19.95 0.95
N LYS B 331 -51.13 19.19 1.74
CA LYS B 331 -51.80 19.77 2.90
C LYS B 331 -50.80 20.10 4.01
N THR B 332 -49.93 19.16 4.36
CA THR B 332 -49.01 19.32 5.49
C THR B 332 -49.77 19.73 6.76
N ARG B 333 -50.91 19.09 7.00
CA ARG B 333 -51.71 19.42 8.16
C ARG B 333 -51.05 18.89 9.44
N ARG B 334 -51.55 19.37 10.58
CA ARG B 334 -50.99 19.03 11.87
C ARG B 334 -51.26 17.58 12.29
N GLN B 335 -52.10 16.85 11.55
CA GLN B 335 -52.38 15.47 11.92
C GLN B 335 -51.10 14.65 12.06
N TRP B 336 -50.10 14.95 11.24
CA TRP B 336 -48.78 14.33 11.33
C TRP B 336 -47.74 15.32 11.86
N ARG B 337 -48.17 16.26 12.69
CA ARG B 337 -47.30 17.28 13.25
C ARG B 337 -47.72 17.50 14.70
N ARG B 338 -47.25 18.60 15.29
CA ARG B 338 -47.53 19.05 16.65
C ARG B 338 -46.71 18.27 17.67
N SER B 339 -45.95 17.26 17.26
CA SER B 339 -45.07 16.50 18.15
C SER B 339 -43.66 16.60 17.57
N GLN B 340 -42.93 17.64 17.98
CA GLN B 340 -41.61 17.88 17.40
C GLN B 340 -40.66 16.73 17.67
N PHE B 341 -40.90 15.95 18.73
CA PHE B 341 -40.12 14.74 19.00
C PHE B 341 -40.66 13.62 18.11
N CYS B 342 -40.36 13.73 16.82
CA CYS B 342 -40.95 12.89 15.80
C CYS B 342 -39.87 12.26 14.94
N ASP B 343 -40.21 11.12 14.34
CA ASP B 343 -39.24 10.38 13.54
C ASP B 343 -38.92 11.12 12.24
N ILE B 344 -39.94 11.56 11.50
CA ILE B 344 -39.67 12.28 10.26
C ILE B 344 -38.94 13.58 10.55
N ASN B 345 -39.12 14.13 11.74
CA ASN B 345 -38.41 15.35 12.11
C ASN B 345 -36.91 15.18 11.93
N ILE B 346 -36.35 14.07 12.41
CA ILE B 346 -34.93 13.82 12.23
C ILE B 346 -34.61 13.26 10.85
N LEU B 347 -35.51 12.47 10.25
CA LEU B 347 -35.28 11.99 8.90
C LEU B 347 -35.09 13.14 7.93
N ALA B 348 -35.66 14.30 8.24
CA ALA B 348 -35.48 15.47 7.40
C ALA B 348 -34.01 15.85 7.29
N MET B 349 -33.26 15.74 8.40
CA MET B 349 -31.84 16.09 8.37
C MET B 349 -31.07 15.15 7.45
N PHE B 350 -31.31 13.84 7.55
CA PHE B 350 -30.63 12.90 6.68
C PHE B 350 -31.01 13.14 5.22
N CYS B 351 -32.28 13.44 4.95
CA CYS B 351 -32.69 13.75 3.59
C CYS B 351 -31.97 14.99 3.07
N ASN B 352 -31.86 16.02 3.90
CA ASN B 352 -31.14 17.23 3.50
C ASN B 352 -29.68 16.91 3.19
N GLU B 353 -29.05 16.10 4.03
CA GLU B 353 -27.68 15.67 3.74
C GLU B 353 -27.63 14.86 2.45
N ASN B 354 -28.62 14.00 2.24
CA ASN B 354 -28.73 13.20 1.02
C ASN B 354 -29.58 13.87 -0.04
N ARG B 355 -29.63 15.21 -0.04
CA ARG B 355 -30.46 15.93 -1.00
C ARG B 355 -30.08 15.55 -2.44
N ASP B 356 -28.78 15.55 -2.74
CA ASP B 356 -28.30 15.33 -4.09
C ASP B 356 -28.18 13.86 -4.45
N HIS B 357 -28.44 12.95 -3.51
CA HIS B 357 -28.44 11.52 -3.82
C HIS B 357 -29.59 11.13 -4.72
N ILE B 358 -30.57 12.01 -4.92
CA ILE B 358 -31.67 11.81 -5.86
C ILE B 358 -31.62 12.97 -6.85
N LYS B 359 -31.54 12.62 -8.14
CA LYS B 359 -31.24 13.63 -9.16
C LYS B 359 -32.45 14.56 -9.37
N SER B 360 -33.57 14.00 -9.81
CA SER B 360 -34.71 14.81 -10.23
C SER B 360 -35.01 15.92 -9.23
N LEU B 361 -35.32 15.54 -7.99
CA LEU B 361 -35.65 16.51 -6.94
C LEU B 361 -34.78 17.75 -7.05
N ASN B 362 -33.46 17.55 -7.10
CA ASN B 362 -32.53 18.68 -7.13
C ASN B 362 -33.01 19.77 -8.08
N ARG B 363 -33.14 19.44 -9.36
CA ARG B 363 -33.47 20.46 -10.34
C ARG B 363 -34.79 21.12 -9.99
N LEU B 364 -35.79 20.32 -9.62
CA LEU B 364 -37.11 20.88 -9.36
C LEU B 364 -37.09 21.89 -8.24
N ASP B 365 -36.09 21.85 -7.36
CA ASP B 365 -36.04 22.80 -6.26
C ASP B 365 -35.54 24.17 -6.72
N PHE B 366 -34.64 24.21 -7.71
CA PHE B 366 -33.98 25.44 -8.11
C PHE B 366 -34.61 26.11 -9.31
N ILE B 367 -35.50 25.42 -10.04
CA ILE B 367 -36.21 26.04 -11.15
C ILE B 367 -37.09 27.18 -10.67
N THR B 368 -37.50 27.19 -9.41
CA THR B 368 -38.41 28.20 -8.89
C THR B 368 -37.96 28.55 -7.47
N ASN B 369 -38.83 29.26 -6.76
CA ASN B 369 -38.57 29.65 -5.37
C ASN B 369 -39.92 29.88 -4.69
N GLU B 370 -39.87 30.33 -3.43
CA GLU B 370 -41.02 30.72 -2.62
C GLU B 370 -41.89 29.52 -2.21
N SER B 371 -41.55 28.31 -2.64
CA SER B 371 -42.33 27.12 -2.30
C SER B 371 -43.79 27.28 -2.71
N ASP B 372 -44.01 27.93 -3.85
CA ASP B 372 -45.34 28.13 -4.43
C ASP B 372 -45.30 27.81 -5.92
N LEU B 373 -44.74 26.64 -6.24
CA LEU B 373 -44.51 26.29 -7.64
C LEU B 373 -45.78 26.39 -8.48
N MET B 374 -46.92 26.02 -7.90
CA MET B 374 -48.15 25.89 -8.66
C MET B 374 -48.96 27.18 -8.77
N TYR B 375 -48.56 28.25 -8.08
CA TYR B 375 -49.29 29.51 -8.14
C TYR B 375 -48.91 30.37 -9.33
N ASP B 376 -47.86 30.02 -10.07
CA ASP B 376 -47.53 30.74 -11.30
C ASP B 376 -48.42 30.25 -12.43
N ASN B 377 -48.82 31.18 -13.30
CA ASN B 377 -49.79 30.85 -14.34
C ASN B 377 -49.14 30.10 -15.49
N VAL B 378 -48.12 30.69 -16.11
CA VAL B 378 -47.59 30.20 -17.39
C VAL B 378 -46.18 29.65 -17.24
N VAL B 379 -45.21 30.50 -16.88
CA VAL B 379 -43.81 30.17 -17.12
C VAL B 379 -43.42 28.90 -16.38
N ARG B 380 -43.67 28.84 -15.07
CA ARG B 380 -43.18 27.72 -14.28
C ARG B 380 -43.80 26.41 -14.73
N GLN B 381 -45.08 26.44 -15.11
CA GLN B 381 -45.77 25.24 -15.56
C GLN B 381 -45.68 25.04 -17.07
N LEU B 382 -45.65 26.13 -17.85
CA LEU B 382 -45.48 25.99 -19.29
C LEU B 382 -44.13 25.40 -19.63
N LEU B 383 -43.11 25.68 -18.82
CA LEU B 383 -41.81 25.06 -19.05
C LEU B 383 -41.92 23.54 -18.98
N ALA B 384 -42.52 23.03 -17.90
CA ALA B 384 -42.69 21.59 -17.77
C ALA B 384 -43.59 21.05 -18.87
N ALA B 385 -44.62 21.80 -19.25
CA ALA B 385 -45.51 21.34 -20.31
C ALA B 385 -44.74 21.14 -21.62
N LEU B 386 -43.97 22.14 -22.03
CA LEU B 386 -43.21 22.03 -23.28
C LEU B 386 -42.02 21.09 -23.15
N ALA B 387 -41.58 20.78 -21.93
CA ALA B 387 -40.46 19.88 -21.75
C ALA B 387 -40.86 18.41 -21.67
N GLN B 388 -42.09 18.12 -21.26
CA GLN B 388 -42.53 16.75 -21.07
C GLN B 388 -43.69 16.34 -21.95
N SER B 389 -44.72 17.19 -22.08
CA SER B 389 -45.94 16.78 -22.78
C SER B 389 -45.64 16.43 -24.23
N ASN B 390 -44.82 17.23 -24.91
CA ASN B 390 -44.50 16.95 -26.30
C ASN B 390 -43.61 15.71 -26.43
N HIS B 391 -42.83 15.39 -25.41
CA HIS B 391 -41.92 14.26 -25.49
C HIS B 391 -42.64 12.92 -25.46
N ASP B 392 -43.88 12.88 -24.96
CA ASP B 392 -44.65 11.64 -24.92
C ASP B 392 -45.27 11.35 -26.28
N LEU C 42 -17.87 11.00 -12.80
CA LEU C 42 -16.68 11.63 -12.21
C LEU C 42 -17.07 12.63 -11.12
N GLN C 43 -16.10 13.44 -10.71
CA GLN C 43 -16.28 14.40 -9.63
C GLN C 43 -16.17 15.83 -10.17
N LEU C 44 -16.82 16.76 -9.48
CA LEU C 44 -16.81 18.17 -9.84
C LEU C 44 -16.04 18.96 -8.79
N LYS C 45 -15.28 19.95 -9.25
CA LYS C 45 -14.36 20.68 -8.39
C LYS C 45 -15.05 21.88 -7.73
N LEU C 46 -14.57 22.23 -6.54
CA LEU C 46 -15.04 23.40 -5.81
C LEU C 46 -13.87 24.12 -5.15
N GLU C 47 -12.69 24.07 -5.77
CA GLU C 47 -11.46 24.51 -5.11
C GLU C 47 -11.11 25.96 -5.38
N LEU C 48 -11.44 26.50 -6.56
CA LEU C 48 -11.28 27.94 -6.79
C LEU C 48 -9.86 28.38 -6.47
N PRO C 49 -8.91 28.20 -7.41
CA PRO C 49 -7.48 28.13 -7.04
C PRO C 49 -7.00 29.13 -6.00
N PHE C 50 -7.59 30.33 -5.97
CA PHE C 50 -7.18 31.31 -4.97
C PHE C 50 -7.30 30.75 -3.57
N ASP C 51 -8.40 30.03 -3.29
CA ASP C 51 -8.59 29.43 -1.97
C ASP C 51 -7.51 28.39 -1.68
N ARG C 52 -7.17 27.56 -2.67
CA ARG C 52 -6.17 26.53 -2.44
C ARG C 52 -4.80 27.14 -2.21
N VAL C 53 -4.48 28.21 -2.93
CA VAL C 53 -3.22 28.91 -2.68
C VAL C 53 -3.21 29.48 -1.27
N VAL C 54 -4.33 30.07 -0.84
CA VAL C 54 -4.40 30.65 0.49
C VAL C 54 -4.19 29.57 1.55
N THR C 55 -4.92 28.46 1.45
CA THR C 55 -4.80 27.42 2.45
C THR C 55 -3.40 26.81 2.44
N ILE C 56 -2.82 26.63 1.25
CA ILE C 56 -1.44 26.14 1.17
C ILE C 56 -0.52 27.05 1.98
N GLY C 57 -0.42 28.32 1.56
CA GLY C 57 0.50 29.25 2.19
C GLY C 57 0.14 29.60 3.61
N THR C 58 -1.04 29.23 4.08
CA THR C 58 -1.49 29.56 5.43
C THR C 58 -1.38 28.40 6.40
N VAL C 59 -1.40 27.16 5.92
CA VAL C 59 -1.38 25.98 6.78
C VAL C 59 -0.20 25.07 6.45
N LEU C 60 -0.05 24.69 5.18
CA LEU C 60 0.93 23.67 4.84
C LEU C 60 2.35 24.17 5.11
N VAL C 61 2.65 25.41 4.71
CA VAL C 61 3.98 25.97 4.98
C VAL C 61 4.25 26.05 6.48
N PRO C 62 3.37 26.62 7.30
CA PRO C 62 3.63 26.63 8.75
C PRO C 62 3.80 25.23 9.33
N ILE C 63 3.08 24.24 8.80
CA ILE C 63 3.28 22.87 9.28
C ILE C 63 4.68 22.38 8.94
N LEU C 64 5.16 22.70 7.74
CA LEU C 64 6.52 22.32 7.37
C LEU C 64 7.54 22.99 8.28
N LEU C 65 7.35 24.28 8.57
CA LEU C 65 8.27 24.96 9.47
C LEU C 65 8.20 24.36 10.87
N VAL C 66 7.00 23.97 11.31
CA VAL C 66 6.84 23.38 12.63
C VAL C 66 7.60 22.06 12.72
N THR C 67 7.45 21.21 11.72
CA THR C 67 8.17 19.93 11.75
C THR C 67 9.67 20.13 11.62
N LEU C 68 10.10 21.15 10.87
CA LEU C 68 11.52 21.47 10.82
C LEU C 68 12.04 21.89 12.20
N VAL C 69 11.28 22.72 12.90
CA VAL C 69 11.68 23.16 14.24
C VAL C 69 11.73 21.97 15.19
N PHE C 70 10.73 21.08 15.10
CA PHE C 70 10.74 19.88 15.94
C PHE C 70 11.97 19.02 15.66
N THR C 71 12.29 18.82 14.39
CA THR C 71 13.47 18.02 14.05
C THR C 71 14.74 18.66 14.59
N LYS C 72 14.88 19.98 14.43
CA LYS C 72 16.06 20.66 14.95
C LYS C 72 16.15 20.55 16.46
N ASN C 73 15.03 20.74 17.15
CA ASN C 73 15.04 20.73 18.62
C ASN C 73 15.34 19.35 19.17
N PHE C 74 14.76 18.31 18.59
CA PHE C 74 14.98 16.95 19.09
C PHE C 74 16.31 16.37 18.64
N ALA C 75 16.86 16.83 17.52
CA ALA C 75 18.21 16.42 17.13
C ALA C 75 19.24 16.99 18.09
N GLU C 76 19.03 18.21 18.55
CA GLU C 76 19.93 18.86 19.50
C GLU C 76 19.60 18.38 20.92
N GLU C 77 20.22 19.02 21.91
CA GLU C 77 19.95 18.79 23.32
C GLU C 77 19.08 19.92 23.86
N PRO C 78 18.19 19.66 24.81
CA PRO C 78 17.31 20.73 25.31
C PRO C 78 18.05 21.98 25.76
N ILE C 79 18.98 21.84 26.70
CA ILE C 79 19.63 22.99 27.32
C ILE C 79 21.08 22.63 27.62
N TYR C 80 21.94 23.65 27.69
CA TYR C 80 23.36 23.47 27.98
C TYR C 80 23.71 24.30 29.21
N CYS C 81 24.00 23.64 30.33
CA CYS C 81 24.24 24.32 31.60
C CYS C 81 25.67 24.09 32.06
N TYR C 82 26.33 25.18 32.48
CA TYR C 82 27.72 25.15 32.90
C TYR C 82 27.80 24.78 34.39
N THR C 83 27.59 23.50 34.65
CA THR C 83 27.57 23.02 36.03
C THR C 83 28.95 23.21 36.66
N PRO C 84 29.00 23.54 37.97
CA PRO C 84 30.31 23.73 38.62
C PRO C 84 31.17 22.47 38.60
N HIS C 85 32.40 22.59 39.08
CA HIS C 85 33.30 21.44 39.11
C HIS C 85 32.87 20.41 40.15
N ASN C 86 32.38 20.88 41.30
CA ASN C 86 32.01 19.95 42.37
C ASN C 86 30.92 18.99 41.94
N PHE C 87 30.03 19.43 41.05
CA PHE C 87 28.90 18.60 40.66
C PHE C 87 29.36 17.26 40.11
N THR C 88 28.70 16.19 40.55
CA THR C 88 28.86 14.89 39.93
C THR C 88 28.07 14.87 38.63
N ARG C 89 28.03 13.72 37.95
CA ARG C 89 27.29 13.64 36.70
C ARG C 89 25.78 13.60 36.96
N ASP C 90 25.35 12.88 37.99
CA ASP C 90 23.93 12.83 38.32
C ASP C 90 23.41 14.20 38.73
N GLN C 91 24.17 14.92 39.56
CA GLN C 91 23.74 16.26 39.96
C GLN C 91 23.74 17.20 38.76
N ALA C 92 24.70 17.06 37.86
CA ALA C 92 24.72 17.89 36.67
C ALA C 92 23.50 17.62 35.79
N LEU C 93 23.11 16.35 35.66
CA LEU C 93 21.90 16.01 34.93
C LEU C 93 20.68 16.63 35.61
N TYR C 94 20.63 16.56 36.94
CA TYR C 94 19.53 17.18 37.65
C TYR C 94 19.46 18.68 37.36
N ALA C 95 20.62 19.34 37.34
CA ALA C 95 20.64 20.78 37.07
C ALA C 95 20.17 21.06 35.65
N ARG C 96 20.68 20.32 34.67
CA ARG C 96 20.31 20.54 33.28
C ARG C 96 18.85 20.19 33.02
N GLY C 97 18.22 19.41 33.90
CA GLY C 97 16.81 19.14 33.77
C GLY C 97 15.94 20.17 34.49
N TYR C 98 16.34 20.54 35.69
CA TYR C 98 15.60 21.50 36.48
C TYR C 98 15.58 22.87 35.81
N CYS C 99 16.75 23.32 35.34
CA CYS C 99 16.83 24.65 34.72
C CYS C 99 16.06 24.71 33.41
N TRP C 100 15.75 23.57 32.80
CA TRP C 100 14.94 23.53 31.59
C TRP C 100 13.46 23.29 31.90
N THR C 101 13.14 22.74 33.07
CA THR C 101 11.75 22.64 33.48
C THR C 101 11.29 23.95 34.13
N GLU C 102 12.04 24.46 35.10
CA GLU C 102 11.73 25.76 35.69
C GLU C 102 11.82 26.85 34.62
N LEU C 103 12.94 26.92 33.91
CA LEU C 103 13.09 27.81 32.76
C LEU C 103 12.76 29.25 33.13
N ARG C 104 13.28 29.71 34.26
CA ARG C 104 13.04 31.07 34.75
C ARG C 104 14.38 31.71 35.09
N ASP C 105 14.69 32.81 34.40
CA ASP C 105 15.96 33.48 34.58
C ASP C 105 16.01 34.22 35.91
N ALA C 106 17.19 34.21 36.53
CA ALA C 106 17.43 34.89 37.80
C ALA C 106 18.12 36.23 37.53
N LEU C 107 18.49 36.90 38.61
CA LEU C 107 19.13 38.20 38.58
C LEU C 107 20.34 38.18 39.49
N PRO C 108 21.32 39.08 39.27
CA PRO C 108 22.55 39.04 40.07
C PRO C 108 22.27 39.02 41.57
N GLY C 109 21.60 40.05 42.08
CA GLY C 109 21.09 40.03 43.42
C GLY C 109 19.72 39.37 43.46
N VAL C 110 19.15 39.31 44.66
CA VAL C 110 17.78 38.82 44.78
C VAL C 110 16.86 39.64 43.87
N ASP C 111 16.73 40.94 44.17
CA ASP C 111 16.13 41.91 43.26
C ASP C 111 14.65 41.68 43.01
N ALA C 112 14.11 40.55 43.48
CA ALA C 112 12.70 40.23 43.30
C ALA C 112 12.45 38.85 43.89
N SER C 113 11.16 38.52 44.01
CA SER C 113 10.74 37.13 44.11
C SER C 113 10.14 36.62 42.80
N LEU C 114 9.73 37.53 41.91
CA LEU C 114 9.23 37.19 40.58
C LEU C 114 10.18 37.83 39.57
N TRP C 115 11.09 37.02 39.03
CA TRP C 115 12.06 37.47 38.04
C TRP C 115 11.73 36.91 36.67
N PRO C 116 12.20 37.55 35.59
CA PRO C 116 11.63 37.28 34.27
C PRO C 116 11.74 35.81 33.87
N SER C 117 10.72 35.35 33.15
CA SER C 117 10.60 33.96 32.71
C SER C 117 10.95 33.86 31.23
N LEU C 118 11.11 32.61 30.77
CA LEU C 118 11.42 32.31 29.38
C LEU C 118 10.57 31.15 28.87
N PHE C 119 9.37 30.97 29.41
CA PHE C 119 8.57 29.80 29.07
C PHE C 119 8.23 29.77 27.58
N GLU C 120 8.13 30.94 26.94
CA GLU C 120 7.68 30.97 25.55
C GLU C 120 8.70 30.30 24.62
N HIS C 121 9.99 30.39 24.92
CA HIS C 121 10.98 29.69 24.11
C HIS C 121 10.72 28.19 24.09
N LYS C 122 10.21 27.65 25.20
CA LYS C 122 9.87 26.24 25.29
C LYS C 122 8.48 25.93 24.74
N PHE C 123 7.57 26.90 24.74
CA PHE C 123 6.18 26.67 24.39
C PHE C 123 5.84 26.97 22.93
N LEU C 124 6.67 27.76 22.23
CA LEU C 124 6.31 28.18 20.89
C LEU C 124 6.06 27.01 19.94
N PRO C 125 6.94 26.01 19.82
CA PRO C 125 6.75 24.99 18.78
C PRO C 125 5.47 24.18 18.94
N TYR C 126 4.70 24.45 19.99
CA TYR C 126 3.33 23.94 20.12
C TYR C 126 2.29 25.00 19.78
N ALA C 127 2.55 26.25 20.15
CA ALA C 127 1.65 27.33 19.76
C ALA C 127 1.58 27.46 18.25
N LEU C 128 2.67 27.15 17.54
CA LEU C 128 2.63 27.18 16.08
C LEU C 128 1.68 26.12 15.54
N LEU C 129 1.70 24.91 16.11
CA LEU C 129 0.74 23.89 15.71
C LEU C 129 -0.68 24.35 16.01
N ALA C 130 -0.89 24.95 17.17
CA ALA C 130 -2.22 25.45 17.51
C ALA C 130 -2.70 26.48 16.50
N PHE C 131 -1.82 27.39 16.11
CA PHE C 131 -2.18 28.40 15.11
C PHE C 131 -2.48 27.76 13.77
N ALA C 132 -1.70 26.76 13.37
CA ALA C 132 -1.94 26.09 12.10
C ALA C 132 -3.33 25.45 12.10
N ALA C 133 -3.67 24.73 13.18
CA ALA C 133 -4.99 24.12 13.26
C ALA C 133 -6.09 25.17 13.27
N ILE C 134 -5.89 26.26 14.01
CA ILE C 134 -6.91 27.30 14.10
C ILE C 134 -7.17 27.90 12.73
N MET C 135 -6.10 28.16 11.97
CA MET C 135 -6.27 28.75 10.65
C MET C 135 -6.75 27.75 9.61
N TYR C 136 -6.57 26.46 9.85
CA TYR C 136 -7.18 25.45 8.99
C TYR C 136 -8.66 25.28 9.28
N VAL C 137 -9.11 25.64 10.50
CA VAL C 137 -10.51 25.47 10.85
C VAL C 137 -11.46 26.14 9.85
N PRO C 138 -11.29 27.42 9.49
CA PRO C 138 -12.31 28.07 8.65
C PRO C 138 -12.57 27.36 7.33
N ALA C 139 -11.53 26.81 6.70
CA ALA C 139 -11.76 26.06 5.46
C ALA C 139 -12.68 24.87 5.71
N LEU C 140 -12.43 24.13 6.78
CA LEU C 140 -13.28 22.99 7.13
C LEU C 140 -14.71 23.45 7.43
N GLY C 141 -14.85 24.58 8.13
CA GLY C 141 -16.18 25.09 8.43
C GLY C 141 -16.95 25.44 7.17
N TRP C 142 -16.30 26.14 6.24
CA TRP C 142 -16.96 26.49 4.98
C TRP C 142 -17.31 25.24 4.20
N GLU C 143 -16.41 24.26 4.16
CA GLU C 143 -16.72 23.01 3.49
C GLU C 143 -17.97 22.37 4.07
N PHE C 144 -18.00 22.21 5.39
CA PHE C 144 -19.14 21.57 6.03
C PHE C 144 -20.43 22.34 5.79
N LEU C 145 -20.36 23.68 5.75
CA LEU C 145 -21.56 24.49 5.65
C LEU C 145 -22.02 24.70 4.20
N ALA C 146 -21.18 24.44 3.20
CA ALA C 146 -21.53 24.74 1.83
C ALA C 146 -21.46 23.55 0.87
N SER C 147 -20.97 22.39 1.30
CA SER C 147 -20.79 21.28 0.39
C SER C 147 -22.07 20.97 -0.38
N THR C 148 -23.13 20.57 0.34
CA THR C 148 -24.35 20.11 -0.31
C THR C 148 -24.99 21.23 -1.12
N ARG C 149 -25.08 22.43 -0.54
CA ARG C 149 -25.78 23.52 -1.22
C ARG C 149 -25.08 23.88 -2.52
N LEU C 150 -23.76 24.08 -2.49
CA LEU C 150 -23.05 24.44 -3.71
C LEU C 150 -23.06 23.30 -4.70
N THR C 151 -22.95 22.05 -4.22
CA THR C 151 -23.03 20.91 -5.13
C THR C 151 -24.33 20.95 -5.91
N SER C 152 -25.45 21.08 -5.21
CA SER C 152 -26.75 21.09 -5.87
C SER C 152 -26.87 22.28 -6.82
N GLU C 153 -26.47 23.48 -6.36
CA GLU C 153 -26.63 24.67 -7.17
C GLU C 153 -25.83 24.57 -8.47
N LEU C 154 -24.58 24.14 -8.37
CA LEU C 154 -23.74 24.05 -9.55
C LEU C 154 -24.17 22.89 -10.45
N ASN C 155 -24.66 21.80 -9.88
CA ASN C 155 -25.18 20.71 -10.69
C ASN C 155 -26.37 21.18 -11.52
N PHE C 156 -27.24 21.98 -10.92
CA PHE C 156 -28.35 22.56 -11.68
C PHE C 156 -27.84 23.54 -12.73
N LEU C 157 -26.87 24.40 -12.35
CA LEU C 157 -26.44 25.47 -13.23
C LEU C 157 -25.73 24.94 -14.47
N LEU C 158 -24.91 23.90 -14.32
CA LEU C 158 -24.19 23.37 -15.48
C LEU C 158 -25.15 22.81 -16.51
N GLN C 159 -26.15 22.05 -16.06
CA GLN C 159 -27.15 21.53 -16.99
C GLN C 159 -27.95 22.67 -17.61
N GLU C 160 -28.29 23.69 -16.81
CA GLU C 160 -29.06 24.81 -17.35
C GLU C 160 -28.28 25.54 -18.44
N ILE C 161 -26.99 25.76 -18.24
CA ILE C 161 -26.20 26.46 -19.25
C ILE C 161 -26.00 25.57 -20.48
N ASP C 162 -25.84 24.26 -20.28
CA ASP C 162 -25.77 23.35 -21.42
C ASP C 162 -27.03 23.46 -22.28
N ASN C 163 -28.20 23.40 -21.64
CA ASN C 163 -29.44 23.54 -22.38
C ASN C 163 -29.55 24.92 -23.01
N CYS C 164 -29.08 25.95 -22.32
CA CYS C 164 -29.13 27.30 -22.88
C CYS C 164 -28.33 27.41 -24.16
N TYR C 165 -27.14 26.82 -24.19
CA TYR C 165 -26.34 26.88 -25.41
C TYR C 165 -26.88 25.96 -26.49
N HIS C 166 -27.53 24.86 -26.12
CA HIS C 166 -28.25 24.08 -27.13
C HIS C 166 -29.36 24.92 -27.76
N ARG C 167 -30.10 25.66 -26.95
CA ARG C 167 -31.11 26.57 -27.48
C ARG C 167 -30.48 27.66 -28.35
N ALA C 168 -29.29 28.13 -27.96
CA ALA C 168 -28.60 29.11 -28.80
C ALA C 168 -28.29 28.52 -30.17
N ALA C 169 -27.83 27.27 -30.21
CA ALA C 169 -27.60 26.60 -31.48
C ALA C 169 -28.90 26.50 -32.27
N GLU C 170 -29.99 26.15 -31.60
CA GLU C 170 -31.28 26.06 -32.29
C GLU C 170 -31.70 27.42 -32.86
N GLY C 171 -31.51 28.50 -32.09
CA GLY C 171 -32.03 29.79 -32.46
C GLY C 171 -31.19 30.56 -33.45
N ARG C 172 -29.90 30.24 -33.56
CA ARG C 172 -29.10 30.88 -34.60
C ARG C 172 -29.50 30.42 -36.00
N ALA C 173 -30.10 29.23 -36.12
CA ALA C 173 -30.44 28.71 -37.44
C ALA C 173 -31.39 29.62 -38.22
N PRO C 174 -32.53 30.05 -37.66
CA PRO C 174 -33.45 30.91 -38.44
C PRO C 174 -32.88 32.28 -38.78
N LYS C 175 -31.79 32.71 -38.13
CA LYS C 175 -31.27 34.05 -38.39
C LYS C 175 -30.75 34.18 -39.82
N ILE C 176 -30.08 33.14 -40.34
CA ILE C 176 -29.58 33.21 -41.71
C ILE C 176 -30.75 33.27 -42.69
N GLU C 177 -31.80 32.50 -42.43
CA GLU C 177 -32.98 32.56 -43.29
C GLU C 177 -33.62 33.94 -43.26
N LYS C 178 -33.68 34.55 -42.07
CA LYS C 178 -34.23 35.90 -41.98
C LYS C 178 -33.38 36.89 -42.76
N GLN C 179 -32.05 36.77 -42.64
CA GLN C 179 -31.17 37.67 -43.37
C GLN C 179 -31.35 37.51 -44.88
N ILE C 180 -31.44 36.27 -45.36
CA ILE C 180 -31.65 36.06 -46.79
C ILE C 180 -33.02 36.60 -47.21
N GLN C 181 -34.02 36.48 -46.34
CA GLN C 181 -35.32 37.08 -46.62
C GLN C 181 -35.20 38.59 -46.80
N SER C 182 -34.41 39.24 -45.94
CA SER C 182 -34.14 40.66 -46.12
C SER C 182 -33.46 40.91 -47.46
N LYS C 183 -32.69 39.95 -47.95
CA LYS C 183 -32.01 40.07 -49.24
C LYS C 183 -32.77 39.33 -50.33
N GLU C 189 -31.58 50.73 -39.82
CA GLU C 189 -30.57 49.85 -40.39
C GLU C 189 -31.08 48.42 -40.45
N ARG C 190 -30.70 47.71 -41.52
CA ARG C 190 -31.18 46.35 -41.70
C ARG C 190 -30.69 45.43 -40.59
N GLU C 191 -29.38 45.43 -40.34
CA GLU C 191 -28.82 44.54 -39.32
C GLU C 191 -29.38 44.87 -37.94
N LYS C 192 -29.43 46.16 -37.60
CA LYS C 192 -29.89 46.55 -36.27
C LYS C 192 -31.36 46.18 -36.07
N ARG C 193 -32.20 46.44 -37.07
CA ARG C 193 -33.62 46.10 -36.93
C ARG C 193 -33.80 44.59 -36.87
N GLU C 194 -33.01 43.84 -37.63
CA GLU C 194 -33.08 42.38 -37.56
C GLU C 194 -32.73 41.89 -36.16
N ILE C 195 -31.65 42.44 -35.59
CA ILE C 195 -31.25 42.04 -34.24
C ILE C 195 -32.32 42.41 -33.22
N ILE C 196 -32.91 43.60 -33.37
CA ILE C 196 -33.94 44.03 -32.42
C ILE C 196 -35.14 43.10 -32.48
N GLU C 197 -35.63 42.81 -33.69
CA GLU C 197 -36.80 41.94 -33.81
C GLU C 197 -36.47 40.53 -33.32
N ASN C 198 -35.25 40.06 -33.57
CA ASN C 198 -34.85 38.76 -33.05
C ASN C 198 -34.87 38.76 -31.53
N ALA C 199 -34.36 39.82 -30.90
CA ALA C 199 -34.39 39.90 -29.46
C ALA C 199 -35.82 39.88 -28.94
N GLU C 200 -36.72 40.61 -29.60
CA GLU C 200 -38.11 40.65 -29.14
C GLU C 200 -38.78 39.28 -29.28
N LYS C 201 -38.62 38.61 -30.42
CA LYS C 201 -39.41 37.44 -30.74
C LYS C 201 -38.73 36.11 -30.41
N GLU C 202 -37.49 36.13 -29.94
CA GLU C 202 -36.74 34.90 -29.72
C GLU C 202 -36.94 34.31 -28.32
N LYS C 203 -37.59 35.04 -27.41
CA LYS C 203 -37.66 34.61 -26.03
C LYS C 203 -38.23 33.20 -25.93
N SER C 204 -37.42 32.25 -25.51
CA SER C 204 -37.80 30.85 -25.41
C SER C 204 -38.26 30.51 -24.00
N PRO C 205 -38.94 29.37 -23.81
CA PRO C 205 -39.37 28.99 -22.46
C PRO C 205 -38.22 28.94 -21.46
N GLU C 206 -37.21 28.11 -21.76
CA GLU C 206 -36.09 28.00 -20.85
C GLU C 206 -35.32 29.30 -20.72
N GLN C 207 -35.45 30.21 -21.69
CA GLN C 207 -34.88 31.55 -21.51
C GLN C 207 -35.61 32.30 -20.41
N ASN C 208 -36.94 32.20 -20.36
CA ASN C 208 -37.67 32.76 -19.22
C ASN C 208 -37.30 32.05 -17.93
N LEU C 209 -37.04 30.73 -18.00
CA LEU C 209 -36.52 30.02 -16.84
C LEU C 209 -35.22 30.64 -16.35
N PHE C 210 -34.29 30.89 -17.27
CA PHE C 210 -33.02 31.52 -16.91
C PHE C 210 -33.24 32.90 -16.31
N GLU C 211 -34.13 33.69 -16.91
CA GLU C 211 -34.39 35.03 -16.40
C GLU C 211 -34.92 34.99 -14.97
N LYS C 212 -35.89 34.11 -14.72
CA LYS C 212 -36.44 33.98 -13.37
C LYS C 212 -35.38 33.49 -12.40
N TYR C 213 -34.56 32.53 -12.82
CA TYR C 213 -33.51 32.01 -11.94
C TYR C 213 -32.54 33.12 -11.56
N LEU C 214 -32.09 33.90 -12.55
CA LEU C 214 -31.16 34.98 -12.27
C LEU C 214 -31.80 36.03 -11.38
N GLU C 215 -33.06 36.37 -11.63
CA GLU C 215 -33.74 37.37 -10.81
C GLU C 215 -33.85 36.92 -9.36
N ARG C 216 -34.14 35.63 -9.14
CA ARG C 216 -34.27 35.14 -7.78
C ARG C 216 -32.91 34.98 -7.10
N ARG C 217 -31.86 34.67 -7.86
CA ARG C 217 -30.52 34.56 -7.27
C ARG C 217 -29.96 35.92 -6.91
N GLY C 218 -30.22 36.94 -7.73
CA GLY C 218 -29.66 38.25 -7.49
C GLY C 218 -30.05 38.85 -6.15
N ARG C 219 -31.20 38.44 -5.59
CA ARG C 219 -31.66 38.92 -4.30
C ARG C 219 -31.52 37.88 -3.21
N SER C 220 -30.67 36.87 -3.42
CA SER C 220 -30.42 35.81 -2.43
C SER C 220 -28.90 35.71 -2.27
N ASN C 221 -28.36 36.53 -1.36
CA ASN C 221 -26.92 36.66 -1.17
C ASN C 221 -26.36 35.68 -0.16
N PHE C 222 -27.01 34.52 0.01
CA PHE C 222 -26.58 33.58 1.03
C PHE C 222 -25.15 33.10 0.79
N LEU C 223 -24.86 32.66 -0.43
CA LEU C 223 -23.53 32.10 -0.70
C LEU C 223 -22.45 33.18 -0.69
N ALA C 224 -22.78 34.38 -1.21
CA ALA C 224 -21.83 35.48 -1.09
C ALA C 224 -21.60 35.84 0.37
N LYS C 225 -22.65 35.85 1.18
CA LYS C 225 -22.50 36.05 2.61
C LYS C 225 -21.54 35.02 3.19
N LEU C 226 -21.74 33.75 2.85
CA LEU C 226 -20.90 32.69 3.42
C LEU C 226 -19.45 32.84 2.99
N TYR C 227 -19.22 33.17 1.72
CA TYR C 227 -17.84 33.31 1.24
C TYR C 227 -17.14 34.50 1.91
N LEU C 228 -17.81 35.64 1.96
CA LEU C 228 -17.23 36.80 2.63
C LEU C 228 -16.96 36.48 4.10
N ALA C 229 -17.89 35.76 4.75
CA ALA C 229 -17.68 35.37 6.13
C ALA C 229 -16.46 34.47 6.27
N ARG C 230 -16.31 33.50 5.37
CA ARG C 230 -15.16 32.61 5.45
C ARG C 230 -13.86 33.38 5.34
N HIS C 231 -13.74 34.26 4.36
CA HIS C 231 -12.47 34.93 4.14
C HIS C 231 -12.20 35.97 5.23
N VAL C 232 -13.24 36.67 5.69
CA VAL C 232 -13.05 37.59 6.80
C VAL C 232 -12.69 36.83 8.07
N LEU C 233 -13.23 35.63 8.26
CA LEU C 233 -12.86 34.82 9.41
C LEU C 233 -11.41 34.36 9.31
N ILE C 234 -10.95 34.02 8.11
CA ILE C 234 -9.54 33.68 7.94
C ILE C 234 -8.67 34.87 8.31
N LEU C 235 -9.05 36.07 7.86
CA LEU C 235 -8.28 37.26 8.20
C LEU C 235 -8.28 37.50 9.71
N LEU C 236 -9.44 37.39 10.35
CA LEU C 236 -9.52 37.63 11.79
C LEU C 236 -8.70 36.60 12.57
N LEU C 237 -8.74 35.34 12.16
CA LEU C 237 -7.95 34.32 12.82
C LEU C 237 -6.45 34.57 12.60
N SER C 238 -6.08 35.03 11.41
CA SER C 238 -4.69 35.41 11.17
C SER C 238 -4.27 36.57 12.05
N ALA C 239 -5.22 37.42 12.46
CA ALA C 239 -4.89 38.54 13.32
C ALA C 239 -4.22 38.10 14.61
N VAL C 240 -4.54 36.89 15.09
CA VAL C 240 -4.05 36.43 16.39
C VAL C 240 -2.56 36.06 16.30
N PRO C 241 -2.20 35.05 15.50
CA PRO C 241 -0.78 34.64 15.48
C PRO C 241 0.15 35.73 15.00
N ILE C 242 -0.30 36.61 14.11
CA ILE C 242 0.53 37.74 13.71
C ILE C 242 0.91 38.55 14.94
N SER C 243 -0.08 38.92 15.75
CA SER C 243 0.18 39.70 16.95
C SER C 243 1.09 38.94 17.90
N TYR C 244 0.78 37.66 18.15
CA TYR C 244 1.56 36.89 19.12
C TYR C 244 3.01 36.79 18.68
N LEU C 245 3.25 36.38 17.44
CA LEU C 245 4.61 36.21 16.95
C LEU C 245 5.36 37.54 16.93
N CYS C 246 4.70 38.61 16.47
CA CYS C 246 5.36 39.91 16.47
C CYS C 246 5.73 40.34 17.87
N THR C 247 4.92 39.95 18.86
CA THR C 247 5.29 40.21 20.25
C THR C 247 6.44 39.31 20.69
N TYR C 248 6.52 38.11 20.14
CA TYR C 248 7.56 37.15 20.50
C TYR C 248 8.87 37.40 19.74
N TYR C 249 8.77 37.80 18.47
CA TYR C 249 9.95 38.10 17.67
C TYR C 249 10.57 39.41 18.12
N ALA C 250 9.82 40.21 18.89
CA ALA C 250 10.30 41.51 19.32
C ALA C 250 10.65 41.60 20.80
N THR C 251 10.03 40.82 21.68
CA THR C 251 10.33 40.87 23.11
C THR C 251 11.29 39.77 23.53
N GLN C 252 10.92 38.51 23.26
CA GLN C 252 11.76 37.38 23.67
C GLN C 252 12.91 37.22 22.68
N LYS C 253 14.09 37.70 23.08
CA LYS C 253 15.30 37.48 22.32
C LYS C 253 16.43 36.91 23.16
N GLN C 254 16.20 36.64 24.44
CA GLN C 254 17.24 36.07 25.29
C GLN C 254 17.60 34.67 24.83
N ASN C 255 18.89 34.34 24.97
CA ASN C 255 19.39 33.01 24.65
C ASN C 255 20.00 32.36 25.88
N GLU C 256 20.50 33.20 26.79
CA GLU C 256 21.26 32.75 27.95
C GLU C 256 20.62 33.28 29.22
N PHE C 257 20.55 32.44 30.25
CA PHE C 257 20.08 32.89 31.56
C PHE C 257 20.92 32.21 32.64
N THR C 258 20.60 32.51 33.89
CA THR C 258 21.30 31.95 35.04
C THR C 258 20.26 31.49 36.06
N CYS C 259 20.05 30.18 36.12
CA CYS C 259 19.08 29.59 37.04
C CYS C 259 19.69 29.39 38.41
N ALA C 260 18.85 29.16 39.40
CA ALA C 260 19.26 28.96 40.78
C ALA C 260 18.67 27.66 41.29
N LEU C 261 19.55 26.68 41.57
CA LEU C 261 19.09 25.41 42.12
C LEU C 261 18.76 25.58 43.60
N GLY C 262 17.73 24.88 44.05
CA GLY C 262 17.16 25.13 45.37
C GLY C 262 17.59 24.19 46.47
N ALA C 263 17.54 22.88 46.22
CA ALA C 263 17.72 21.91 47.29
C ALA C 263 19.12 22.00 47.89
N SER C 264 20.13 21.70 47.08
CA SER C 264 21.51 21.75 47.53
C SER C 264 21.73 20.83 48.74
N PRO C 265 21.67 19.51 48.55
CA PRO C 265 22.03 18.60 49.66
C PRO C 265 23.52 18.65 49.96
N ASP C 266 23.98 17.80 50.88
CA ASP C 266 25.34 17.77 51.41
C ASP C 266 25.52 18.82 52.50
N GLY C 267 24.45 19.43 52.98
CA GLY C 267 24.57 20.43 54.04
C GLY C 267 25.06 19.87 55.36
N ALA C 268 24.96 18.55 55.55
CA ALA C 268 25.39 17.91 56.79
C ALA C 268 24.66 18.51 57.99
N ALA C 269 23.34 18.30 58.01
CA ALA C 269 22.44 18.86 59.01
C ALA C 269 22.30 20.37 58.88
N GLY C 270 22.71 20.93 57.74
CA GLY C 270 22.59 22.35 57.48
C GLY C 270 21.77 22.61 56.23
N ALA C 271 21.52 23.90 55.98
CA ALA C 271 20.73 24.30 54.82
C ALA C 271 21.42 23.90 53.53
N GLY C 272 22.61 24.44 53.29
CA GLY C 272 23.35 24.16 52.08
C GLY C 272 23.49 25.39 51.21
N PRO C 273 24.45 25.37 50.28
CA PRO C 273 24.67 26.54 49.41
C PRO C 273 23.75 26.49 48.20
N ALA C 274 22.98 27.57 48.01
CA ALA C 274 22.13 27.69 46.84
C ALA C 274 23.00 28.07 45.64
N VAL C 275 23.16 27.16 44.70
CA VAL C 275 24.07 27.33 43.59
C VAL C 275 23.36 28.01 42.43
N ARG C 276 24.10 28.84 41.71
CA ARG C 276 23.62 29.51 40.51
C ARG C 276 24.37 28.96 39.30
N VAL C 277 23.63 28.49 38.31
CA VAL C 277 24.18 27.79 37.15
C VAL C 277 23.76 28.54 35.90
N SER C 278 24.73 28.88 35.06
CA SER C 278 24.48 29.61 33.83
C SER C 278 24.14 28.62 32.72
N CYS C 279 22.96 28.80 32.10
CA CYS C 279 22.48 27.92 31.06
C CYS C 279 22.23 28.69 29.78
N LYS C 280 22.37 27.98 28.66
CA LYS C 280 22.17 28.53 27.33
C LYS C 280 21.26 27.58 26.55
N LEU C 281 20.25 28.15 25.88
CA LEU C 281 19.30 27.40 25.06
C LEU C 281 19.82 27.32 23.63
N PRO C 282 19.87 26.14 23.01
CA PRO C 282 20.40 26.04 21.65
C PRO C 282 19.37 26.30 20.55
N SER C 283 18.08 26.20 20.85
CA SER C 283 17.04 26.23 19.82
C SER C 283 16.40 27.59 19.63
N VAL C 284 16.88 28.64 20.31
CA VAL C 284 16.20 29.92 20.24
C VAL C 284 16.41 30.57 18.87
N GLN C 285 17.56 30.34 18.23
CA GLN C 285 17.85 31.04 16.98
C GLN C 285 16.91 30.59 15.86
N LEU C 286 16.76 29.28 15.68
CA LEU C 286 15.89 28.80 14.61
C LEU C 286 14.45 29.18 14.87
N GLN C 287 14.01 29.12 16.13
CA GLN C 287 12.65 29.53 16.45
C GLN C 287 12.45 31.01 16.15
N ARG C 288 13.42 31.84 16.50
CA ARG C 288 13.30 33.27 16.25
C ARG C 288 13.29 33.60 14.77
N ILE C 289 13.97 32.78 13.96
CA ILE C 289 13.95 32.99 12.51
C ILE C 289 12.62 32.52 11.91
N ILE C 290 12.15 31.34 12.34
CA ILE C 290 10.88 30.81 11.83
C ILE C 290 9.73 31.73 12.22
N ALA C 291 9.81 32.37 13.39
CA ALA C 291 8.77 33.31 13.78
C ALA C 291 8.65 34.44 12.78
N GLY C 292 9.78 35.03 12.39
CA GLY C 292 9.76 36.08 11.39
C GLY C 292 9.26 35.58 10.05
N VAL C 293 9.70 34.39 9.65
CA VAL C 293 9.26 33.84 8.37
C VAL C 293 7.74 33.68 8.36
N ASP C 294 7.18 33.12 9.43
CA ASP C 294 5.74 32.94 9.51
C ASP C 294 5.02 34.28 9.55
N ILE C 295 5.57 35.26 10.27
CA ILE C 295 4.95 36.58 10.33
C ILE C 295 4.83 37.15 8.93
N VAL C 296 5.94 37.13 8.18
CA VAL C 296 5.93 37.69 6.83
C VAL C 296 4.97 36.93 5.94
N LEU C 297 4.99 35.60 6.01
CA LEU C 297 4.13 34.80 5.15
C LEU C 297 2.66 35.09 5.41
N LEU C 298 2.26 35.13 6.69
CA LEU C 298 0.86 35.35 7.01
C LEU C 298 0.45 36.79 6.72
N CYS C 299 1.35 37.76 6.88
CA CYS C 299 1.02 39.12 6.49
C CYS C 299 0.79 39.22 4.98
N VAL C 300 1.62 38.55 4.19
CA VAL C 300 1.44 38.55 2.74
C VAL C 300 0.12 37.88 2.38
N MET C 301 -0.21 36.78 3.05
CA MET C 301 -1.50 36.13 2.81
C MET C 301 -2.67 37.05 3.16
N ASN C 302 -2.56 37.80 4.26
CA ASN C 302 -3.61 38.75 4.61
C ASN C 302 -3.77 39.81 3.52
N LEU C 303 -2.66 40.34 3.03
CA LEU C 303 -2.73 41.34 1.97
C LEU C 303 -3.35 40.76 0.72
N ILE C 304 -2.98 39.54 0.36
CA ILE C 304 -3.55 38.90 -0.83
C ILE C 304 -5.06 38.72 -0.67
N ILE C 305 -5.49 38.27 0.52
CA ILE C 305 -6.92 38.09 0.75
C ILE C 305 -7.66 39.41 0.60
N LEU C 306 -7.12 40.46 1.21
CA LEU C 306 -7.80 41.77 1.14
C LEU C 306 -7.86 42.28 -0.29
N VAL C 307 -6.77 42.12 -1.04
CA VAL C 307 -6.76 42.59 -2.42
C VAL C 307 -7.77 41.81 -3.25
N ASN C 308 -7.83 40.49 -3.06
CA ASN C 308 -8.79 39.69 -3.83
C ASN C 308 -10.22 40.09 -3.50
N LEU C 309 -10.53 40.30 -2.21
CA LEU C 309 -11.88 40.71 -1.85
C LEU C 309 -12.22 42.07 -2.45
N ILE C 310 -11.29 43.02 -2.37
CA ILE C 310 -11.57 44.35 -2.91
C ILE C 310 -11.80 44.28 -4.41
N HIS C 311 -10.98 43.50 -5.12
CA HIS C 311 -11.16 43.35 -6.55
C HIS C 311 -12.51 42.71 -6.88
N LEU C 312 -12.90 41.69 -6.10
CA LEU C 312 -14.10 40.93 -6.44
C LEU C 312 -15.37 41.69 -6.15
N PHE C 313 -15.43 42.40 -5.01
CA PHE C 313 -16.68 42.98 -4.54
C PHE C 313 -16.80 44.48 -4.75
N ILE C 314 -15.76 45.16 -5.20
CA ILE C 314 -15.84 46.60 -5.39
C ILE C 314 -15.42 46.96 -6.81
N PHE C 315 -14.19 46.59 -7.18
CA PHE C 315 -13.66 46.97 -8.50
C PHE C 315 -14.24 46.13 -9.63
N ARG C 316 -14.65 44.89 -9.36
CA ARG C 316 -15.19 44.04 -10.41
C ARG C 316 -16.48 44.63 -10.96
N LYS C 317 -16.63 44.59 -12.28
CA LYS C 317 -17.81 45.08 -12.96
C LYS C 317 -18.49 44.02 -13.82
N SER C 318 -17.72 43.16 -14.47
CA SER C 318 -18.25 42.11 -15.33
C SER C 318 -17.78 40.75 -14.82
N ASN C 319 -18.69 39.78 -14.80
CA ASN C 319 -18.42 38.44 -14.32
C ASN C 319 -18.41 37.45 -15.49
N PHE C 320 -18.23 36.18 -15.16
CA PHE C 320 -18.08 35.14 -16.17
C PHE C 320 -19.40 34.81 -16.84
N ILE C 321 -20.42 34.43 -16.06
CA ILE C 321 -21.67 33.97 -16.65
C ILE C 321 -22.36 35.11 -17.40
N PHE C 322 -22.33 36.32 -16.85
CA PHE C 322 -22.98 37.45 -17.53
C PHE C 322 -22.37 37.68 -18.90
N ASP C 323 -21.03 37.75 -18.97
CA ASP C 323 -20.37 37.98 -20.24
C ASP C 323 -20.60 36.81 -21.18
N LYS C 324 -20.58 35.58 -20.66
CA LYS C 324 -20.78 34.41 -21.50
C LYS C 324 -22.17 34.42 -22.13
N LEU C 325 -23.19 34.76 -21.35
CA LEU C 325 -24.53 34.88 -21.91
C LEU C 325 -24.62 36.02 -22.92
N HIS C 326 -24.01 37.17 -22.59
CA HIS C 326 -24.02 38.30 -23.51
C HIS C 326 -23.34 37.94 -24.83
N LYS C 327 -22.40 37.01 -24.80
CA LYS C 327 -21.75 36.55 -26.02
C LYS C 327 -22.79 36.10 -27.05
N VAL C 328 -23.73 35.26 -26.61
CA VAL C 328 -24.81 34.84 -27.50
C VAL C 328 -25.85 35.93 -27.67
N GLY C 329 -26.01 36.82 -26.68
CA GLY C 329 -26.91 37.94 -26.80
C GLY C 329 -28.12 37.88 -25.87
N ILE C 330 -28.05 38.60 -24.77
CA ILE C 330 -29.17 38.77 -23.85
C ILE C 330 -29.10 40.19 -23.29
N LYS C 331 -30.08 40.53 -22.45
CA LYS C 331 -30.19 41.90 -21.96
C LYS C 331 -29.12 42.21 -20.91
N THR C 332 -28.97 41.36 -19.90
CA THR C 332 -28.05 41.61 -18.79
C THR C 332 -28.32 42.98 -18.17
N ARG C 333 -29.59 43.31 -18.00
CA ARG C 333 -29.95 44.60 -17.43
C ARG C 333 -29.64 44.63 -15.94
N ARG C 334 -29.68 45.84 -15.38
CA ARG C 334 -29.34 46.06 -13.98
C ARG C 334 -30.37 45.52 -13.01
N GLN C 335 -31.53 45.06 -13.50
CA GLN C 335 -32.56 44.53 -12.60
C GLN C 335 -32.01 43.38 -11.76
N TRP C 336 -31.02 42.65 -12.27
CA TRP C 336 -30.30 41.63 -11.51
C TRP C 336 -28.85 42.01 -11.30
N ARG C 337 -28.57 43.31 -11.26
CA ARG C 337 -27.22 43.82 -11.08
C ARG C 337 -27.29 45.02 -10.15
N ARG C 338 -26.23 45.82 -10.11
CA ARG C 338 -26.06 47.01 -9.29
C ARG C 338 -25.73 46.65 -7.85
N SER C 339 -25.74 45.37 -7.48
CA SER C 339 -25.37 44.91 -6.14
C SER C 339 -24.23 43.91 -6.31
N GLN C 340 -23.00 44.41 -6.30
CA GLN C 340 -21.84 43.54 -6.52
C GLN C 340 -21.76 42.44 -5.48
N PHE C 341 -22.26 42.69 -4.27
CA PHE C 341 -22.32 41.66 -3.23
C PHE C 341 -23.45 40.71 -3.57
N CYS C 342 -23.29 39.96 -4.66
CA CYS C 342 -24.36 39.14 -5.22
C CYS C 342 -23.92 37.68 -5.29
N ASP C 343 -24.90 36.79 -5.19
CA ASP C 343 -24.63 35.36 -5.22
C ASP C 343 -24.03 34.92 -6.55
N ILE C 344 -24.60 35.40 -7.66
CA ILE C 344 -24.11 34.99 -8.98
C ILE C 344 -22.68 35.45 -9.18
N ASN C 345 -22.23 36.47 -8.44
CA ASN C 345 -20.89 36.99 -8.62
C ASN C 345 -19.83 35.92 -8.33
N ILE C 346 -20.02 35.16 -7.25
CA ILE C 346 -19.07 34.11 -6.90
C ILE C 346 -19.38 32.81 -7.65
N LEU C 347 -20.66 32.57 -7.96
CA LEU C 347 -20.98 31.45 -8.83
C LEU C 347 -20.28 31.59 -10.18
N ALA C 348 -20.02 32.83 -10.61
CA ALA C 348 -19.26 33.05 -11.84
C ALA C 348 -17.86 32.49 -11.72
N MET C 349 -17.18 32.78 -10.61
CA MET C 349 -15.84 32.22 -10.41
C MET C 349 -15.87 30.71 -10.31
N PHE C 350 -16.87 30.17 -9.59
CA PHE C 350 -16.98 28.72 -9.48
C PHE C 350 -17.16 28.07 -10.84
N CYS C 351 -18.01 28.67 -11.69
CA CYS C 351 -18.19 28.14 -13.04
C CYS C 351 -16.92 28.28 -13.86
N ASN C 352 -16.21 29.40 -13.71
CA ASN C 352 -14.98 29.58 -14.45
C ASN C 352 -13.97 28.50 -14.11
N GLU C 353 -13.85 28.14 -12.83
CA GLU C 353 -13.01 27.01 -12.46
C GLU C 353 -13.54 25.72 -13.07
N ASN C 354 -14.87 25.53 -13.04
CA ASN C 354 -15.51 24.38 -13.66
C ASN C 354 -15.89 24.65 -15.12
N ARG C 355 -15.19 25.58 -15.78
CA ARG C 355 -15.57 25.95 -17.14
C ARG C 355 -15.58 24.75 -18.07
N ASP C 356 -14.60 23.86 -17.94
CA ASP C 356 -14.49 22.70 -18.81
C ASP C 356 -15.31 21.51 -18.33
N HIS C 357 -16.00 21.62 -17.18
CA HIS C 357 -16.87 20.56 -16.73
C HIS C 357 -18.09 20.38 -17.62
N ILE C 358 -18.37 21.35 -18.50
CA ILE C 358 -19.46 21.26 -19.46
C ILE C 358 -18.85 21.37 -20.86
N LYS C 359 -19.15 20.39 -21.71
CA LYS C 359 -18.44 20.28 -22.98
C LYS C 359 -18.84 21.39 -23.95
N SER C 360 -20.13 21.42 -24.33
CA SER C 360 -20.59 22.30 -25.40
C SER C 360 -20.02 23.70 -25.26
N LEU C 361 -20.38 24.36 -24.15
CA LEU C 361 -19.94 25.74 -23.92
C LEU C 361 -18.50 25.96 -24.35
N ASN C 362 -17.61 25.07 -23.91
CA ASN C 362 -16.19 25.20 -24.22
C ASN C 362 -15.98 25.58 -25.68
N ARG C 363 -16.42 24.72 -26.60
CA ARG C 363 -16.17 24.97 -28.01
C ARG C 363 -16.77 26.31 -28.43
N LEU C 364 -18.01 26.58 -27.98
CA LEU C 364 -18.69 27.80 -28.40
C LEU C 364 -17.94 29.04 -27.95
N ASP C 365 -17.03 28.92 -26.98
CA ASP C 365 -16.26 30.08 -26.55
C ASP C 365 -15.09 30.35 -27.50
N PHE C 366 -14.48 29.30 -28.03
CA PHE C 366 -13.26 29.45 -28.83
C PHE C 366 -13.54 29.68 -30.32
N ILE C 367 -14.79 29.45 -30.77
CA ILE C 367 -15.10 29.66 -32.17
C ILE C 367 -15.03 31.14 -32.52
N THR C 368 -15.45 32.01 -31.59
CA THR C 368 -15.53 33.44 -31.87
C THR C 368 -14.82 34.26 -30.80
N ASN C 369 -14.97 35.59 -30.89
CA ASN C 369 -14.39 36.50 -29.92
C ASN C 369 -15.24 37.76 -29.89
N GLU C 370 -14.85 38.71 -29.04
CA GLU C 370 -15.47 40.02 -28.88
C GLU C 370 -16.86 39.96 -28.24
N SER C 371 -17.36 38.78 -27.92
CA SER C 371 -18.68 38.63 -27.30
C SER C 371 -19.76 39.27 -28.16
N ASP C 372 -19.61 39.14 -29.48
CA ASP C 372 -20.55 39.67 -30.47
C ASP C 372 -20.84 38.60 -31.52
N LEU C 373 -21.17 37.40 -31.05
CA LEU C 373 -21.31 36.26 -31.96
C LEU C 373 -22.36 36.52 -33.04
N MET C 374 -23.49 37.13 -32.66
CA MET C 374 -24.61 37.28 -33.57
C MET C 374 -24.56 38.57 -34.39
N TYR C 375 -23.48 39.35 -34.28
CA TYR C 375 -23.32 40.54 -35.10
C TYR C 375 -22.58 40.27 -36.39
N ASP C 376 -21.99 39.08 -36.56
CA ASP C 376 -21.43 38.68 -37.83
C ASP C 376 -22.54 38.21 -38.77
N ASN C 377 -22.38 38.52 -40.05
CA ASN C 377 -23.46 38.24 -41.00
C ASN C 377 -23.49 36.76 -41.38
N VAL C 378 -22.36 36.23 -41.87
CA VAL C 378 -22.38 34.92 -42.52
C VAL C 378 -21.56 33.89 -41.76
N VAL C 379 -20.24 34.10 -41.68
CA VAL C 379 -19.33 33.00 -41.40
C VAL C 379 -19.66 32.32 -40.07
N ARG C 380 -19.77 33.11 -39.00
CA ARG C 380 -19.95 32.51 -37.68
C ARG C 380 -21.26 31.74 -37.60
N GLN C 381 -22.34 32.30 -38.13
CA GLN C 381 -23.62 31.61 -38.10
C GLN C 381 -23.76 30.61 -39.23
N LEU C 382 -23.09 30.84 -40.37
CA LEU C 382 -23.16 29.90 -41.47
C LEU C 382 -22.53 28.57 -41.08
N LEU C 383 -21.41 28.63 -40.35
CA LEU C 383 -20.78 27.41 -39.88
C LEU C 383 -21.74 26.59 -39.03
N ALA C 384 -22.41 27.24 -38.07
CA ALA C 384 -23.37 26.52 -37.22
C ALA C 384 -24.54 26.01 -38.05
N ALA C 385 -24.99 26.79 -39.03
CA ALA C 385 -26.08 26.36 -39.88
C ALA C 385 -25.73 25.05 -40.59
N LEU C 386 -24.57 25.00 -41.25
CA LEU C 386 -24.16 23.77 -41.90
C LEU C 386 -23.85 22.66 -40.92
N ALA C 387 -23.47 23.00 -39.68
CA ALA C 387 -23.13 21.97 -38.71
C ALA C 387 -24.38 21.30 -38.12
N GLN C 388 -25.47 22.05 -37.97
CA GLN C 388 -26.63 21.55 -37.25
C GLN C 388 -27.88 21.42 -38.11
N SER C 389 -28.20 22.42 -38.93
CA SER C 389 -29.49 22.43 -39.63
C SER C 389 -29.62 21.23 -40.55
N ASN C 390 -28.57 20.90 -41.29
CA ASN C 390 -28.65 19.79 -42.23
C ASN C 390 -28.73 18.45 -41.51
N HIS C 391 -28.10 18.33 -40.35
CA HIS C 391 -28.08 17.05 -39.63
C HIS C 391 -29.46 16.60 -39.21
N ASP C 392 -30.39 17.53 -38.98
CA ASP C 392 -31.75 17.17 -38.59
C ASP C 392 -32.50 16.54 -39.74
N LEU D 42 -8.50 8.55 -21.29
CA LEU D 42 -7.15 8.66 -20.74
C LEU D 42 -6.80 10.12 -20.48
N GLN D 43 -5.54 10.36 -20.13
CA GLN D 43 -5.06 11.69 -19.79
C GLN D 43 -4.15 12.23 -20.88
N LEU D 44 -4.06 13.56 -20.96
CA LEU D 44 -3.25 14.24 -21.95
C LEU D 44 -2.09 14.97 -21.29
N LYS D 45 -0.93 14.92 -21.94
CA LYS D 45 0.31 15.43 -21.36
C LYS D 45 0.46 16.92 -21.64
N LEU D 46 1.17 17.59 -20.73
CA LEU D 46 1.48 19.01 -20.86
C LEU D 46 2.89 19.28 -20.34
N GLU D 47 3.78 18.30 -20.50
CA GLU D 47 5.06 18.34 -19.81
C GLU D 47 6.19 18.88 -20.65
N LEU D 48 6.12 18.70 -21.97
CA LEU D 48 7.17 19.26 -22.87
C LEU D 48 8.55 18.92 -22.29
N PRO D 49 9.16 17.79 -22.68
CA PRO D 49 10.44 17.34 -22.07
C PRO D 49 11.36 18.43 -21.52
N PHE D 50 11.55 19.54 -22.24
CA PHE D 50 12.54 20.54 -21.78
C PHE D 50 12.19 21.04 -20.37
N ASP D 51 10.90 21.28 -20.12
CA ASP D 51 10.49 21.76 -18.80
C ASP D 51 10.76 20.71 -17.72
N ARG D 52 10.49 19.44 -18.01
CA ARG D 52 10.73 18.41 -17.01
C ARG D 52 12.22 18.27 -16.72
N VAL D 53 13.05 18.37 -17.74
CA VAL D 53 14.49 18.34 -17.50
C VAL D 53 14.89 19.51 -16.62
N VAL D 54 14.36 20.70 -16.90
CA VAL D 54 14.70 21.87 -16.12
C VAL D 54 14.30 21.69 -14.66
N THR D 55 13.06 21.28 -14.42
CA THR D 55 12.60 21.13 -13.04
C THR D 55 13.38 20.04 -12.31
N ILE D 56 13.68 18.94 -13.01
CA ILE D 56 14.53 17.90 -12.41
C ILE D 56 15.85 18.52 -11.95
N GLY D 57 16.62 19.03 -12.90
CA GLY D 57 17.94 19.57 -12.58
C GLY D 57 17.93 20.77 -11.66
N THR D 58 16.77 21.40 -11.47
CA THR D 58 16.68 22.60 -10.63
C THR D 58 16.15 22.32 -9.23
N VAL D 59 15.38 21.25 -9.04
CA VAL D 59 14.76 20.94 -7.76
C VAL D 59 15.16 19.56 -7.26
N LEU D 60 14.99 18.53 -8.09
CA LEU D 60 15.17 17.17 -7.59
C LEU D 60 16.62 16.92 -7.20
N VAL D 61 17.57 17.34 -8.04
CA VAL D 61 18.98 17.17 -7.70
C VAL D 61 19.33 17.94 -6.44
N PRO D 62 19.01 19.23 -6.30
CA PRO D 62 19.31 19.92 -5.05
C PRO D 62 18.65 19.27 -3.83
N ILE D 63 17.46 18.70 -3.98
CA ILE D 63 16.84 18.00 -2.86
C ILE D 63 17.67 16.77 -2.48
N LEU D 64 18.16 16.04 -3.48
CA LEU D 64 19.01 14.89 -3.19
C LEU D 64 20.28 15.32 -2.46
N LEU D 65 20.90 16.40 -2.92
CA LEU D 65 22.11 16.89 -2.25
C LEU D 65 21.78 17.35 -0.83
N VAL D 66 20.61 17.96 -0.64
CA VAL D 66 20.22 18.43 0.69
C VAL D 66 20.06 17.26 1.65
N THR D 67 19.38 16.20 1.20
CA THR D 67 19.20 15.04 2.06
C THR D 67 20.52 14.34 2.32
N LEU D 68 21.42 14.32 1.33
CA LEU D 68 22.75 13.77 1.56
C LEU D 68 23.50 14.56 2.63
N VAL D 69 23.42 15.89 2.56
CA VAL D 69 24.09 16.74 3.54
C VAL D 69 23.49 16.52 4.93
N PHE D 70 22.16 16.40 5.01
CA PHE D 70 21.52 16.12 6.28
C PHE D 70 21.99 14.79 6.85
N THR D 71 22.05 13.76 6.02
CA THR D 71 22.51 12.46 6.49
C THR D 71 23.95 12.54 6.99
N LYS D 72 24.82 13.20 6.24
CA LYS D 72 26.21 13.34 6.69
C LYS D 72 26.30 14.10 8.00
N ASN D 73 25.54 15.18 8.14
CA ASN D 73 25.66 16.03 9.33
C ASN D 73 25.09 15.34 10.56
N PHE D 74 24.01 14.58 10.42
CA PHE D 74 23.41 13.90 11.56
C PHE D 74 24.11 12.59 11.89
N ALA D 75 24.80 11.98 10.92
CA ALA D 75 25.62 10.81 11.23
C ALA D 75 26.85 11.21 12.04
N GLU D 76 27.36 12.41 11.82
CA GLU D 76 28.53 12.90 12.55
C GLU D 76 28.06 13.61 13.82
N GLU D 77 29.00 14.26 14.51
CA GLU D 77 28.75 15.12 15.66
C GLU D 77 28.73 16.58 15.21
N PRO D 78 27.89 17.43 15.81
CA PRO D 78 27.87 18.84 15.37
C PRO D 78 29.24 19.51 15.41
N ILE D 79 29.95 19.43 16.53
CA ILE D 79 31.21 20.16 16.69
C ILE D 79 32.15 19.34 17.56
N TYR D 80 33.45 19.57 17.37
CA TYR D 80 34.49 18.89 18.15
C TYR D 80 35.35 19.94 18.83
N CYS D 81 35.29 20.01 20.16
CA CYS D 81 35.96 21.05 20.92
C CYS D 81 37.02 20.43 21.83
N TYR D 82 38.23 21.01 21.80
CA TYR D 82 39.37 20.50 22.56
C TYR D 82 39.31 21.10 23.97
N THR D 83 38.41 20.54 24.79
CA THR D 83 38.21 21.08 26.12
C THR D 83 39.47 20.88 26.97
N PRO D 84 39.74 21.79 27.91
CA PRO D 84 40.93 21.64 28.76
C PRO D 84 40.88 20.38 29.61
N HIS D 85 41.96 20.11 30.35
CA HIS D 85 42.02 18.92 31.18
C HIS D 85 41.08 19.02 32.37
N ASN D 86 41.00 20.19 33.00
CA ASN D 86 40.21 20.33 34.22
C ASN D 86 38.73 20.06 33.97
N PHE D 87 38.24 20.37 32.77
CA PHE D 87 36.82 20.23 32.48
C PHE D 87 36.35 18.80 32.76
N THR D 88 35.27 18.69 33.52
CA THR D 88 34.60 17.41 33.68
C THR D 88 33.80 17.11 32.43
N ARG D 89 33.10 15.98 32.43
CA ARG D 89 32.35 15.59 31.24
C ARG D 89 31.16 16.51 31.02
N ASP D 90 30.46 16.88 32.09
CA ASP D 90 29.31 17.79 31.95
C ASP D 90 29.76 19.17 31.47
N GLN D 91 30.85 19.69 32.02
CA GLN D 91 31.35 20.99 31.56
C GLN D 91 31.82 20.91 30.12
N ALA D 92 32.45 19.80 29.74
CA ALA D 92 32.88 19.63 28.36
C ALA D 92 31.68 19.59 27.42
N LEU D 93 30.60 18.91 27.83
CA LEU D 93 29.38 18.92 27.03
C LEU D 93 28.81 20.32 26.92
N TYR D 94 28.82 21.07 28.02
CA TYR D 94 28.35 22.45 27.94
C TYR D 94 29.18 23.26 26.96
N ALA D 95 30.49 23.08 26.97
CA ALA D 95 31.35 23.82 26.06
C ALA D 95 31.05 23.44 24.61
N ARG D 96 30.96 22.15 24.33
CA ARG D 96 30.71 21.68 22.97
C ARG D 96 29.32 22.07 22.49
N GLY D 97 28.40 22.37 23.40
CA GLY D 97 27.09 22.85 23.01
C GLY D 97 27.05 24.36 22.82
N TYR D 98 27.67 25.08 23.75
CA TYR D 98 27.69 26.54 23.68
C TYR D 98 28.45 27.02 22.45
N CYS D 99 29.62 26.45 22.19
CA CYS D 99 30.42 26.89 21.05
C CYS D 99 29.75 26.57 19.72
N TRP D 100 28.80 25.64 19.70
CA TRP D 100 28.04 25.35 18.49
C TRP D 100 26.73 26.13 18.42
N THR D 101 26.23 26.62 19.55
CA THR D 101 25.09 27.51 19.53
C THR D 101 25.51 28.94 19.25
N GLU D 102 26.50 29.44 20.01
CA GLU D 102 27.04 30.77 19.72
C GLU D 102 27.68 30.81 18.34
N LEU D 103 28.59 29.88 18.08
CA LEU D 103 29.19 29.71 16.75
C LEU D 103 29.80 30.99 16.22
N ARG D 104 30.56 31.70 17.06
CA ARG D 104 31.21 32.95 16.68
C ARG D 104 32.68 32.88 17.04
N ASP D 105 33.54 32.97 16.03
CA ASP D 105 34.98 32.84 16.23
C ASP D 105 35.55 34.06 16.94
N ALA D 106 36.47 33.82 17.86
CA ALA D 106 37.13 34.86 18.63
C ALA D 106 38.44 35.23 17.96
N LEU D 107 39.21 36.08 18.62
CA LEU D 107 40.49 36.58 18.15
C LEU D 107 41.51 36.48 19.29
N PRO D 108 42.80 36.45 18.97
CA PRO D 108 43.82 36.28 20.02
C PRO D 108 43.65 37.26 21.15
N GLY D 109 43.73 38.56 20.85
CA GLY D 109 43.36 39.58 21.81
C GLY D 109 41.88 39.87 21.75
N VAL D 110 41.45 40.81 22.58
CA VAL D 110 40.06 41.26 22.52
C VAL D 110 39.74 41.74 21.10
N ASP D 111 40.42 42.80 20.66
CA ASP D 111 40.44 43.20 19.25
C ASP D 111 39.09 43.67 18.73
N ALA D 112 38.02 43.49 19.51
CA ALA D 112 36.70 43.93 19.11
C ALA D 112 35.71 43.51 20.20
N SER D 113 34.51 44.07 20.12
CA SER D 113 33.34 43.48 20.74
C SER D 113 32.50 42.70 19.74
N LEU D 114 32.72 42.92 18.44
CA LEU D 114 32.10 42.17 17.35
C LEU D 114 33.22 41.54 16.55
N TRP D 115 33.32 40.22 16.62
CA TRP D 115 34.32 39.43 15.91
C TRP D 115 33.64 38.44 14.97
N PRO D 116 34.33 37.99 13.93
CA PRO D 116 33.64 37.31 12.83
C PRO D 116 32.84 36.09 13.29
N SER D 117 31.69 35.89 12.66
CA SER D 117 30.77 34.81 12.98
C SER D 117 30.88 33.71 11.93
N LEU D 118 30.18 32.60 12.20
CA LEU D 118 30.18 31.44 11.31
C LEU D 118 28.79 30.84 11.19
N PHE D 119 27.75 31.66 11.34
CA PHE D 119 26.39 31.13 11.37
C PHE D 119 26.01 30.44 10.07
N GLU D 120 26.62 30.82 8.94
CA GLU D 120 26.23 30.23 7.67
C GLU D 120 26.58 28.75 7.60
N HIS D 121 27.71 28.33 8.18
CA HIS D 121 28.04 26.91 8.18
C HIS D 121 26.95 26.09 8.84
N LYS D 122 26.23 26.67 9.80
CA LYS D 122 25.14 26.00 10.48
C LYS D 122 23.80 26.20 9.79
N PHE D 123 23.64 27.29 9.04
CA PHE D 123 22.36 27.66 8.46
C PHE D 123 22.18 27.19 7.01
N LEU D 124 23.27 26.86 6.31
CA LEU D 124 23.16 26.54 4.89
C LEU D 124 22.19 25.39 4.62
N PRO D 125 22.30 24.23 5.27
CA PRO D 125 21.47 23.08 4.87
C PRO D 125 19.98 23.32 5.03
N TYR D 126 19.59 24.50 5.52
CA TYR D 126 18.19 24.94 5.49
C TYR D 126 17.94 25.96 4.38
N ALA D 127 18.87 26.88 4.17
CA ALA D 127 18.74 27.80 3.04
C ALA D 127 18.70 27.05 1.72
N LEU D 128 19.36 25.89 1.65
CA LEU D 128 19.31 25.08 0.43
C LEU D 128 17.90 24.54 0.21
N LEU D 129 17.23 24.07 1.27
CA LEU D 129 15.83 23.68 1.13
C LEU D 129 14.97 24.86 0.70
N ALA D 130 15.22 26.03 1.28
CA ALA D 130 14.46 27.21 0.91
C ALA D 130 14.64 27.53 -0.57
N PHE D 131 15.87 27.44 -1.06
CA PHE D 131 16.14 27.69 -2.48
C PHE D 131 15.45 26.66 -3.36
N ALA D 132 15.47 25.39 -2.94
CA ALA D 132 14.78 24.35 -3.72
C ALA D 132 13.30 24.66 -3.83
N ALA D 133 12.66 25.01 -2.71
CA ALA D 133 11.24 25.33 -2.75
C ALA D 133 10.96 26.56 -3.60
N ILE D 134 11.81 27.59 -3.47
CA ILE D 134 11.61 28.82 -4.24
C ILE D 134 11.72 28.53 -5.72
N MET D 135 12.70 27.73 -6.13
CA MET D 135 12.87 27.42 -7.54
C MET D 135 11.77 26.49 -8.05
N TYR D 136 11.17 25.69 -7.16
CA TYR D 136 10.04 24.87 -7.56
C TYR D 136 8.76 25.67 -7.69
N VAL D 137 8.66 26.81 -6.99
CA VAL D 137 7.42 27.60 -7.03
C VAL D 137 6.98 27.93 -8.45
N PRO D 138 7.83 28.46 -9.34
CA PRO D 138 7.32 28.91 -10.65
C PRO D 138 6.62 27.83 -11.44
N ALA D 139 7.08 26.59 -11.38
CA ALA D 139 6.37 25.51 -12.08
C ALA D 139 4.96 25.36 -11.56
N LEU D 140 4.79 25.38 -10.23
CA LEU D 140 3.46 25.30 -9.64
C LEU D 140 2.60 26.49 -10.05
N GLY D 141 3.20 27.68 -10.07
CA GLY D 141 2.45 28.86 -10.48
C GLY D 141 1.94 28.74 -11.91
N TRP D 142 2.82 28.34 -12.82
CA TRP D 142 2.41 28.17 -14.21
C TRP D 142 1.33 27.10 -14.33
N GLU D 143 1.48 25.99 -13.60
CA GLU D 143 0.44 24.96 -13.63
C GLU D 143 -0.89 25.54 -13.21
N PHE D 144 -0.93 26.21 -12.04
CA PHE D 144 -2.18 26.76 -11.54
C PHE D 144 -2.78 27.77 -12.49
N LEU D 145 -1.93 28.54 -13.19
CA LEU D 145 -2.44 29.61 -14.04
C LEU D 145 -2.79 29.17 -15.46
N ALA D 146 -2.32 28.00 -15.89
CA ALA D 146 -2.52 27.58 -17.27
C ALA D 146 -3.23 26.24 -17.45
N SER D 147 -3.47 25.49 -16.37
CA SER D 147 -4.04 24.15 -16.51
C SER D 147 -5.31 24.17 -17.37
N THR D 148 -6.34 24.87 -16.89
CA THR D 148 -7.64 24.82 -17.56
C THR D 148 -7.56 25.40 -18.97
N ARG D 149 -6.90 26.54 -19.12
CA ARG D 149 -6.87 27.20 -20.42
C ARG D 149 -6.18 26.33 -21.46
N LEU D 150 -4.99 25.80 -21.12
CA LEU D 150 -4.29 24.96 -22.08
C LEU D 150 -5.04 23.66 -22.33
N THR D 151 -5.66 23.10 -21.30
CA THR D 151 -6.48 21.91 -21.49
C THR D 151 -7.55 22.17 -22.55
N SER D 152 -8.31 23.25 -22.39
CA SER D 152 -9.38 23.55 -23.34
C SER D 152 -8.82 23.81 -24.73
N GLU D 153 -7.75 24.60 -24.82
CA GLU D 153 -7.21 24.97 -26.13
C GLU D 153 -6.72 23.73 -26.88
N LEU D 154 -5.97 22.86 -26.20
CA LEU D 154 -5.44 21.68 -26.86
C LEU D 154 -6.54 20.66 -27.16
N ASN D 155 -7.56 20.57 -26.28
CA ASN D 155 -8.68 19.69 -26.57
C ASN D 155 -9.39 20.13 -27.85
N PHE D 156 -9.57 21.44 -28.02
CA PHE D 156 -10.14 21.93 -29.27
C PHE D 156 -9.21 21.65 -30.45
N LEU D 157 -7.91 21.91 -30.27
CA LEU D 157 -6.97 21.85 -31.39
C LEU D 157 -6.80 20.43 -31.91
N LEU D 158 -6.77 19.44 -31.02
CA LEU D 158 -6.56 18.07 -31.47
C LEU D 158 -7.72 17.60 -32.35
N GLN D 159 -8.96 17.85 -31.91
CA GLN D 159 -10.11 17.49 -32.72
C GLN D 159 -10.14 18.31 -34.01
N GLU D 160 -9.73 19.57 -33.92
CA GLU D 160 -9.75 20.44 -35.10
C GLU D 160 -8.78 19.93 -36.17
N ILE D 161 -7.58 19.51 -35.75
CA ILE D 161 -6.61 18.97 -36.71
C ILE D 161 -7.05 17.60 -37.21
N ASP D 162 -7.68 16.80 -36.35
CA ASP D 162 -8.21 15.52 -36.81
C ASP D 162 -9.22 15.73 -37.94
N ASN D 163 -10.16 16.65 -37.75
CA ASN D 163 -11.12 16.96 -38.79
C ASN D 163 -10.44 17.53 -40.03
N CYS D 164 -9.39 18.34 -39.82
CA CYS D 164 -8.67 18.88 -40.96
C CYS D 164 -8.05 17.79 -41.82
N TYR D 165 -7.45 16.79 -41.18
CA TYR D 165 -6.83 15.72 -41.96
C TYR D 165 -7.86 14.77 -42.55
N HIS D 166 -9.01 14.60 -41.90
CA HIS D 166 -10.11 13.89 -42.55
C HIS D 166 -10.55 14.64 -43.80
N ARG D 167 -10.63 15.97 -43.73
CA ARG D 167 -10.94 16.77 -44.90
C ARG D 167 -9.88 16.61 -45.98
N ALA D 168 -8.61 16.54 -45.57
CA ALA D 168 -7.54 16.33 -46.54
C ALA D 168 -7.72 15.00 -47.27
N ALA D 169 -8.07 13.95 -46.52
CA ALA D 169 -8.36 12.67 -47.15
C ALA D 169 -9.52 12.80 -48.13
N GLU D 170 -10.57 13.52 -47.74
CA GLU D 170 -11.71 13.73 -48.64
C GLU D 170 -11.29 14.47 -49.90
N GLY D 171 -10.46 15.51 -49.75
CA GLY D 171 -10.14 16.40 -50.85
C GLY D 171 -9.10 15.89 -51.81
N ARG D 172 -8.23 14.97 -51.36
CA ARG D 172 -7.29 14.36 -52.30
C ARG D 172 -8.00 13.48 -53.32
N ALA D 173 -9.19 12.97 -53.00
CA ALA D 173 -9.88 12.05 -53.90
C ALA D 173 -10.19 12.67 -55.26
N PRO D 174 -10.85 13.83 -55.34
CA PRO D 174 -11.15 14.40 -56.67
C PRO D 174 -9.91 14.81 -57.46
N LYS D 175 -8.76 14.96 -56.80
CA LYS D 175 -7.58 15.40 -57.53
C LYS D 175 -7.17 14.41 -58.61
N ILE D 176 -7.20 13.11 -58.30
CA ILE D 176 -6.79 12.11 -59.29
C ILE D 176 -7.71 12.16 -60.49
N GLU D 177 -9.01 12.28 -60.25
CA GLU D 177 -9.95 12.42 -61.36
C GLU D 177 -9.62 13.66 -62.18
N LYS D 178 -9.22 14.74 -61.51
CA LYS D 178 -8.84 15.94 -62.25
C LYS D 178 -7.62 15.69 -63.14
N GLN D 179 -6.59 15.02 -62.62
CA GLN D 179 -5.41 14.75 -63.45
C GLN D 179 -5.77 13.87 -64.64
N ILE D 180 -6.58 12.82 -64.41
CA ILE D 180 -6.98 11.97 -65.53
C ILE D 180 -7.80 12.77 -66.54
N GLN D 181 -8.62 13.70 -66.06
CA GLN D 181 -9.34 14.58 -66.99
C GLN D 181 -8.37 15.39 -67.84
N SER D 182 -7.30 15.89 -67.22
CA SER D 182 -6.27 16.57 -67.99
C SER D 182 -5.64 15.63 -69.02
N LYS D 183 -5.61 14.34 -68.71
CA LYS D 183 -5.09 13.34 -69.65
C LYS D 183 -6.21 12.63 -70.38
N GLU D 189 2.09 25.30 -67.24
CA GLU D 189 2.34 23.90 -66.90
C GLU D 189 1.08 23.24 -66.37
N ARG D 190 0.87 21.98 -66.77
CA ARG D 190 -0.34 21.26 -66.37
C ARG D 190 -0.39 21.07 -64.87
N GLU D 191 0.68 20.55 -64.28
CA GLU D 191 0.66 20.28 -62.84
C GLU D 191 0.50 21.56 -62.04
N LYS D 192 1.24 22.60 -62.41
CA LYS D 192 1.19 23.85 -61.64
C LYS D 192 -0.19 24.48 -61.72
N ARG D 193 -0.78 24.51 -62.92
CA ARG D 193 -2.11 25.11 -63.05
C ARG D 193 -3.15 24.27 -62.31
N GLU D 194 -3.01 22.95 -62.34
CA GLU D 194 -3.92 22.09 -61.56
C GLU D 194 -3.81 22.39 -60.08
N ILE D 195 -2.58 22.53 -59.57
CA ILE D 195 -2.41 22.85 -58.15
C ILE D 195 -3.02 24.21 -57.82
N ILE D 196 -2.81 25.20 -58.70
CA ILE D 196 -3.33 26.54 -58.43
C ILE D 196 -4.85 26.52 -58.39
N GLU D 197 -5.48 25.88 -59.37
CA GLU D 197 -6.94 25.85 -59.40
C GLU D 197 -7.48 25.06 -58.21
N ASN D 198 -6.79 23.98 -57.81
CA ASN D 198 -7.20 23.24 -56.63
C ASN D 198 -7.14 24.13 -55.39
N ALA D 199 -6.06 24.89 -55.25
CA ALA D 199 -5.94 25.78 -54.10
C ALA D 199 -7.07 26.80 -54.10
N GLU D 200 -7.40 27.35 -55.27
CA GLU D 200 -8.46 28.35 -55.33
C GLU D 200 -9.82 27.76 -54.97
N LYS D 201 -10.14 26.57 -55.49
CA LYS D 201 -11.49 26.03 -55.42
C LYS D 201 -11.70 25.03 -54.29
N GLU D 202 -10.67 24.74 -53.49
CA GLU D 202 -10.77 23.70 -52.47
C GLU D 202 -11.17 24.24 -51.10
N LYS D 203 -11.14 25.55 -50.90
CA LYS D 203 -11.34 26.11 -49.56
C LYS D 203 -12.67 25.63 -48.99
N SER D 204 -12.59 24.89 -47.89
CA SER D 204 -13.74 24.25 -47.27
C SER D 204 -14.23 25.06 -46.08
N PRO D 205 -15.46 24.78 -45.59
CA PRO D 205 -15.98 25.50 -44.43
C PRO D 205 -15.08 25.38 -43.21
N GLU D 206 -14.81 24.14 -42.79
CA GLU D 206 -13.91 23.94 -41.66
C GLU D 206 -12.53 24.49 -41.94
N GLN D 207 -12.14 24.62 -43.21
CA GLN D 207 -10.87 25.26 -43.52
C GLN D 207 -10.92 26.75 -43.24
N ASN D 208 -12.06 27.40 -43.56
CA ASN D 208 -12.24 28.78 -43.14
C ASN D 208 -12.23 28.89 -41.61
N LEU D 209 -12.79 27.88 -40.93
CA LEU D 209 -12.68 27.83 -39.47
C LEU D 209 -11.22 27.81 -39.04
N PHE D 210 -10.42 26.96 -39.69
CA PHE D 210 -8.99 26.92 -39.40
C PHE D 210 -8.34 28.28 -39.59
N GLU D 211 -8.63 28.93 -40.74
CA GLU D 211 -7.99 30.19 -41.06
C GLU D 211 -8.36 31.26 -40.03
N LYS D 212 -9.65 31.36 -39.70
CA LYS D 212 -10.08 32.35 -38.71
C LYS D 212 -9.47 32.07 -37.34
N TYR D 213 -9.41 30.80 -36.95
CA TYR D 213 -8.82 30.44 -35.67
C TYR D 213 -7.35 30.85 -35.62
N LEU D 214 -6.60 30.54 -36.68
CA LEU D 214 -5.19 30.90 -36.70
C LEU D 214 -5.01 32.42 -36.70
N GLU D 215 -5.85 33.14 -37.44
CA GLU D 215 -5.75 34.59 -37.48
C GLU D 215 -6.01 35.19 -36.11
N ARG D 216 -6.99 34.66 -35.39
CA ARG D 216 -7.29 35.20 -34.05
C ARG D 216 -6.25 34.80 -33.02
N ARG D 217 -5.64 33.62 -33.17
CA ARG D 217 -4.60 33.21 -32.23
C ARG D 217 -3.31 33.99 -32.45
N GLY D 218 -2.98 34.31 -33.71
CA GLY D 218 -1.74 35.00 -33.99
C GLY D 218 -1.62 36.33 -33.28
N ARG D 219 -2.74 36.97 -32.98
CA ARG D 219 -2.75 38.27 -32.32
C ARG D 219 -3.20 38.16 -30.86
N SER D 220 -3.11 36.96 -30.27
CA SER D 220 -3.45 36.72 -28.87
C SER D 220 -2.28 35.98 -28.24
N ASN D 221 -1.30 36.74 -27.75
CA ASN D 221 -0.05 36.19 -27.24
C ASN D 221 -0.11 35.86 -25.76
N PHE D 222 -1.30 35.56 -25.22
CA PHE D 222 -1.43 35.34 -23.79
C PHE D 222 -0.57 34.17 -23.32
N LEU D 223 -0.66 33.03 -24.02
CA LEU D 223 0.06 31.84 -23.57
C LEU D 223 1.56 32.00 -23.78
N ALA D 224 1.97 32.63 -24.89
CA ALA D 224 3.39 32.93 -25.07
C ALA D 224 3.88 33.87 -23.98
N LYS D 225 3.08 34.89 -23.64
CA LYS D 225 3.41 35.77 -22.53
C LYS D 225 3.63 34.96 -21.26
N LEU D 226 2.71 34.04 -20.96
CA LEU D 226 2.79 33.26 -19.73
C LEU D 226 4.02 32.36 -19.73
N TYR D 227 4.34 31.73 -20.86
CA TYR D 227 5.50 30.84 -20.91
C TYR D 227 6.79 31.62 -20.74
N LEU D 228 6.93 32.73 -21.46
CA LEU D 228 8.12 33.56 -21.30
C LEU D 228 8.23 34.06 -19.87
N ALA D 229 7.10 34.45 -19.27
CA ALA D 229 7.13 34.88 -17.88
C ALA D 229 7.59 33.76 -16.96
N ARG D 230 7.10 32.55 -17.19
CA ARG D 230 7.50 31.42 -16.33
C ARG D 230 9.00 31.20 -16.41
N HIS D 231 9.55 31.14 -17.63
CA HIS D 231 10.96 30.81 -17.75
C HIS D 231 11.85 31.96 -17.28
N VAL D 232 11.46 33.20 -17.56
CA VAL D 232 12.22 34.34 -17.05
C VAL D 232 12.14 34.39 -15.54
N LEU D 233 11.00 34.01 -14.96
CA LEU D 233 10.88 33.95 -13.50
C LEU D 233 11.78 32.87 -12.92
N ILE D 234 11.87 31.72 -13.58
CA ILE D 234 12.79 30.68 -13.13
C ILE D 234 14.22 31.22 -13.14
N LEU D 235 14.60 31.90 -14.22
CA LEU D 235 15.95 32.47 -14.30
C LEU D 235 16.19 33.47 -13.18
N LEU D 236 15.23 34.38 -12.98
CA LEU D 236 15.39 35.40 -11.94
C LEU D 236 15.46 34.79 -10.55
N LEU D 237 14.64 33.77 -10.28
CA LEU D 237 14.69 33.10 -8.98
C LEU D 237 16.01 32.37 -8.80
N SER D 238 16.55 31.78 -9.87
CA SER D 238 17.87 31.18 -9.81
C SER D 238 18.95 32.24 -9.54
N ALA D 239 18.72 33.47 -9.96
CA ALA D 239 19.73 34.51 -9.75
C ALA D 239 20.08 34.67 -8.27
N VAL D 240 19.16 34.32 -7.36
CA VAL D 240 19.38 34.49 -5.93
C VAL D 240 20.32 33.41 -5.40
N PRO D 241 19.97 32.13 -5.50
CA PRO D 241 20.85 31.09 -4.94
C PRO D 241 22.23 31.08 -5.55
N ILE D 242 22.36 31.38 -6.84
CA ILE D 242 23.70 31.48 -7.44
C ILE D 242 24.52 32.51 -6.69
N SER D 243 23.97 33.70 -6.51
CA SER D 243 24.71 34.77 -5.84
C SER D 243 25.05 34.37 -4.41
N TYR D 244 24.07 33.83 -3.67
CA TYR D 244 24.33 33.49 -2.28
C TYR D 244 25.40 32.42 -2.15
N LEU D 245 25.26 31.33 -2.90
CA LEU D 245 26.22 30.23 -2.80
C LEU D 245 27.61 30.68 -3.24
N CYS D 246 27.69 31.46 -4.32
CA CYS D 246 29.00 31.97 -4.73
C CYS D 246 29.61 32.84 -3.66
N THR D 247 28.82 33.69 -3.01
CA THR D 247 29.34 34.49 -1.90
C THR D 247 29.67 33.63 -0.69
N TYR D 248 29.14 32.41 -0.63
CA TYR D 248 29.43 31.50 0.47
C TYR D 248 30.62 30.59 0.15
N TYR D 249 30.61 29.99 -1.05
CA TYR D 249 31.76 29.20 -1.48
C TYR D 249 33.02 30.06 -1.61
N ALA D 250 32.86 31.36 -1.83
CA ALA D 250 34.01 32.20 -2.12
C ALA D 250 34.78 32.59 -0.86
N THR D 251 34.10 33.26 0.09
CA THR D 251 34.78 33.87 1.22
C THR D 251 34.56 33.11 2.53
N GLN D 252 33.31 32.86 2.92
CA GLN D 252 33.03 32.25 4.22
C GLN D 252 33.29 30.76 4.12
N LYS D 253 34.59 30.42 4.17
CA LYS D 253 35.06 29.04 4.15
C LYS D 253 36.22 28.90 5.14
N GLN D 254 35.90 28.49 6.36
CA GLN D 254 36.90 28.09 7.34
C GLN D 254 36.32 27.03 8.25
N ASN D 255 37.21 26.16 8.74
CA ASN D 255 36.81 24.96 9.45
C ASN D 255 36.98 25.03 10.96
N GLU D 256 37.94 25.79 11.47
CA GLU D 256 38.32 25.76 12.87
C GLU D 256 38.27 27.17 13.44
N PHE D 257 37.78 27.30 14.66
CA PHE D 257 37.76 28.59 15.35
C PHE D 257 38.09 28.37 16.83
N THR D 258 38.08 29.46 17.59
CA THR D 258 38.37 29.42 19.03
C THR D 258 37.31 30.24 19.75
N CYS D 259 36.39 29.55 20.42
CA CYS D 259 35.30 30.20 21.15
C CYS D 259 35.77 30.55 22.56
N ALA D 260 35.01 31.42 23.21
CA ALA D 260 35.31 31.88 24.56
C ALA D 260 34.10 31.65 25.45
N LEU D 261 34.25 30.76 26.44
CA LEU D 261 33.18 30.50 27.38
C LEU D 261 33.11 31.63 28.41
N GLY D 262 31.88 31.99 28.79
CA GLY D 262 31.67 33.19 29.57
C GLY D 262 31.51 33.01 31.07
N ALA D 263 30.66 32.08 31.49
CA ALA D 263 30.30 31.98 32.90
C ALA D 263 31.52 31.67 33.75
N SER D 264 32.11 30.49 33.56
CA SER D 264 33.29 30.09 34.32
C SER D 264 33.02 30.07 35.82
N PRO D 265 32.20 29.15 36.30
CA PRO D 265 32.04 28.99 37.75
C PRO D 265 33.31 28.45 38.40
N ASP D 266 33.26 28.16 39.69
CA ASP D 266 34.40 27.76 40.52
C ASP D 266 35.22 28.97 40.96
N GLY D 267 34.71 30.18 40.77
CA GLY D 267 35.43 31.37 41.19
C GLY D 267 35.55 31.52 42.70
N ALA D 268 34.70 30.80 43.46
CA ALA D 268 34.73 30.86 44.91
C ALA D 268 34.56 32.30 45.40
N ALA D 269 33.37 32.84 45.11
CA ALA D 269 33.02 34.22 45.39
C ALA D 269 33.76 35.21 44.50
N GLY D 270 34.37 34.72 43.42
CA GLY D 270 35.08 35.57 42.48
C GLY D 270 34.50 35.44 41.07
N ALA D 271 35.03 36.26 40.17
CA ALA D 271 34.57 36.24 38.79
C ALA D 271 34.81 34.89 38.14
N GLY D 272 36.08 34.48 38.05
CA GLY D 272 36.44 33.23 37.43
C GLY D 272 37.21 33.44 36.14
N PRO D 273 37.92 32.41 35.68
CA PRO D 273 38.72 32.55 34.46
C PRO D 273 37.91 32.30 33.19
N ALA D 274 37.90 33.26 32.28
CA ALA D 274 37.23 33.09 30.99
C ALA D 274 38.10 32.21 30.10
N VAL D 275 37.63 31.00 29.82
CA VAL D 275 38.41 30.00 29.10
C VAL D 275 38.16 30.15 27.61
N ARG D 276 39.20 29.86 26.82
CA ARG D 276 39.12 29.83 25.37
C ARG D 276 39.34 28.41 24.90
N VAL D 277 38.39 27.89 24.11
CA VAL D 277 38.39 26.50 23.67
C VAL D 277 38.41 26.47 22.15
N SER D 278 39.34 25.71 21.60
CA SER D 278 39.46 25.58 20.15
C SER D 278 38.52 24.49 19.66
N CYS D 279 37.65 24.86 18.72
CA CYS D 279 36.67 23.93 18.18
C CYS D 279 36.83 23.81 16.66
N LYS D 280 36.42 22.65 16.15
CA LYS D 280 36.49 22.33 14.74
C LYS D 280 35.17 21.75 14.30
N LEU D 281 34.67 22.21 13.15
CA LEU D 281 33.41 21.75 12.57
C LEU D 281 33.69 20.60 11.62
N PRO D 282 32.96 19.48 11.70
CA PRO D 282 33.25 18.36 10.79
C PRO D 282 32.51 18.43 9.47
N SER D 283 31.46 19.22 9.36
CA SER D 283 30.57 19.18 8.20
C SER D 283 30.83 20.30 7.19
N VAL D 284 31.90 21.08 7.35
CA VAL D 284 32.10 22.19 6.43
C VAL D 284 32.53 21.70 5.05
N GLN D 285 33.29 20.59 4.99
CA GLN D 285 33.85 20.15 3.72
C GLN D 285 32.75 19.71 2.75
N LEU D 286 31.85 18.85 3.22
CA LEU D 286 30.78 18.38 2.34
C LEU D 286 29.89 19.52 1.91
N GLN D 287 29.57 20.43 2.83
CA GLN D 287 28.76 21.59 2.47
C GLN D 287 29.45 22.46 1.43
N ARG D 288 30.76 22.67 1.59
CA ARG D 288 31.51 23.50 0.66
C ARG D 288 31.60 22.85 -0.72
N ILE D 289 31.58 21.51 -0.77
CA ILE D 289 31.59 20.84 -2.06
C ILE D 289 30.21 20.87 -2.71
N ILE D 290 29.16 20.62 -1.92
CA ILE D 290 27.80 20.66 -2.45
C ILE D 290 27.44 22.05 -2.93
N ALA D 291 27.96 23.08 -2.27
CA ALA D 291 27.71 24.45 -2.72
C ALA D 291 28.22 24.65 -4.15
N GLY D 292 29.46 24.23 -4.41
CA GLY D 292 29.99 24.34 -5.75
C GLY D 292 29.22 23.50 -6.75
N VAL D 293 28.84 22.28 -6.35
CA VAL D 293 28.09 21.42 -7.26
C VAL D 293 26.77 22.08 -7.65
N ASP D 294 26.05 22.62 -6.67
CA ASP D 294 24.79 23.30 -6.94
C ASP D 294 25.01 24.54 -7.79
N ILE D 295 26.07 25.31 -7.52
CA ILE D 295 26.34 26.50 -8.31
C ILE D 295 26.50 26.11 -9.77
N VAL D 296 27.34 25.10 -10.04
CA VAL D 296 27.59 24.69 -11.42
C VAL D 296 26.31 24.18 -12.06
N LEU D 297 25.56 23.35 -11.35
CA LEU D 297 24.34 22.77 -11.90
C LEU D 297 23.34 23.87 -12.28
N LEU D 298 23.09 24.81 -11.36
CA LEU D 298 22.11 25.84 -11.63
C LEU D 298 22.60 26.82 -12.70
N CYS D 299 23.90 27.08 -12.77
CA CYS D 299 24.42 27.92 -13.85
C CYS D 299 24.20 27.24 -15.21
N VAL D 300 24.45 25.93 -15.27
CA VAL D 300 24.21 25.21 -16.52
C VAL D 300 22.73 25.24 -16.88
N MET D 301 21.86 25.09 -15.89
CA MET D 301 20.42 25.19 -16.15
C MET D 301 20.05 26.57 -16.67
N ASN D 302 20.63 27.63 -16.09
CA ASN D 302 20.37 28.98 -16.59
C ASN D 302 20.79 29.12 -18.04
N LEU D 303 21.98 28.61 -18.38
CA LEU D 303 22.45 28.68 -19.75
C LEU D 303 21.52 27.91 -20.69
N ILE D 304 21.07 26.73 -20.26
CA ILE D 304 20.16 25.93 -21.09
C ILE D 304 18.86 26.68 -21.32
N ILE D 305 18.31 27.29 -20.28
CA ILE D 305 17.06 28.04 -20.41
C ILE D 305 17.25 29.19 -21.40
N LEU D 306 18.35 29.93 -21.27
CA LEU D 306 18.57 31.06 -22.16
C LEU D 306 18.72 30.59 -23.61
N VAL D 307 19.46 29.50 -23.83
CA VAL D 307 19.65 29.00 -25.18
C VAL D 307 18.32 28.55 -25.78
N ASN D 308 17.52 27.83 -25.00
CA ASN D 308 16.24 27.37 -25.50
C ASN D 308 15.32 28.53 -25.85
N LEU D 309 15.28 29.55 -24.99
CA LEU D 309 14.43 30.71 -25.27
C LEU D 309 14.90 31.43 -26.54
N ILE D 310 16.22 31.62 -26.68
CA ILE D 310 16.74 32.32 -27.85
C ILE D 310 16.42 31.53 -29.11
N HIS D 311 16.58 30.21 -29.06
CA HIS D 311 16.26 29.38 -30.22
C HIS D 311 14.78 29.47 -30.57
N LEU D 312 13.91 29.45 -29.55
CA LEU D 312 12.48 29.36 -29.81
C LEU D 312 11.91 30.68 -30.32
N PHE D 313 12.33 31.81 -29.74
CA PHE D 313 11.68 33.08 -30.00
C PHE D 313 12.45 34.00 -30.94
N ILE D 314 13.68 33.66 -31.33
CA ILE D 314 14.46 34.54 -32.20
C ILE D 314 14.94 33.77 -33.42
N PHE D 315 15.68 32.68 -33.20
CA PHE D 315 16.25 31.94 -34.32
C PHE D 315 15.22 31.06 -35.01
N ARG D 316 14.21 30.57 -34.29
CA ARG D 316 13.24 29.68 -34.91
C ARG D 316 12.49 30.40 -36.02
N LYS D 317 12.26 29.68 -37.12
CA LYS D 317 11.54 30.20 -38.27
C LYS D 317 10.31 29.38 -38.63
N SER D 318 10.40 28.05 -38.54
CA SER D 318 9.30 27.15 -38.88
C SER D 318 8.92 26.34 -37.65
N ASN D 319 7.62 26.18 -37.44
CA ASN D 319 7.08 25.47 -36.30
C ASN D 319 6.45 24.14 -36.76
N PHE D 320 5.83 23.44 -35.82
CA PHE D 320 5.28 22.11 -36.09
C PHE D 320 3.98 22.19 -36.87
N ILE D 321 2.99 22.90 -36.34
CA ILE D 321 1.67 22.92 -36.97
C ILE D 321 1.73 23.55 -38.34
N PHE D 322 2.49 24.64 -38.49
CA PHE D 322 2.58 25.31 -39.78
C PHE D 322 3.13 24.37 -40.84
N ASP D 323 4.24 23.70 -40.55
CA ASP D 323 4.84 22.77 -41.52
C ASP D 323 3.91 21.59 -41.76
N LYS D 324 3.26 21.10 -40.72
CA LYS D 324 2.36 19.96 -40.87
C LYS D 324 1.20 20.29 -41.80
N LEU D 325 0.61 21.48 -41.64
CA LEU D 325 -0.44 21.91 -42.55
C LEU D 325 0.11 22.12 -43.96
N HIS D 326 1.28 22.73 -44.09
CA HIS D 326 1.87 22.94 -45.41
C HIS D 326 2.14 21.61 -46.11
N LYS D 327 2.36 20.54 -45.34
CA LYS D 327 2.55 19.23 -45.94
C LYS D 327 1.38 18.87 -46.84
N VAL D 328 0.15 19.06 -46.34
CA VAL D 328 -1.02 18.83 -47.17
C VAL D 328 -1.24 19.96 -48.17
N GLY D 329 -0.79 21.17 -47.85
CA GLY D 329 -0.88 22.29 -48.78
C GLY D 329 -1.83 23.37 -48.34
N ILE D 330 -1.29 24.44 -47.77
CA ILE D 330 -2.03 25.66 -47.44
C ILE D 330 -1.12 26.86 -47.67
N LYS D 331 -1.66 28.05 -47.45
CA LYS D 331 -0.91 29.27 -47.75
C LYS D 331 0.19 29.52 -46.74
N THR D 332 -0.13 29.47 -45.44
CA THR D 332 0.82 29.81 -44.38
C THR D 332 1.46 31.18 -44.64
N ARG D 333 0.63 32.14 -45.05
CA ARG D 333 1.12 33.48 -45.33
C ARG D 333 1.49 34.19 -44.04
N ARG D 334 2.22 35.30 -44.19
CA ARG D 334 2.71 36.08 -43.05
C ARG D 334 1.61 36.83 -42.33
N GLN D 335 0.38 36.84 -42.84
CA GLN D 335 -0.69 37.54 -42.15
C GLN D 335 -0.89 37.02 -40.73
N TRP D 336 -0.54 35.75 -40.49
CA TRP D 336 -0.53 35.18 -39.15
C TRP D 336 0.89 34.79 -38.72
N ARG D 337 1.87 35.51 -39.24
CA ARG D 337 3.28 35.25 -38.94
C ARG D 337 3.98 36.59 -38.79
N ARG D 338 5.30 36.59 -38.84
CA ARG D 338 6.19 37.74 -38.70
C ARG D 338 6.32 38.17 -37.24
N SER D 339 5.58 37.57 -36.31
CA SER D 339 5.68 37.86 -34.89
C SER D 339 6.00 36.54 -34.19
N GLN D 340 7.30 36.24 -34.06
CA GLN D 340 7.71 34.96 -33.49
C GLN D 340 7.22 34.81 -32.06
N PHE D 341 7.05 35.92 -31.34
CA PHE D 341 6.46 35.89 -30.00
C PHE D 341 4.96 35.65 -30.13
N CYS D 342 4.59 34.47 -30.60
CA CYS D 342 3.21 34.16 -30.98
C CYS D 342 2.71 32.95 -30.19
N ASP D 343 1.39 32.96 -29.96
CA ASP D 343 0.78 31.89 -29.18
C ASP D 343 0.91 30.54 -29.88
N ILE D 344 0.69 30.51 -31.20
CA ILE D 344 0.74 29.25 -31.93
C ILE D 344 2.16 28.69 -31.90
N ASN D 345 3.16 29.53 -31.66
CA ASN D 345 4.54 29.06 -31.67
C ASN D 345 4.77 28.02 -30.58
N ILE D 346 4.25 28.26 -29.38
CA ILE D 346 4.44 27.30 -28.30
C ILE D 346 3.38 26.20 -28.35
N LEU D 347 2.20 26.51 -28.88
CA LEU D 347 1.23 25.45 -29.13
C LEU D 347 1.79 24.42 -30.10
N ALA D 348 2.70 24.84 -30.98
CA ALA D 348 3.34 23.89 -31.87
C ALA D 348 4.18 22.88 -31.09
N MET D 349 4.96 23.35 -30.12
CA MET D 349 5.73 22.43 -29.28
C MET D 349 4.80 21.53 -28.47
N PHE D 350 3.73 22.10 -27.91
CA PHE D 350 2.79 21.30 -27.14
C PHE D 350 2.20 20.19 -27.99
N CYS D 351 1.81 20.51 -29.23
CA CYS D 351 1.28 19.49 -30.13
C CYS D 351 2.35 18.47 -30.49
N ASN D 352 3.59 18.92 -30.71
CA ASN D 352 4.66 17.99 -31.05
C ASN D 352 4.86 16.97 -29.93
N GLU D 353 4.81 17.42 -28.67
CA GLU D 353 4.84 16.47 -27.56
C GLU D 353 3.64 15.54 -27.61
N ASN D 354 2.46 16.09 -27.91
CA ASN D 354 1.23 15.31 -28.04
C ASN D 354 0.97 14.86 -29.47
N ARG D 355 2.03 14.69 -30.27
CA ARG D 355 1.83 14.37 -31.68
C ARG D 355 1.04 13.08 -31.87
N ASP D 356 1.30 12.08 -31.02
CA ASP D 356 0.67 10.78 -31.16
C ASP D 356 -0.65 10.67 -30.41
N HIS D 357 -1.08 11.72 -29.71
CA HIS D 357 -2.40 11.70 -29.09
C HIS D 357 -3.54 11.79 -30.09
N ILE D 358 -3.24 12.08 -31.36
CA ILE D 358 -4.23 12.07 -32.43
C ILE D 358 -3.76 11.04 -33.45
N LYS D 359 -4.61 10.02 -33.69
CA LYS D 359 -4.16 8.86 -34.44
C LYS D 359 -3.90 9.20 -35.90
N SER D 360 -4.93 9.66 -36.61
CA SER D 360 -4.84 9.84 -38.06
C SER D 360 -3.55 10.55 -38.45
N LEU D 361 -3.38 11.78 -37.96
CA LEU D 361 -2.20 12.58 -38.31
C LEU D 361 -0.94 11.74 -38.33
N ASN D 362 -0.73 10.96 -37.27
CA ASN D 362 0.48 10.14 -37.17
C ASN D 362 0.79 9.44 -38.49
N ARG D 363 -0.12 8.59 -38.95
CA ARG D 363 0.14 7.84 -40.16
C ARG D 363 0.41 8.77 -41.33
N LEU D 364 -0.40 9.82 -41.46
CA LEU D 364 -0.25 10.72 -42.59
C LEU D 364 1.12 11.39 -42.61
N ASP D 365 1.82 11.41 -41.48
CA ASP D 365 3.15 12.01 -41.46
C ASP D 365 4.20 11.05 -42.02
N PHE D 366 4.05 9.74 -41.77
CA PHE D 366 5.07 8.77 -42.13
C PHE D 366 4.88 8.19 -43.52
N ILE D 367 3.72 8.42 -44.16
CA ILE D 367 3.51 7.90 -45.50
C ILE D 367 4.41 8.59 -46.50
N THR D 368 4.68 9.89 -46.31
CA THR D 368 5.44 10.66 -47.28
C THR D 368 6.55 11.47 -46.61
N ASN D 369 7.20 12.33 -47.38
CA ASN D 369 8.26 13.21 -46.87
C ASN D 369 8.30 14.46 -47.74
N GLU D 370 9.21 15.37 -47.40
CA GLU D 370 9.48 16.61 -48.13
C GLU D 370 8.36 17.63 -47.98
N SER D 371 7.27 17.32 -47.29
CA SER D 371 6.16 18.25 -47.09
C SER D 371 5.61 18.71 -48.45
N ASP D 372 5.56 17.80 -49.41
CA ASP D 372 5.05 18.05 -50.75
C ASP D 372 4.10 16.93 -51.16
N LEU D 373 3.17 16.59 -50.25
CA LEU D 373 2.33 15.41 -50.44
C LEU D 373 1.51 15.51 -51.73
N MET D 374 1.09 16.72 -52.11
CA MET D 374 0.23 16.91 -53.27
C MET D 374 1.00 17.29 -54.53
N TYR D 375 2.32 17.13 -54.54
CA TYR D 375 3.10 17.35 -55.75
C TYR D 375 3.49 16.06 -56.45
N ASP D 376 3.26 14.91 -55.82
CA ASP D 376 3.40 13.63 -56.51
C ASP D 376 2.16 13.38 -57.36
N ASN D 377 2.37 12.82 -58.55
CA ASN D 377 1.27 12.64 -59.49
C ASN D 377 0.36 11.49 -59.07
N VAL D 378 0.92 10.30 -58.87
CA VAL D 378 0.13 9.07 -58.78
C VAL D 378 0.23 8.42 -57.40
N VAL D 379 1.43 7.95 -57.03
CA VAL D 379 1.52 6.91 -56.01
C VAL D 379 0.94 7.39 -54.68
N ARG D 380 1.37 8.57 -54.22
CA ARG D 380 0.95 9.03 -52.90
C ARG D 380 -0.56 9.23 -52.85
N GLN D 381 -1.15 9.80 -53.90
CA GLN D 381 -2.59 10.02 -53.90
C GLN D 381 -3.36 8.81 -54.40
N LEU D 382 -2.75 7.97 -55.26
CA LEU D 382 -3.43 6.76 -55.69
C LEU D 382 -3.64 5.82 -54.51
N LEU D 383 -2.66 5.73 -53.61
CA LEU D 383 -2.83 4.89 -52.42
C LEU D 383 -4.05 5.34 -51.62
N ALA D 384 -4.15 6.65 -51.35
CA ALA D 384 -5.28 7.16 -50.60
C ALA D 384 -6.59 6.96 -51.36
N ALA D 385 -6.56 7.10 -52.68
CA ALA D 385 -7.76 6.90 -53.48
C ALA D 385 -8.29 5.48 -53.32
N LEU D 386 -7.41 4.48 -53.48
CA LEU D 386 -7.84 3.11 -53.28
C LEU D 386 -8.18 2.81 -51.82
N ALA D 387 -7.59 3.55 -50.88
CA ALA D 387 -7.86 3.28 -49.46
C ALA D 387 -9.22 3.82 -49.03
N GLN D 388 -9.66 4.93 -49.61
CA GLN D 388 -10.86 5.61 -49.13
C GLN D 388 -12.00 5.65 -50.13
N SER D 389 -11.72 5.99 -51.39
CA SER D 389 -12.79 6.24 -52.35
C SER D 389 -13.67 5.00 -52.55
N ASN D 390 -13.04 3.83 -52.67
CA ASN D 390 -13.82 2.62 -52.90
C ASN D 390 -14.61 2.21 -51.66
N HIS D 391 -14.11 2.51 -50.46
CA HIS D 391 -14.79 2.08 -49.24
C HIS D 391 -16.14 2.75 -49.08
N ASP D 392 -16.34 3.94 -49.62
CA ASP D 392 -17.62 4.63 -49.52
C ASP D 392 -18.69 3.92 -50.34
N LEU E 42 -3.33 -2.36 -24.07
CA LEU E 42 -2.13 -2.67 -23.29
C LEU E 42 -0.94 -1.84 -23.76
N GLN E 43 0.24 -2.15 -23.23
CA GLN E 43 1.46 -1.40 -23.49
C GLN E 43 2.38 -2.19 -24.42
N LEU E 44 3.23 -1.46 -25.13
CA LEU E 44 4.22 -2.05 -26.02
C LEU E 44 5.61 -1.78 -25.47
N LYS E 45 6.49 -2.78 -25.61
CA LYS E 45 7.84 -2.71 -25.04
C LYS E 45 8.78 -1.98 -25.97
N LEU E 46 9.76 -1.29 -25.37
CA LEU E 46 10.82 -0.64 -26.13
C LEU E 46 12.20 -0.94 -25.54
N GLU E 47 12.29 -1.93 -24.67
CA GLU E 47 13.54 -2.31 -24.01
C GLU E 47 14.06 -3.59 -24.66
N LEU E 48 15.29 -3.54 -25.14
CA LEU E 48 15.94 -4.75 -25.64
C LEU E 48 16.61 -5.47 -24.49
N PRO E 49 16.67 -6.82 -24.51
CA PRO E 49 17.30 -7.53 -23.40
C PRO E 49 18.71 -7.04 -23.14
N PHE E 50 19.44 -6.74 -24.22
CA PHE E 50 20.81 -6.25 -24.10
C PHE E 50 20.86 -4.94 -23.32
N ASP E 51 19.98 -4.00 -23.65
CA ASP E 51 20.00 -2.71 -22.97
C ASP E 51 19.64 -2.85 -21.50
N ARG E 52 18.64 -3.68 -21.19
CA ARG E 52 18.28 -3.86 -19.79
C ARG E 52 19.39 -4.55 -19.01
N VAL E 53 20.06 -5.53 -19.62
CA VAL E 53 21.21 -6.14 -18.98
C VAL E 53 22.30 -5.10 -18.72
N VAL E 54 22.57 -4.25 -19.71
CA VAL E 54 23.60 -3.23 -19.57
C VAL E 54 23.27 -2.30 -18.42
N THR E 55 22.05 -1.76 -18.40
CA THR E 55 21.69 -0.81 -17.37
C THR E 55 21.70 -1.47 -15.99
N ILE E 56 21.22 -2.72 -15.90
CA ILE E 56 21.29 -3.44 -14.64
C ILE E 56 22.74 -3.50 -14.16
N GLY E 57 23.60 -4.15 -14.93
CA GLY E 57 24.97 -4.35 -14.52
C GLY E 57 25.78 -3.08 -14.40
N THR E 58 25.26 -1.96 -14.90
CA THR E 58 25.98 -0.69 -14.87
C THR E 58 25.50 0.24 -13.76
N VAL E 59 24.25 0.13 -13.31
CA VAL E 59 23.69 1.03 -12.31
C VAL E 59 23.22 0.26 -11.08
N LEU E 60 22.40 -0.77 -11.28
CA LEU E 60 21.77 -1.43 -10.15
C LEU E 60 22.80 -2.09 -9.25
N VAL E 61 23.75 -2.81 -9.84
CA VAL E 61 24.79 -3.46 -9.05
C VAL E 61 25.62 -2.42 -8.30
N PRO E 62 26.16 -1.37 -8.94
CA PRO E 62 26.90 -0.37 -8.17
C PRO E 62 26.08 0.28 -7.07
N ILE E 63 24.77 0.45 -7.27
CA ILE E 63 23.94 0.99 -6.21
C ILE E 63 23.89 0.02 -5.03
N LEU E 64 23.78 -1.28 -5.31
CA LEU E 64 23.80 -2.27 -4.24
C LEU E 64 25.11 -2.23 -3.48
N LEU E 65 26.23 -2.16 -4.21
CA LEU E 65 27.53 -2.08 -3.54
C LEU E 65 27.64 -0.79 -2.72
N VAL E 66 27.09 0.31 -3.22
CA VAL E 66 27.15 1.58 -2.51
C VAL E 66 26.39 1.47 -1.19
N THR E 67 25.17 0.92 -1.23
CA THR E 67 24.41 0.79 0.00
C THR E 67 25.06 -0.19 0.96
N LEU E 68 25.71 -1.24 0.43
CA LEU E 68 26.46 -2.15 1.30
C LEU E 68 27.60 -1.42 1.99
N VAL E 69 28.33 -0.58 1.25
CA VAL E 69 29.43 0.18 1.84
C VAL E 69 28.91 1.15 2.89
N PHE E 70 27.78 1.81 2.60
CA PHE E 70 27.18 2.71 3.58
C PHE E 70 26.81 1.96 4.85
N THR E 71 26.19 0.79 4.71
CA THR E 71 25.81 0.01 5.87
C THR E 71 27.03 -0.39 6.69
N LYS E 72 28.08 -0.85 6.01
CA LYS E 72 29.30 -1.23 6.73
C LYS E 72 29.91 -0.04 7.45
N ASN E 73 29.97 1.11 6.78
CA ASN E 73 30.64 2.28 7.36
C ASN E 73 29.86 2.85 8.54
N PHE E 74 28.54 2.87 8.45
CA PHE E 74 27.73 3.40 9.54
C PHE E 74 27.52 2.41 10.68
N ALA E 75 27.63 1.10 10.40
CA ALA E 75 27.58 0.12 11.48
C ALA E 75 28.84 0.20 12.33
N GLU E 76 29.99 0.43 11.69
CA GLU E 76 31.25 0.58 12.39
C GLU E 76 31.38 2.01 12.91
N GLU E 77 32.55 2.36 13.44
CA GLU E 77 32.87 3.69 13.89
C GLU E 77 33.84 4.36 12.92
N PRO E 78 33.66 5.65 12.61
CA PRO E 78 34.49 6.27 11.57
C PRO E 78 35.99 5.99 11.67
N ILE E 79 36.61 6.33 12.80
CA ILE E 79 38.06 6.23 12.94
C ILE E 79 38.39 5.70 14.33
N TYR E 80 39.57 5.10 14.45
CA TYR E 80 40.06 4.58 15.73
C TYR E 80 41.42 5.18 16.02
N CYS E 81 41.51 6.03 17.04
CA CYS E 81 42.71 6.78 17.35
C CYS E 81 43.26 6.37 18.71
N TYR E 82 44.57 6.12 18.78
CA TYR E 82 45.23 5.65 20.00
C TYR E 82 45.65 6.86 20.84
N THR E 83 44.67 7.46 21.50
CA THR E 83 44.92 8.67 22.26
C THR E 83 45.86 8.38 23.43
N PRO E 84 46.68 9.35 23.83
CA PRO E 84 47.59 9.11 24.96
C PRO E 84 46.86 8.84 26.26
N HIS E 85 47.62 8.61 27.34
CA HIS E 85 47.01 8.28 28.62
C HIS E 85 46.33 9.49 29.25
N ASN E 86 46.95 10.67 29.14
CA ASN E 86 46.40 11.85 29.80
C ASN E 86 45.02 12.20 29.27
N PHE E 87 44.82 12.06 27.96
CA PHE E 87 43.57 12.49 27.34
C PHE E 87 42.36 12.02 28.11
N THR E 88 41.56 12.96 28.60
CA THR E 88 40.26 12.63 29.15
C THR E 88 39.35 12.16 28.03
N ARG E 89 38.15 11.71 28.40
CA ARG E 89 37.24 11.18 27.39
C ARG E 89 36.82 12.25 26.41
N ASP E 90 36.55 13.47 26.88
CA ASP E 90 36.18 14.56 25.97
C ASP E 90 37.32 14.90 25.02
N GLN E 91 38.55 14.98 25.54
CA GLN E 91 39.69 15.26 24.67
C GLN E 91 39.91 14.13 23.67
N ALA E 92 39.71 12.88 24.11
CA ALA E 92 39.84 11.74 23.19
C ALA E 92 38.80 11.81 22.09
N LEU E 93 37.57 12.18 22.43
CA LEU E 93 36.54 12.36 21.41
C LEU E 93 36.92 13.48 20.45
N TYR E 94 37.46 14.58 20.98
CA TYR E 94 37.90 15.65 20.10
C TYR E 94 38.98 15.17 19.15
N ALA E 95 39.93 14.39 19.64
CA ALA E 95 41.00 13.88 18.77
C ALA E 95 40.43 12.97 17.69
N ARG E 96 39.57 12.04 18.09
CA ARG E 96 38.99 11.10 17.13
C ARG E 96 38.09 11.79 16.13
N GLY E 97 37.58 12.98 16.45
CA GLY E 97 36.79 13.73 15.48
C GLY E 97 37.65 14.60 14.58
N TYR E 98 38.65 15.25 15.17
CA TYR E 98 39.52 16.12 14.39
C TYR E 98 40.33 15.32 13.38
N CYS E 99 40.89 14.20 13.80
CA CYS E 99 41.71 13.39 12.90
C CYS E 99 40.88 12.77 11.77
N TRP E 100 39.57 12.65 11.95
CA TRP E 100 38.69 12.17 10.89
C TRP E 100 38.12 13.29 10.04
N THR E 101 38.12 14.52 10.55
CA THR E 101 37.74 15.67 9.73
C THR E 101 38.93 16.17 8.92
N GLU E 102 40.04 16.45 9.58
CA GLU E 102 41.26 16.83 8.86
C GLU E 102 41.70 15.71 7.92
N LEU E 103 41.79 14.49 8.44
CA LEU E 103 42.08 13.31 7.64
C LEU E 103 43.33 13.49 6.78
N ARG E 104 44.39 14.06 7.36
CA ARG E 104 45.62 14.32 6.66
C ARG E 104 46.78 13.68 7.42
N ASP E 105 47.47 12.76 6.76
CA ASP E 105 48.56 12.04 7.40
C ASP E 105 49.77 12.95 7.58
N ALA E 106 50.47 12.78 8.69
CA ALA E 106 51.67 13.53 9.01
C ALA E 106 52.91 12.69 8.71
N LEU E 107 54.06 13.22 9.06
CA LEU E 107 55.36 12.61 8.82
C LEU E 107 56.18 12.67 10.09
N PRO E 108 57.17 11.78 10.25
CA PRO E 108 57.95 11.75 11.50
C PRO E 108 58.48 13.12 11.89
N GLY E 109 59.30 13.71 11.02
CA GLY E 109 59.69 15.10 11.17
C GLY E 109 58.68 16.02 10.52
N VAL E 110 58.96 17.33 10.60
CA VAL E 110 58.12 18.28 9.89
C VAL E 110 58.06 17.91 8.40
N ASP E 111 59.21 17.97 7.72
CA ASP E 111 59.38 17.38 6.39
C ASP E 111 58.54 18.06 5.32
N ALA E 112 57.64 18.95 5.71
CA ALA E 112 56.80 19.66 4.76
C ALA E 112 55.83 20.55 5.54
N SER E 113 55.15 21.43 4.82
CA SER E 113 53.90 22.02 5.28
C SER E 113 52.70 21.39 4.61
N LEU E 114 52.91 20.71 3.48
CA LEU E 114 51.86 19.98 2.76
C LEU E 114 52.28 18.51 2.72
N TRP E 115 51.70 17.71 3.61
CA TRP E 115 51.97 16.28 3.70
C TRP E 115 50.77 15.48 3.21
N PRO E 116 50.98 14.23 2.79
CA PRO E 116 49.95 13.52 2.02
C PRO E 116 48.62 13.44 2.76
N SER E 117 47.54 13.53 1.99
CA SER E 117 46.19 13.49 2.52
C SER E 117 45.54 12.13 2.27
N LEU E 118 44.33 11.96 2.81
CA LEU E 118 43.59 10.72 2.67
C LEU E 118 42.10 11.00 2.45
N PHE E 119 41.78 12.13 1.84
CA PHE E 119 40.38 12.52 1.69
C PHE E 119 39.58 11.51 0.88
N GLU E 120 40.23 10.77 -0.02
CA GLU E 120 39.50 9.84 -0.87
C GLU E 120 38.84 8.73 -0.07
N HIS E 121 39.53 8.22 0.95
CA HIS E 121 38.94 7.15 1.76
C HIS E 121 37.63 7.60 2.39
N LYS E 122 37.47 8.90 2.61
CA LYS E 122 36.24 9.45 3.18
C LYS E 122 35.24 9.87 2.11
N PHE E 123 35.71 10.20 0.91
CA PHE E 123 34.87 10.76 -0.14
C PHE E 123 34.35 9.72 -1.12
N LEU E 124 34.99 8.55 -1.22
CA LEU E 124 34.60 7.59 -2.25
C LEU E 124 33.14 7.20 -2.19
N PRO E 125 32.58 6.79 -1.05
CA PRO E 125 31.21 6.26 -1.06
C PRO E 125 30.16 7.28 -1.50
N TYR E 126 30.59 8.51 -1.81
CA TYR E 126 29.74 9.49 -2.47
C TYR E 126 30.06 9.62 -3.95
N ALA E 127 31.35 9.58 -4.31
CA ALA E 127 31.72 9.58 -5.72
C ALA E 127 31.15 8.37 -6.44
N LEU E 128 30.98 7.25 -5.71
CA LEU E 128 30.36 6.07 -6.32
C LEU E 128 28.90 6.33 -6.66
N LEU E 129 28.16 7.01 -5.77
CA LEU E 129 26.80 7.40 -6.10
C LEU E 129 26.78 8.35 -7.28
N ALA E 130 27.73 9.30 -7.33
CA ALA E 130 27.79 10.23 -8.44
C ALA E 130 28.02 9.48 -9.75
N PHE E 131 28.91 8.50 -9.75
CA PHE E 131 29.16 7.71 -10.95
C PHE E 131 27.93 6.91 -11.35
N ALA E 132 27.22 6.33 -10.37
CA ALA E 132 26.01 5.59 -10.69
C ALA E 132 25.00 6.49 -11.37
N ALA E 133 24.77 7.68 -10.82
CA ALA E 133 23.82 8.60 -11.44
C ALA E 133 24.28 9.02 -12.82
N ILE E 134 25.58 9.32 -12.98
CA ILE E 134 26.10 9.75 -14.26
C ILE E 134 25.88 8.68 -15.31
N MET E 135 26.12 7.42 -14.96
CA MET E 135 25.96 6.34 -15.93
C MET E 135 24.50 6.00 -16.16
N TYR E 136 23.61 6.33 -15.21
CA TYR E 136 22.18 6.20 -15.46
C TYR E 136 21.65 7.30 -16.35
N VAL E 137 22.33 8.45 -16.41
CA VAL E 137 21.85 9.55 -17.24
C VAL E 137 21.61 9.14 -18.70
N PRO E 138 22.55 8.50 -19.40
CA PRO E 138 22.34 8.28 -20.85
C PRO E 138 21.08 7.50 -21.18
N ALA E 139 20.71 6.52 -20.35
CA ALA E 139 19.47 5.81 -20.60
C ALA E 139 18.27 6.74 -20.54
N LEU E 140 18.23 7.62 -19.53
CA LEU E 140 17.16 8.60 -19.43
C LEU E 140 17.16 9.55 -20.62
N GLY E 141 18.35 9.97 -21.06
CA GLY E 141 18.42 10.86 -22.20
C GLY E 141 17.86 10.21 -23.46
N TRP E 142 18.26 8.97 -23.72
CA TRP E 142 17.74 8.26 -24.89
C TRP E 142 16.24 8.07 -24.79
N GLU E 143 15.74 7.72 -23.61
CA GLU E 143 14.29 7.60 -23.42
C GLU E 143 13.60 8.90 -23.79
N PHE E 144 14.05 10.01 -23.20
CA PHE E 144 13.40 11.30 -23.45
C PHE E 144 13.47 11.67 -24.93
N LEU E 145 14.57 11.34 -25.60
CA LEU E 145 14.76 11.77 -26.98
C LEU E 145 14.13 10.84 -28.01
N ALA E 146 13.76 9.61 -27.63
CA ALA E 146 13.27 8.65 -28.59
C ALA E 146 11.88 8.09 -28.29
N SER E 147 11.30 8.39 -27.12
CA SER E 147 10.03 7.77 -26.76
C SER E 147 8.99 7.93 -27.85
N THR E 148 8.62 9.19 -28.15
CA THR E 148 7.52 9.44 -29.08
C THR E 148 7.85 8.93 -30.48
N ARG E 149 9.07 9.21 -30.95
CA ARG E 149 9.43 8.85 -32.32
C ARG E 149 9.37 7.34 -32.51
N LEU E 150 10.01 6.58 -31.62
CA LEU E 150 10.00 5.13 -31.75
C LEU E 150 8.58 4.58 -31.55
N THR E 151 7.82 5.16 -30.61
CA THR E 151 6.45 4.73 -30.43
C THR E 151 5.67 4.82 -31.74
N SER E 152 5.70 5.98 -32.37
CA SER E 152 4.97 6.17 -33.63
C SER E 152 5.48 5.24 -34.70
N GLU E 153 6.81 5.14 -34.86
CA GLU E 153 7.36 4.34 -35.93
C GLU E 153 6.98 2.87 -35.78
N LEU E 154 7.09 2.33 -34.56
CA LEU E 154 6.77 0.93 -34.35
C LEU E 154 5.27 0.68 -34.42
N ASN E 155 4.45 1.65 -33.97
CA ASN E 155 3.00 1.51 -34.12
C ASN E 155 2.63 1.41 -35.59
N PHE E 156 3.25 2.22 -36.44
CA PHE E 156 3.01 2.11 -37.88
C PHE E 156 3.52 0.77 -38.41
N LEU E 157 4.72 0.37 -37.98
CA LEU E 157 5.35 -0.81 -38.58
C LEU E 157 4.60 -2.09 -38.24
N LEU E 158 4.11 -2.22 -37.00
CA LEU E 158 3.41 -3.45 -36.63
C LEU E 158 2.15 -3.63 -37.46
N GLN E 159 1.37 -2.56 -37.62
CA GLN E 159 0.17 -2.64 -38.46
C GLN E 159 0.54 -2.91 -39.91
N GLU E 160 1.62 -2.28 -40.40
CA GLU E 160 2.03 -2.51 -41.77
C GLU E 160 2.41 -3.97 -42.01
N ILE E 161 3.13 -4.58 -41.08
CA ILE E 161 3.52 -5.98 -41.26
C ILE E 161 2.31 -6.89 -41.12
N ASP E 162 1.37 -6.55 -40.23
CA ASP E 162 0.14 -7.32 -40.13
C ASP E 162 -0.59 -7.32 -41.47
N ASN E 163 -0.77 -6.15 -42.06
CA ASN E 163 -1.42 -6.07 -43.37
C ASN E 163 -0.60 -6.78 -44.44
N CYS E 164 0.73 -6.73 -44.34
CA CYS E 164 1.57 -7.41 -45.31
C CYS E 164 1.36 -8.91 -45.27
N TYR E 165 1.27 -9.49 -44.08
CA TYR E 165 1.07 -10.93 -43.99
C TYR E 165 -0.38 -11.32 -44.33
N HIS E 166 -1.34 -10.44 -44.07
CA HIS E 166 -2.68 -10.68 -44.59
C HIS E 166 -2.68 -10.70 -46.11
N ARG E 167 -1.94 -9.78 -46.73
CA ARG E 167 -1.78 -9.79 -48.18
C ARG E 167 -1.09 -11.06 -48.66
N ALA E 168 -0.10 -11.54 -47.89
CA ALA E 168 0.55 -12.80 -48.25
C ALA E 168 -0.44 -13.94 -48.23
N ALA E 169 -1.30 -13.99 -47.21
CA ALA E 169 -2.35 -15.01 -47.18
C ALA E 169 -3.25 -14.90 -48.39
N GLU E 170 -3.63 -13.67 -48.76
CA GLU E 170 -4.46 -13.48 -49.94
C GLU E 170 -3.75 -13.96 -51.21
N GLY E 171 -2.47 -13.65 -51.35
CA GLY E 171 -1.75 -13.89 -52.58
C GLY E 171 -1.28 -15.32 -52.77
N ARG E 172 -1.13 -16.09 -51.69
CA ARG E 172 -0.79 -17.49 -51.85
C ARG E 172 -1.93 -18.29 -52.45
N ALA E 173 -3.17 -17.82 -52.32
CA ALA E 173 -4.31 -18.59 -52.82
C ALA E 173 -4.25 -18.85 -54.32
N PRO E 174 -4.05 -17.84 -55.17
CA PRO E 174 -4.01 -18.13 -56.63
C PRO E 174 -2.84 -18.98 -57.07
N LYS E 175 -1.80 -19.14 -56.24
CA LYS E 175 -0.63 -19.89 -56.67
C LYS E 175 -0.97 -21.36 -56.90
N ILE E 176 -1.79 -21.96 -56.04
CA ILE E 176 -2.16 -23.36 -56.24
C ILE E 176 -2.96 -23.51 -57.52
N GLU E 177 -3.89 -22.58 -57.78
CA GLU E 177 -4.66 -22.65 -59.01
C GLU E 177 -3.75 -22.53 -60.23
N LYS E 178 -2.77 -21.64 -60.17
CA LYS E 178 -1.81 -21.52 -61.27
C LYS E 178 -1.05 -22.84 -61.46
N GLN E 179 -0.64 -23.47 -60.36
CA GLN E 179 0.10 -24.72 -60.46
C GLN E 179 -0.75 -25.81 -61.10
N ILE E 180 -2.02 -25.92 -60.70
CA ILE E 180 -2.88 -26.92 -61.33
C ILE E 180 -3.11 -26.57 -62.80
N GLN E 181 -3.19 -25.28 -63.12
CA GLN E 181 -3.30 -24.88 -64.52
C GLN E 181 -2.10 -25.38 -65.32
N SER E 182 -0.90 -25.26 -64.75
CA SER E 182 0.28 -25.83 -65.39
C SER E 182 0.14 -27.34 -65.54
N LYS E 183 -0.59 -27.98 -64.65
CA LYS E 183 -0.83 -29.42 -64.73
C LYS E 183 -2.20 -29.72 -65.33
N GLU E 189 12.23 -24.30 -66.51
CA GLU E 189 11.63 -25.10 -65.44
C GLU E 189 10.26 -24.55 -65.08
N ARG E 190 9.30 -25.45 -64.84
CA ARG E 190 7.94 -25.03 -64.54
C ARG E 190 7.89 -24.23 -63.25
N GLU E 191 8.47 -24.77 -62.17
CA GLU E 191 8.40 -24.09 -60.88
C GLU E 191 9.10 -22.74 -60.93
N LYS E 192 10.29 -22.69 -61.53
CA LYS E 192 11.03 -21.43 -61.56
C LYS E 192 10.30 -20.38 -62.37
N ARG E 193 9.76 -20.75 -63.53
CA ARG E 193 9.04 -19.76 -64.34
C ARG E 193 7.76 -19.32 -63.65
N GLU E 194 7.08 -20.24 -62.96
CA GLU E 194 5.90 -19.86 -62.19
C GLU E 194 6.26 -18.84 -61.11
N ILE E 195 7.34 -19.10 -60.38
CA ILE E 195 7.77 -18.16 -59.34
C ILE E 195 8.13 -16.81 -59.94
N ILE E 196 8.82 -16.83 -61.08
CA ILE E 196 9.23 -15.56 -61.70
C ILE E 196 8.01 -14.75 -62.13
N GLU E 197 7.05 -15.40 -62.79
CA GLU E 197 5.87 -14.67 -63.23
C GLU E 197 5.05 -14.19 -62.03
N ASN E 198 4.99 -15.00 -60.96
CA ASN E 198 4.30 -14.55 -59.76
C ASN E 198 4.96 -13.32 -59.17
N ALA E 199 6.29 -13.32 -59.09
CA ALA E 199 7.00 -12.16 -58.58
C ALA E 199 6.72 -10.93 -59.44
N GLU E 200 6.73 -11.11 -60.76
CA GLU E 200 6.50 -9.97 -61.65
C GLU E 200 5.08 -9.41 -61.50
N LYS E 201 4.07 -10.28 -61.40
CA LYS E 201 2.68 -9.85 -61.47
C LYS E 201 2.00 -9.71 -60.11
N GLU E 202 2.70 -9.97 -59.01
CA GLU E 202 2.08 -9.95 -57.69
C GLU E 202 2.20 -8.60 -56.99
N LYS E 203 2.96 -7.66 -57.55
CA LYS E 203 3.18 -6.38 -56.87
C LYS E 203 1.84 -5.74 -56.54
N SER E 204 1.54 -5.64 -55.25
CA SER E 204 0.30 -5.10 -54.73
C SER E 204 0.47 -3.64 -54.33
N PRO E 205 -0.64 -2.90 -54.20
CA PRO E 205 -0.51 -1.48 -53.77
C PRO E 205 0.21 -1.33 -52.45
N GLU E 206 -0.24 -2.04 -51.41
CA GLU E 206 0.45 -1.98 -50.12
C GLU E 206 1.87 -2.54 -50.23
N GLN E 207 2.13 -3.43 -51.18
CA GLN E 207 3.51 -3.86 -51.40
C GLN E 207 4.37 -2.70 -51.90
N ASN E 208 3.84 -1.88 -52.79
CA ASN E 208 4.54 -0.66 -53.20
C ASN E 208 4.69 0.29 -52.01
N LEU E 209 3.68 0.36 -51.15
CA LEU E 209 3.81 1.14 -49.92
C LEU E 209 5.00 0.67 -49.10
N PHE E 210 5.12 -0.65 -48.91
CA PHE E 210 6.24 -1.21 -48.18
C PHE E 210 7.56 -0.87 -48.86
N GLU E 211 7.62 -1.01 -50.18
CA GLU E 211 8.86 -0.74 -50.89
C GLU E 211 9.29 0.71 -50.70
N LYS E 212 8.36 1.64 -50.88
CA LYS E 212 8.67 3.06 -50.71
C LYS E 212 9.08 3.36 -49.27
N TYR E 213 8.38 2.77 -48.30
CA TYR E 213 8.73 2.99 -46.90
C TYR E 213 10.14 2.53 -46.61
N LEU E 214 10.49 1.31 -47.06
CA LEU E 214 11.84 0.80 -46.83
C LEU E 214 12.88 1.65 -47.53
N GLU E 215 12.58 2.10 -48.76
CA GLU E 215 13.55 2.92 -49.49
C GLU E 215 13.80 4.23 -48.77
N ARG E 216 12.74 4.85 -48.23
CA ARG E 216 12.93 6.12 -47.52
C ARG E 216 13.59 5.93 -46.16
N ARG E 217 13.33 4.81 -45.49
CA ARG E 217 13.97 4.56 -44.20
C ARG E 217 15.45 4.25 -44.37
N GLY E 218 15.81 3.54 -45.44
CA GLY E 218 17.20 3.16 -45.62
C GLY E 218 18.15 4.34 -45.66
N ARG E 219 17.66 5.50 -46.11
CA ARG E 219 18.48 6.70 -46.21
C ARG E 219 18.15 7.71 -45.11
N SER E 220 17.54 7.26 -44.01
CA SER E 220 17.21 8.10 -42.86
C SER E 220 17.74 7.41 -41.63
N ASN E 221 19.02 7.67 -41.30
CA ASN E 221 19.73 6.99 -40.22
C ASN E 221 19.56 7.67 -38.88
N PHE E 222 18.47 8.41 -38.67
CA PHE E 222 18.31 9.17 -37.43
C PHE E 222 18.34 8.26 -36.21
N LEU E 223 17.52 7.20 -36.22
CA LEU E 223 17.43 6.35 -35.04
C LEU E 223 18.72 5.54 -34.84
N ALA E 224 19.36 5.10 -35.92
CA ALA E 224 20.65 4.46 -35.78
C ALA E 224 21.68 5.42 -35.22
N LYS E 225 21.67 6.67 -35.70
CA LYS E 225 22.53 7.69 -35.13
C LYS E 225 22.31 7.82 -33.63
N LEU E 226 21.04 7.90 -33.22
CA LEU E 226 20.73 8.08 -31.81
C LEU E 226 21.18 6.87 -30.98
N TYR E 227 20.98 5.66 -31.49
CA TYR E 227 21.36 4.47 -30.75
C TYR E 227 22.88 4.38 -30.59
N LEU E 228 23.61 4.59 -31.69
CA LEU E 228 25.06 4.58 -31.60
C LEU E 228 25.55 5.68 -30.65
N ALA E 229 24.91 6.85 -30.71
CA ALA E 229 25.28 7.92 -29.79
C ALA E 229 25.05 7.51 -28.34
N ARG E 230 23.91 6.87 -28.06
CA ARG E 230 23.63 6.46 -26.70
C ARG E 230 24.67 5.48 -26.19
N HIS E 231 24.99 4.45 -26.98
CA HIS E 231 25.91 3.44 -26.47
C HIS E 231 27.34 3.97 -26.40
N VAL E 232 27.75 4.78 -27.38
CA VAL E 232 29.07 5.40 -27.29
C VAL E 232 29.15 6.35 -26.12
N LEU E 233 28.05 7.04 -25.80
CA LEU E 233 28.03 7.91 -24.62
C LEU E 233 28.14 7.11 -23.34
N ILE E 234 27.48 5.95 -23.28
CA ILE E 234 27.63 5.08 -22.12
C ILE E 234 29.09 4.66 -21.96
N LEU E 235 29.72 4.28 -23.07
CA LEU E 235 31.13 3.89 -23.01
C LEU E 235 32.01 5.05 -22.55
N LEU E 236 31.78 6.24 -23.11
CA LEU E 236 32.59 7.39 -22.74
C LEU E 236 32.40 7.77 -21.27
N LEU E 237 31.16 7.71 -20.78
CA LEU E 237 30.93 7.97 -19.37
C LEU E 237 31.58 6.92 -18.49
N SER E 238 31.56 5.65 -18.92
CA SER E 238 32.27 4.60 -18.20
C SER E 238 33.77 4.85 -18.18
N ALA E 239 34.29 5.56 -19.18
CA ALA E 239 35.72 5.85 -19.19
C ALA E 239 36.16 6.59 -17.93
N VAL E 240 35.27 7.39 -17.34
CA VAL E 240 35.63 8.24 -16.20
C VAL E 240 35.81 7.40 -14.93
N PRO E 241 34.77 6.75 -14.43
CA PRO E 241 34.92 6.02 -13.16
C PRO E 241 35.93 4.89 -13.24
N ILE E 242 36.08 4.26 -14.40
CA ILE E 242 37.13 3.25 -14.53
C ILE E 242 38.49 3.87 -14.22
N SER E 243 38.78 5.01 -14.85
CA SER E 243 40.06 5.67 -14.61
C SER E 243 40.20 6.08 -13.15
N TYR E 244 39.16 6.70 -12.59
CA TYR E 244 39.25 7.18 -11.22
C TYR E 244 39.48 6.03 -10.24
N LEU E 245 38.67 4.98 -10.33
CA LEU E 245 38.80 3.86 -9.42
C LEU E 245 40.14 3.16 -9.58
N CYS E 246 40.58 2.96 -10.83
CA CYS E 246 41.89 2.34 -11.04
C CYS E 246 42.99 3.18 -10.44
N THR E 247 42.87 4.51 -10.49
CA THR E 247 43.83 5.38 -9.81
C THR E 247 43.69 5.30 -8.30
N TYR E 248 42.51 4.99 -7.79
CA TYR E 248 42.27 4.89 -6.35
C TYR E 248 42.67 3.52 -5.83
N TYR E 249 42.27 2.45 -6.53
CA TYR E 249 42.69 1.11 -6.14
C TYR E 249 44.19 0.93 -6.28
N ALA E 250 44.86 1.73 -7.11
CA ALA E 250 46.26 1.49 -7.45
C ALA E 250 47.21 2.04 -6.38
N THR E 251 47.10 3.34 -6.09
CA THR E 251 48.10 4.03 -5.29
C THR E 251 47.60 4.42 -3.91
N GLN E 252 46.49 5.17 -3.82
CA GLN E 252 46.04 5.72 -2.55
C GLN E 252 45.25 4.67 -1.76
N LYS E 253 45.97 3.64 -1.30
CA LYS E 253 45.40 2.55 -0.51
C LYS E 253 46.29 2.33 0.71
N GLN E 254 46.06 3.10 1.77
CA GLN E 254 46.70 2.89 3.04
C GLN E 254 45.68 3.05 4.16
N ASN E 255 45.93 2.36 5.28
CA ASN E 255 44.98 2.25 6.37
C ASN E 255 45.30 3.11 7.57
N GLU E 256 46.58 3.21 7.95
CA GLU E 256 47.00 3.81 9.21
C GLU E 256 47.77 5.09 8.92
N PHE E 257 47.49 6.14 9.70
CA PHE E 257 48.26 7.38 9.61
C PHE E 257 48.48 7.92 11.02
N THR E 258 49.13 9.08 11.10
CA THR E 258 49.41 9.74 12.37
C THR E 258 49.09 11.22 12.22
N CYS E 259 48.01 11.65 12.86
CA CYS E 259 47.59 13.05 12.82
C CYS E 259 48.28 13.84 13.92
N ALA E 260 48.24 15.16 13.78
CA ALA E 260 48.86 16.07 14.75
C ALA E 260 47.82 17.06 15.22
N LEU E 261 47.45 16.98 16.50
CA LEU E 261 46.51 17.93 17.07
C LEU E 261 47.19 19.26 17.32
N GLY E 262 46.47 20.35 17.06
CA GLY E 262 47.07 21.67 17.04
C GLY E 262 46.89 22.50 18.29
N ALA E 263 45.67 22.59 18.81
CA ALA E 263 45.40 23.53 19.89
C ALA E 263 46.25 23.22 21.12
N SER E 264 46.05 22.05 21.72
CA SER E 264 46.82 21.62 22.87
C SER E 264 46.71 22.61 24.02
N PRO E 265 45.55 22.72 24.67
CA PRO E 265 45.46 23.55 25.88
C PRO E 265 46.24 22.95 27.03
N ASP E 266 46.15 23.55 28.22
CA ASP E 266 46.95 23.20 29.39
C ASP E 266 48.35 23.78 29.33
N GLY E 267 48.56 24.80 28.49
CA GLY E 267 49.86 25.47 28.45
C GLY E 267 50.12 26.35 29.64
N ALA E 268 49.09 26.73 30.38
CA ALA E 268 49.23 27.60 31.56
C ALA E 268 49.94 28.89 31.18
N ALA E 269 49.28 29.67 30.32
CA ALA E 269 49.82 30.90 29.75
C ALA E 269 50.93 30.62 28.75
N GLY E 270 51.04 29.38 28.27
CA GLY E 270 52.04 29.01 27.30
C GLY E 270 51.41 28.38 26.07
N ALA E 271 52.26 28.07 25.10
CA ALA E 271 51.79 27.48 23.85
C ALA E 271 51.14 26.13 24.09
N GLY E 272 51.91 25.17 24.61
CA GLY E 272 51.41 23.84 24.85
C GLY E 272 52.07 22.82 23.94
N PRO E 273 51.97 21.54 24.30
CA PRO E 273 52.62 20.49 23.49
C PRO E 273 51.75 20.00 22.35
N ALA E 274 52.26 20.08 21.12
CA ALA E 274 51.55 19.56 19.95
C ALA E 274 51.67 18.05 19.95
N VAL E 275 50.55 17.36 20.14
CA VAL E 275 50.53 15.92 20.30
C VAL E 275 50.30 15.26 18.94
N ARG E 276 50.92 14.09 18.77
CA ARG E 276 50.73 13.27 17.58
C ARG E 276 50.03 11.99 17.97
N VAL E 277 48.92 11.69 17.29
CA VAL E 277 48.05 10.58 17.61
C VAL E 277 47.95 9.66 16.40
N SER E 278 48.21 8.37 16.61
CA SER E 278 48.16 7.38 15.54
C SER E 278 46.72 6.89 15.38
N CYS E 279 46.19 6.99 14.17
CA CYS E 279 44.82 6.61 13.89
C CYS E 279 44.77 5.59 12.77
N LYS E 280 43.71 4.78 12.80
CA LYS E 280 43.47 3.71 11.85
C LYS E 280 42.02 3.80 11.38
N LEU E 281 41.84 3.70 10.06
CA LEU E 281 40.53 3.70 9.42
C LEU E 281 40.01 2.28 9.29
N PRO E 282 38.79 1.98 9.72
CA PRO E 282 38.32 0.59 9.66
C PRO E 282 37.68 0.23 8.32
N SER E 283 37.24 1.23 7.56
CA SER E 283 36.42 1.00 6.38
C SER E 283 37.21 0.95 5.08
N VAL E 284 38.54 1.00 5.13
CA VAL E 284 39.29 1.07 3.88
C VAL E 284 39.25 -0.27 3.14
N GLN E 285 39.18 -1.39 3.86
CA GLN E 285 39.27 -2.69 3.22
C GLN E 285 38.06 -2.95 2.32
N LEU E 286 36.86 -2.76 2.86
CA LEU E 286 35.66 -3.00 2.05
C LEU E 286 35.60 -2.04 0.87
N GLN E 287 35.97 -0.79 1.08
CA GLN E 287 35.98 0.16 -0.02
C GLN E 287 36.97 -0.26 -1.10
N ARG E 288 38.16 -0.71 -0.70
CA ARG E 288 39.17 -1.13 -1.65
C ARG E 288 38.78 -2.40 -2.39
N ILE E 289 37.93 -3.24 -1.79
CA ILE E 289 37.45 -4.43 -2.50
C ILE E 289 36.31 -4.06 -3.44
N ILE E 290 35.39 -3.22 -3.00
CA ILE E 290 34.28 -2.80 -3.85
C ILE E 290 34.80 -2.00 -5.04
N ALA E 291 35.88 -1.25 -4.87
CA ALA E 291 36.44 -0.52 -5.99
C ALA E 291 36.89 -1.47 -7.09
N GLY E 292 37.60 -2.54 -6.71
CA GLY E 292 38.02 -3.53 -7.69
C GLY E 292 36.84 -4.23 -8.33
N VAL E 293 35.83 -4.57 -7.52
CA VAL E 293 34.65 -5.23 -8.06
C VAL E 293 33.98 -4.36 -9.11
N ASP E 294 33.80 -3.08 -8.80
CA ASP E 294 33.18 -2.16 -9.74
C ASP E 294 34.05 -1.97 -10.99
N ILE E 295 35.36 -1.89 -10.82
CA ILE E 295 36.24 -1.74 -11.97
C ILE E 295 36.05 -2.92 -12.91
N VAL E 296 36.09 -4.13 -12.39
CA VAL E 296 35.95 -5.32 -13.23
C VAL E 296 34.58 -5.35 -13.88
N LEU E 297 33.52 -5.05 -13.11
CA LEU E 297 32.17 -5.10 -13.65
C LEU E 297 32.01 -4.12 -14.81
N LEU E 298 32.47 -2.88 -14.62
CA LEU E 298 32.30 -1.87 -15.66
C LEU E 298 33.19 -2.15 -16.85
N CYS E 299 34.37 -2.71 -16.65
CA CYS E 299 35.20 -3.11 -17.79
C CYS E 299 34.52 -4.20 -18.60
N VAL E 300 33.92 -5.17 -17.92
CA VAL E 300 33.20 -6.24 -18.64
C VAL E 300 32.02 -5.66 -19.40
N MET E 301 31.30 -4.72 -18.78
CA MET E 301 30.20 -4.06 -19.48
C MET E 301 30.69 -3.31 -20.71
N ASN E 302 31.83 -2.62 -20.61
CA ASN E 302 32.39 -1.94 -21.76
C ASN E 302 32.70 -2.92 -22.87
N LEU E 303 33.32 -4.05 -22.53
CA LEU E 303 33.64 -5.06 -23.53
C LEU E 303 32.37 -5.60 -24.19
N ILE E 304 31.34 -5.86 -23.40
CA ILE E 304 30.09 -6.37 -23.95
C ILE E 304 29.48 -5.34 -24.90
N ILE E 305 29.49 -4.06 -24.51
CA ILE E 305 28.94 -3.02 -25.38
C ILE E 305 29.70 -3.00 -26.71
N LEU E 306 31.03 -3.00 -26.65
CA LEU E 306 31.81 -2.94 -27.87
C LEU E 306 31.57 -4.15 -28.76
N VAL E 307 31.51 -5.35 -28.16
CA VAL E 307 31.28 -6.55 -28.95
C VAL E 307 29.91 -6.49 -29.62
N ASN E 308 28.89 -6.08 -28.88
CA ASN E 308 27.55 -6.00 -29.46
C ASN E 308 27.51 -5.00 -30.60
N LEU E 309 28.13 -3.83 -30.42
CA LEU E 309 28.13 -2.83 -31.48
C LEU E 309 28.85 -3.35 -32.72
N ILE E 310 30.00 -3.99 -32.53
CA ILE E 310 30.75 -4.51 -33.67
C ILE E 310 29.94 -5.58 -34.39
N HIS E 311 29.29 -6.46 -33.64
CA HIS E 311 28.45 -7.49 -34.27
C HIS E 311 27.30 -6.87 -35.04
N LEU E 312 26.67 -5.84 -34.47
CA LEU E 312 25.46 -5.30 -35.09
C LEU E 312 25.76 -4.48 -36.33
N PHE E 313 26.82 -3.66 -36.29
CA PHE E 313 27.06 -2.68 -37.35
C PHE E 313 28.14 -3.06 -38.34
N ILE E 314 28.88 -4.15 -38.11
CA ILE E 314 29.94 -4.54 -39.04
C ILE E 314 29.75 -5.99 -39.46
N PHE E 315 29.72 -6.92 -38.51
CA PHE E 315 29.64 -8.33 -38.84
C PHE E 315 28.24 -8.75 -39.27
N ARG E 316 27.21 -8.08 -38.78
CA ARG E 316 25.85 -8.46 -39.14
C ARG E 316 25.62 -8.30 -40.63
N LYS E 317 24.94 -9.27 -41.24
CA LYS E 317 24.61 -9.25 -42.65
C LYS E 317 23.12 -9.35 -42.92
N SER E 318 22.40 -10.14 -42.13
CA SER E 318 20.96 -10.32 -42.29
C SER E 318 20.25 -9.93 -41.01
N ASN E 319 19.14 -9.22 -41.15
CA ASN E 319 18.36 -8.72 -40.03
C ASN E 319 17.02 -9.47 -39.95
N PHE E 320 16.19 -9.05 -39.00
CA PHE E 320 14.94 -9.74 -38.72
C PHE E 320 13.89 -9.47 -39.80
N ILE E 321 13.57 -8.20 -40.04
CA ILE E 321 12.48 -7.88 -40.96
C ILE E 321 12.82 -8.32 -42.37
N PHE E 322 14.07 -8.12 -42.81
CA PHE E 322 14.46 -8.52 -44.16
C PHE E 322 14.26 -10.01 -44.36
N ASP E 323 14.75 -10.82 -43.44
CA ASP E 323 14.61 -12.27 -43.55
C ASP E 323 13.14 -12.66 -43.46
N LYS E 324 12.38 -12.01 -42.58
CA LYS E 324 10.97 -12.35 -42.43
C LYS E 324 10.20 -12.08 -43.71
N LEU E 325 10.46 -10.94 -44.36
CA LEU E 325 9.82 -10.66 -45.64
C LEU E 325 10.28 -11.63 -46.72
N HIS E 326 11.58 -11.94 -46.76
CA HIS E 326 12.09 -12.89 -47.74
C HIS E 326 11.46 -14.26 -47.56
N LYS E 327 11.03 -14.57 -46.34
CA LYS E 327 10.35 -15.85 -46.09
C LYS E 327 9.13 -15.99 -47.01
N VAL E 328 8.32 -14.94 -47.10
CA VAL E 328 7.19 -14.95 -48.02
C VAL E 328 7.63 -14.72 -49.45
N GLY E 329 8.74 -14.02 -49.67
CA GLY E 329 9.27 -13.81 -51.00
C GLY E 329 9.21 -12.38 -51.48
N ILE E 330 10.33 -11.68 -51.39
CA ILE E 330 10.48 -10.34 -51.95
C ILE E 330 11.92 -10.20 -52.45
N LYS E 331 12.21 -9.05 -53.06
CA LYS E 331 13.53 -8.85 -53.67
C LYS E 331 14.63 -8.69 -52.63
N THR E 332 14.43 -7.82 -51.65
CA THR E 332 15.46 -7.49 -50.66
C THR E 332 16.77 -7.10 -51.35
N ARG E 333 16.65 -6.30 -52.42
CA ARG E 333 17.84 -5.90 -53.16
C ARG E 333 18.66 -4.89 -52.35
N ARG E 334 19.88 -4.66 -52.82
CA ARG E 334 20.82 -3.77 -52.14
C ARG E 334 20.43 -2.30 -52.26
N GLN E 335 19.42 -1.95 -53.06
CA GLN E 335 19.03 -0.55 -53.18
C GLN E 335 18.67 0.05 -51.83
N TRP E 336 18.19 -0.78 -50.88
CA TRP E 336 17.95 -0.36 -49.51
C TRP E 336 18.88 -1.09 -48.54
N ARG E 337 20.07 -1.47 -49.02
CA ARG E 337 21.05 -2.19 -48.21
C ARG E 337 22.41 -1.63 -48.56
N ARG E 338 23.47 -2.35 -48.17
CA ARG E 338 24.87 -2.02 -48.38
C ARG E 338 25.34 -0.97 -47.36
N SER E 339 24.45 -0.43 -46.53
CA SER E 339 24.81 0.52 -45.48
C SER E 339 24.32 -0.06 -44.17
N GLN E 340 25.18 -0.84 -43.51
CA GLN E 340 24.78 -1.50 -42.27
C GLN E 340 24.38 -0.50 -41.20
N PHE E 341 24.96 0.71 -41.24
CA PHE E 341 24.55 1.76 -40.33
C PHE E 341 23.21 2.32 -40.77
N CYS E 342 22.16 1.50 -40.68
CA CYS E 342 20.86 1.80 -41.24
C CYS E 342 19.79 1.77 -40.17
N ASP E 343 18.74 2.57 -40.39
CA ASP E 343 17.66 2.68 -39.42
C ASP E 343 16.91 1.35 -39.29
N ILE E 344 16.64 0.68 -40.42
CA ILE E 344 15.89 -0.56 -40.36
C ILE E 344 16.70 -1.64 -39.63
N ASN E 345 18.02 -1.50 -39.59
CA ASN E 345 18.86 -2.50 -38.96
C ASN E 345 18.51 -2.66 -37.49
N ILE E 346 18.31 -1.54 -36.78
CA ILE E 346 17.92 -1.60 -35.37
C ILE E 346 16.42 -1.82 -35.21
N LEU E 347 15.60 -1.26 -36.12
CA LEU E 347 14.18 -1.56 -36.09
C LEU E 347 13.94 -3.06 -36.15
N ALA E 348 14.84 -3.79 -36.80
CA ALA E 348 14.75 -5.24 -36.78
C ALA E 348 14.84 -5.78 -35.36
N MET E 349 15.78 -5.28 -34.56
CA MET E 349 15.89 -5.74 -33.18
C MET E 349 14.66 -5.36 -32.36
N PHE E 350 14.20 -4.12 -32.51
CA PHE E 350 12.99 -3.73 -31.78
C PHE E 350 11.80 -4.60 -32.15
N CYS E 351 11.64 -4.92 -33.44
CA CYS E 351 10.56 -5.81 -33.85
C CYS E 351 10.76 -7.21 -33.28
N ASN E 352 11.99 -7.70 -33.28
CA ASN E 352 12.24 -9.04 -32.75
C ASN E 352 11.86 -9.13 -31.27
N GLU E 353 12.20 -8.09 -30.49
CA GLU E 353 11.74 -8.06 -29.11
C GLU E 353 10.22 -8.01 -29.05
N ASN E 354 9.61 -7.21 -29.92
CA ASN E 354 8.15 -7.14 -30.03
C ASN E 354 7.60 -8.15 -31.03
N ARG E 355 8.30 -9.26 -31.25
CA ARG E 355 7.88 -10.22 -32.26
C ARG E 355 6.45 -10.71 -32.01
N ASP E 356 6.12 -11.00 -30.77
CA ASP E 356 4.82 -11.56 -30.42
C ASP E 356 3.76 -10.48 -30.18
N HIS E 357 4.11 -9.20 -30.29
CA HIS E 357 3.12 -8.14 -30.17
C HIS E 357 2.16 -8.11 -31.34
N ILE E 358 2.46 -8.83 -32.42
CA ILE E 358 1.59 -8.96 -33.58
C ILE E 358 1.27 -10.43 -33.75
N LYS E 359 -0.02 -10.77 -33.77
CA LYS E 359 -0.43 -12.16 -33.67
C LYS E 359 -0.11 -12.93 -34.94
N SER E 360 -0.71 -12.52 -36.07
CA SER E 360 -0.64 -13.30 -37.30
C SER E 360 0.79 -13.76 -37.59
N LEU E 361 1.71 -12.79 -37.77
CA LEU E 361 3.09 -13.11 -38.10
C LEU E 361 3.59 -14.31 -37.30
N ASN E 362 3.37 -14.30 -35.99
CA ASN E 362 3.85 -15.37 -35.13
C ASN E 362 3.60 -16.74 -35.76
N ARG E 363 2.33 -17.07 -35.99
CA ARG E 363 2.01 -18.40 -36.49
C ARG E 363 2.71 -18.65 -37.81
N LEU E 364 2.69 -17.66 -38.71
CA LEU E 364 3.24 -17.85 -40.04
C LEU E 364 4.73 -18.17 -39.99
N ASP E 365 5.40 -17.88 -38.87
CA ASP E 365 6.82 -18.19 -38.78
C ASP E 365 7.06 -19.66 -38.46
N PHE E 366 6.19 -20.27 -37.66
CA PHE E 366 6.42 -21.61 -37.17
C PHE E 366 5.75 -22.69 -38.00
N ILE E 367 4.92 -22.31 -38.98
CA ILE E 367 4.32 -23.30 -39.86
C ILE E 367 5.37 -23.94 -40.75
N THR E 368 6.41 -23.20 -41.11
CA THR E 368 7.41 -23.67 -42.05
C THR E 368 8.80 -23.32 -41.53
N ASN E 369 9.80 -23.49 -42.39
CA ASN E 369 11.18 -23.17 -42.07
C ASN E 369 11.92 -22.89 -43.38
N GLU E 370 13.22 -22.61 -43.27
CA GLU E 370 14.14 -22.40 -44.39
C GLU E 370 13.89 -21.09 -45.13
N SER E 371 12.88 -20.31 -44.73
CA SER E 371 12.59 -19.04 -45.39
C SER E 371 12.35 -19.24 -46.89
N ASP E 372 11.70 -20.35 -47.23
CA ASP E 372 11.33 -20.70 -48.60
C ASP E 372 9.88 -21.16 -48.64
N LEU E 373 9.00 -20.36 -48.03
CA LEU E 373 7.62 -20.78 -47.85
C LEU E 373 6.94 -21.08 -49.19
N MET E 374 7.29 -20.33 -50.24
CA MET E 374 6.61 -20.44 -51.52
C MET E 374 7.29 -21.40 -52.49
N TYR E 375 8.37 -22.07 -52.07
CA TYR E 375 9.02 -23.04 -52.92
C TYR E 375 8.48 -24.46 -52.72
N ASP E 376 7.60 -24.67 -51.75
CA ASP E 376 6.92 -25.94 -51.62
C ASP E 376 5.71 -25.98 -52.56
N ASN E 377 5.50 -27.13 -53.20
CA ASN E 377 4.45 -27.23 -54.20
C ASN E 377 3.07 -27.25 -53.57
N VAL E 378 2.84 -28.14 -52.60
CA VAL E 378 1.48 -28.43 -52.16
C VAL E 378 1.24 -28.10 -50.69
N VAL E 379 1.92 -28.81 -49.79
CA VAL E 379 1.45 -28.91 -48.41
C VAL E 379 1.37 -27.52 -47.76
N ARG E 380 2.45 -26.75 -47.85
CA ARG E 380 2.49 -25.48 -47.15
C ARG E 380 1.41 -24.53 -47.66
N GLN E 381 1.21 -24.48 -48.98
CA GLN E 381 0.19 -23.59 -49.52
C GLN E 381 -1.19 -24.26 -49.57
N LEU E 382 -1.25 -25.58 -49.66
CA LEU E 382 -2.55 -26.24 -49.61
C LEU E 382 -3.22 -26.04 -48.25
N LEU E 383 -2.42 -26.08 -47.17
CA LEU E 383 -2.98 -25.81 -45.85
C LEU E 383 -3.62 -24.43 -45.80
N ALA E 384 -2.90 -23.40 -46.26
CA ALA E 384 -3.45 -22.06 -46.26
C ALA E 384 -4.66 -21.95 -47.17
N ALA E 385 -4.65 -22.65 -48.31
CA ALA E 385 -5.78 -22.61 -49.22
C ALA E 385 -7.03 -23.13 -48.54
N LEU E 386 -6.94 -24.30 -47.90
CA LEU E 386 -8.10 -24.82 -47.19
C LEU E 386 -8.45 -23.98 -45.97
N ALA E 387 -7.48 -23.27 -45.39
CA ALA E 387 -7.76 -22.48 -44.20
C ALA E 387 -8.48 -21.18 -44.52
N GLN E 388 -8.21 -20.60 -45.69
CA GLN E 388 -8.71 -19.26 -46.00
C GLN E 388 -9.66 -19.23 -47.19
N SER E 389 -9.31 -19.89 -48.30
CA SER E 389 -10.09 -19.73 -49.53
C SER E 389 -11.53 -20.17 -49.35
N ASN E 390 -11.75 -21.30 -48.67
CA ASN E 390 -13.12 -21.79 -48.49
C ASN E 390 -13.92 -20.91 -47.54
N HIS E 391 -13.25 -20.30 -46.55
CA HIS E 391 -13.97 -19.49 -45.58
C HIS E 391 -14.65 -18.28 -46.20
N ASP E 392 -14.11 -17.75 -47.30
CA ASP E 392 -14.71 -16.61 -47.96
C ASP E 392 -16.04 -16.98 -48.62
N LEU F 42 -5.34 -13.47 -19.84
CA LEU F 42 -4.55 -13.86 -18.68
C LEU F 42 -3.11 -14.18 -19.08
N GLN F 43 -2.35 -14.74 -18.15
CA GLN F 43 -0.95 -15.07 -18.35
C GLN F 43 -0.76 -16.58 -18.38
N LEU F 44 0.25 -17.02 -19.13
CA LEU F 44 0.62 -18.43 -19.23
C LEU F 44 1.91 -18.67 -18.46
N LYS F 45 1.97 -19.81 -17.79
CA LYS F 45 3.09 -20.13 -16.92
C LYS F 45 4.23 -20.74 -17.72
N LEU F 46 5.46 -20.37 -17.32
CA LEU F 46 6.66 -20.99 -17.87
C LEU F 46 7.49 -21.69 -16.80
N GLU F 47 7.13 -21.56 -15.52
CA GLU F 47 7.84 -22.28 -14.48
C GLU F 47 7.49 -23.77 -14.53
N LEU F 48 8.14 -24.52 -13.66
CA LEU F 48 7.99 -25.97 -13.59
C LEU F 48 8.41 -26.31 -12.17
N PRO F 49 7.69 -27.17 -11.44
CA PRO F 49 7.94 -27.27 -10.00
C PRO F 49 9.39 -27.59 -9.68
N PHE F 50 10.05 -28.38 -10.52
CA PHE F 50 11.46 -28.66 -10.30
C PHE F 50 12.29 -27.38 -10.27
N ASP F 51 12.13 -26.53 -11.28
CA ASP F 51 12.96 -25.34 -11.38
C ASP F 51 12.71 -24.37 -10.23
N ARG F 52 11.44 -24.17 -9.85
CA ARG F 52 11.15 -23.25 -8.77
C ARG F 52 11.63 -23.80 -7.44
N VAL F 53 11.50 -25.11 -7.23
CA VAL F 53 12.05 -25.72 -6.02
C VAL F 53 13.55 -25.51 -5.97
N VAL F 54 14.23 -25.71 -7.11
CA VAL F 54 15.68 -25.55 -7.15
C VAL F 54 16.08 -24.12 -6.82
N THR F 55 15.44 -23.16 -7.48
CA THR F 55 15.81 -21.77 -7.24
C THR F 55 15.52 -21.36 -5.80
N ILE F 56 14.39 -21.81 -5.25
CA ILE F 56 14.10 -21.56 -3.84
C ILE F 56 15.25 -22.08 -2.98
N GLY F 57 15.46 -23.39 -3.01
CA GLY F 57 16.46 -24.01 -2.15
C GLY F 57 17.88 -23.57 -2.43
N THR F 58 18.13 -22.89 -3.55
CA THR F 58 19.47 -22.47 -3.91
C THR F 58 19.73 -20.99 -3.63
N VAL F 59 18.70 -20.14 -3.61
CA VAL F 59 18.86 -18.71 -3.43
C VAL F 59 18.10 -18.22 -2.21
N LEU F 60 16.81 -18.55 -2.11
CA LEU F 60 15.97 -17.97 -1.07
C LEU F 60 16.46 -18.38 0.32
N VAL F 61 16.73 -19.68 0.50
CA VAL F 61 17.22 -20.14 1.80
C VAL F 61 18.55 -19.50 2.15
N PRO F 62 19.58 -19.53 1.29
CA PRO F 62 20.83 -18.85 1.63
C PRO F 62 20.65 -17.36 1.93
N ILE F 63 19.71 -16.69 1.26
CA ILE F 63 19.45 -15.29 1.58
C ILE F 63 18.91 -15.16 3.00
N LEU F 64 18.00 -16.07 3.40
CA LEU F 64 17.48 -16.05 4.75
C LEU F 64 18.59 -16.28 5.76
N LEU F 65 19.47 -17.24 5.50
CA LEU F 65 20.59 -17.48 6.41
C LEU F 65 21.52 -16.28 6.47
N VAL F 66 21.72 -15.61 5.33
CA VAL F 66 22.59 -14.44 5.29
C VAL F 66 22.02 -13.33 6.17
N THR F 67 20.72 -13.07 6.03
CA THR F 67 20.12 -12.00 6.84
C THR F 67 20.11 -12.39 8.31
N LEU F 68 19.93 -13.68 8.61
CA LEU F 68 20.02 -14.12 10.00
C LEU F 68 21.42 -13.87 10.57
N VAL F 69 22.46 -14.18 9.79
CA VAL F 69 23.82 -13.96 10.25
C VAL F 69 24.09 -12.46 10.42
N PHE F 70 23.59 -11.65 9.49
CA PHE F 70 23.74 -10.20 9.62
C PHE F 70 23.08 -9.70 10.90
N THR F 71 21.86 -10.16 11.17
CA THR F 71 21.16 -9.73 12.38
C THR F 71 21.93 -10.14 13.63
N LYS F 72 22.41 -11.39 13.66
CA LYS F 72 23.17 -11.84 14.83
C LYS F 72 24.44 -11.04 15.02
N ASN F 73 25.17 -10.77 13.93
CA ASN F 73 26.44 -10.06 14.04
C ASN F 73 26.24 -8.62 14.45
N PHE F 74 25.24 -7.93 13.90
CA PHE F 74 25.01 -6.54 14.23
C PHE F 74 24.29 -6.37 15.57
N ALA F 75 23.65 -7.43 16.09
CA ALA F 75 23.06 -7.36 17.42
C ALA F 75 24.14 -7.43 18.50
N GLU F 76 25.17 -8.23 18.28
CA GLU F 76 26.26 -8.37 19.23
C GLU F 76 27.31 -7.29 18.97
N GLU F 77 28.44 -7.38 19.67
CA GLU F 77 29.59 -6.54 19.46
C GLU F 77 30.58 -7.22 18.51
N PRO F 78 31.27 -6.48 17.64
CA PRO F 78 32.18 -7.15 16.71
C PRO F 78 33.20 -8.06 17.37
N ILE F 79 33.98 -7.56 18.33
CA ILE F 79 35.07 -8.33 18.92
C ILE F 79 35.15 -8.01 20.40
N TYR F 80 35.71 -8.94 21.17
CA TYR F 80 35.87 -8.79 22.61
C TYR F 80 37.34 -8.94 22.96
N CYS F 81 37.98 -7.85 23.37
CA CYS F 81 39.42 -7.82 23.62
C CYS F 81 39.70 -7.54 25.09
N TYR F 82 40.62 -8.33 25.66
CA TYR F 82 40.96 -8.25 27.07
C TYR F 82 42.06 -7.21 27.28
N THR F 83 41.65 -5.95 27.19
CA THR F 83 42.60 -4.85 27.29
C THR F 83 43.24 -4.83 28.67
N PRO F 84 44.52 -4.45 28.78
CA PRO F 84 45.17 -4.43 30.09
C PRO F 84 44.49 -3.45 31.03
N HIS F 85 44.97 -3.46 32.28
CA HIS F 85 44.40 -2.57 33.30
C HIS F 85 44.74 -1.12 33.02
N ASN F 86 45.97 -0.84 32.56
CA ASN F 86 46.40 0.54 32.35
C ASN F 86 45.53 1.24 31.31
N PHE F 87 45.05 0.51 30.31
CA PHE F 87 44.31 1.13 29.21
C PHE F 87 43.13 1.94 29.74
N THR F 88 43.05 3.19 29.29
CA THR F 88 41.85 3.98 29.50
C THR F 88 40.73 3.45 28.61
N ARG F 89 39.56 4.08 28.69
CA ARG F 89 38.45 3.62 27.86
C ARG F 89 38.67 3.96 26.39
N ASP F 90 39.24 5.13 26.11
CA ASP F 90 39.53 5.49 24.72
C ASP F 90 40.58 4.56 24.12
N GLN F 91 41.65 4.27 24.87
CA GLN F 91 42.66 3.34 24.38
C GLN F 91 42.09 1.95 24.21
N ALA F 92 41.20 1.52 25.12
CA ALA F 92 40.58 0.22 24.98
C ALA F 92 39.70 0.15 23.73
N LEU F 93 38.98 1.24 23.44
CA LEU F 93 38.20 1.28 22.20
C LEU F 93 39.11 1.22 20.99
N TYR F 94 40.23 1.94 21.03
CA TYR F 94 41.18 1.86 19.92
C TYR F 94 41.67 0.44 19.73
N ALA F 95 41.96 -0.27 20.83
CA ALA F 95 42.44 -1.64 20.72
C ALA F 95 41.37 -2.54 20.12
N ARG F 96 40.14 -2.44 20.62
CA ARG F 96 39.05 -3.27 20.13
C ARG F 96 38.69 -2.93 18.68
N GLY F 97 39.07 -1.76 18.20
CA GLY F 97 38.84 -1.43 16.81
C GLY F 97 39.98 -1.86 15.91
N TYR F 98 41.21 -1.64 16.36
CA TYR F 98 42.38 -2.04 15.57
C TYR F 98 42.45 -3.55 15.42
N CYS F 99 42.20 -4.29 16.49
CA CYS F 99 42.28 -5.74 16.42
C CYS F 99 41.15 -6.35 15.60
N TRP F 100 40.09 -5.60 15.34
CA TRP F 100 39.02 -6.06 14.47
C TRP F 100 39.19 -5.58 13.03
N THR F 101 39.94 -4.50 12.81
CA THR F 101 40.27 -4.08 11.46
C THR F 101 41.47 -4.84 10.92
N GLU F 102 42.56 -4.86 11.69
CA GLU F 102 43.72 -5.65 11.30
C GLU F 102 43.36 -7.13 11.23
N LEU F 103 42.78 -7.66 12.31
CA LEU F 103 42.26 -9.03 12.32
C LEU F 103 43.30 -10.04 11.87
N ARG F 104 44.51 -9.94 12.43
CA ARG F 104 45.60 -10.86 12.11
C ARG F 104 46.18 -11.41 13.39
N ASP F 105 46.14 -12.73 13.54
CA ASP F 105 46.62 -13.39 14.75
C ASP F 105 48.14 -13.37 14.81
N ALA F 106 48.68 -13.20 16.01
CA ALA F 106 50.11 -13.21 16.26
C ALA F 106 50.51 -14.57 16.85
N LEU F 107 51.79 -14.69 17.17
CA LEU F 107 52.38 -15.91 17.70
C LEU F 107 53.15 -15.57 18.97
N PRO F 108 53.33 -16.55 19.87
CA PRO F 108 53.97 -16.25 21.16
C PRO F 108 55.29 -15.50 21.01
N GLY F 109 56.24 -16.11 20.31
CA GLY F 109 57.42 -15.39 19.88
C GLY F 109 57.17 -14.66 18.58
N VAL F 110 58.21 -13.98 18.09
CA VAL F 110 58.11 -13.36 16.78
C VAL F 110 57.72 -14.42 15.74
N ASP F 111 58.58 -15.40 15.53
CA ASP F 111 58.25 -16.62 14.80
C ASP F 111 57.94 -16.39 13.33
N ALA F 112 57.82 -15.13 12.92
CA ALA F 112 57.51 -14.81 11.53
C ALA F 112 57.39 -13.30 11.41
N SER F 113 57.37 -12.82 10.17
CA SER F 113 56.82 -11.51 9.84
C SER F 113 55.46 -11.62 9.16
N LEU F 114 55.09 -12.82 8.70
CA LEU F 114 53.79 -13.10 8.11
C LEU F 114 53.14 -14.22 8.92
N TRP F 115 52.28 -13.84 9.86
CA TRP F 115 51.59 -14.78 10.73
C TRP F 115 50.13 -14.92 10.32
N PRO F 116 49.48 -16.04 10.67
CA PRO F 116 48.18 -16.36 10.07
C PRO F 116 47.14 -15.27 10.30
N SER F 117 46.30 -15.08 9.29
CA SER F 117 45.23 -14.09 9.30
C SER F 117 43.89 -14.78 9.57
N LEU F 118 42.88 -13.95 9.85
CA LEU F 118 41.53 -14.42 10.14
C LEU F 118 40.49 -13.61 9.36
N PHE F 119 40.88 -13.09 8.20
CA PHE F 119 40.01 -12.18 7.47
C PHE F 119 38.72 -12.85 7.03
N GLU F 120 38.74 -14.16 6.78
CA GLU F 120 37.55 -14.83 6.27
C GLU F 120 36.40 -14.77 7.26
N HIS F 121 36.70 -14.82 8.57
CA HIS F 121 35.62 -14.72 9.56
C HIS F 121 34.88 -13.41 9.43
N LYS F 122 35.56 -12.34 9.01
CA LYS F 122 34.95 -11.05 8.80
C LYS F 122 34.35 -10.89 7.41
N PHE F 123 34.83 -11.65 6.43
CA PHE F 123 34.43 -11.48 5.04
C PHE F 123 33.31 -12.42 4.61
N LEU F 124 33.10 -13.54 5.32
CA LEU F 124 32.14 -14.53 4.85
C LEU F 124 30.74 -13.97 4.63
N PRO F 125 30.13 -13.27 5.59
CA PRO F 125 28.72 -12.90 5.43
C PRO F 125 28.46 -11.95 4.26
N TYR F 126 29.50 -11.60 3.52
CA TYR F 126 29.37 -10.95 2.22
C TYR F 126 29.61 -11.91 1.07
N ALA F 127 30.57 -12.83 1.23
CA ALA F 127 30.78 -13.86 0.24
C ALA F 127 29.53 -14.71 0.06
N LEU F 128 28.75 -14.89 1.13
CA LEU F 128 27.50 -15.64 1.00
C LEU F 128 26.50 -14.89 0.11
N LEU F 129 26.41 -13.57 0.26
CA LEU F 129 25.57 -12.78 -0.65
C LEU F 129 26.07 -12.90 -2.08
N ALA F 130 27.38 -12.84 -2.27
CA ALA F 130 27.95 -12.97 -3.60
C ALA F 130 27.58 -14.32 -4.22
N PHE F 131 27.68 -15.39 -3.42
CA PHE F 131 27.31 -16.71 -3.92
C PHE F 131 25.82 -16.80 -4.23
N ALA F 132 24.98 -16.19 -3.40
CA ALA F 132 23.55 -16.18 -3.67
C ALA F 132 23.26 -15.53 -5.03
N ALA F 133 23.86 -14.35 -5.27
CA ALA F 133 23.66 -13.68 -6.55
C ALA F 133 24.21 -14.51 -7.70
N ILE F 134 25.39 -15.12 -7.52
CA ILE F 134 26.01 -15.89 -8.58
C ILE F 134 25.15 -17.09 -8.94
N MET F 135 24.53 -17.72 -7.94
CA MET F 135 23.68 -18.87 -8.21
C MET F 135 22.29 -18.47 -8.66
N TYR F 136 21.89 -17.22 -8.44
CA TYR F 136 20.64 -16.72 -9.01
C TYR F 136 20.80 -16.23 -10.44
N VAL F 137 22.03 -15.98 -10.88
CA VAL F 137 22.23 -15.48 -12.25
C VAL F 137 21.68 -16.44 -13.31
N PRO F 138 21.89 -17.76 -13.22
CA PRO F 138 21.52 -18.61 -14.38
C PRO F 138 20.04 -18.62 -14.67
N ALA F 139 19.19 -18.53 -13.64
CA ALA F 139 17.76 -18.46 -13.88
C ALA F 139 17.40 -17.21 -14.67
N LEU F 140 18.00 -16.07 -14.31
CA LEU F 140 17.78 -14.84 -15.06
C LEU F 140 18.28 -14.97 -16.49
N GLY F 141 19.44 -15.61 -16.67
CA GLY F 141 19.98 -15.78 -18.01
C GLY F 141 19.06 -16.61 -18.89
N TRP F 142 18.58 -17.74 -18.35
CA TRP F 142 17.66 -18.58 -19.10
C TRP F 142 16.37 -17.84 -19.40
N GLU F 143 15.85 -17.10 -18.43
CA GLU F 143 14.64 -16.31 -18.67
C GLU F 143 14.85 -15.35 -19.84
N PHE F 144 15.95 -14.58 -19.80
CA PHE F 144 16.20 -13.62 -20.86
C PHE F 144 16.35 -14.30 -22.22
N LEU F 145 17.04 -15.45 -22.24
CA LEU F 145 17.35 -16.10 -23.51
C LEU F 145 16.20 -16.93 -24.07
N ALA F 146 15.19 -17.26 -23.25
CA ALA F 146 14.14 -18.17 -23.69
C ALA F 146 12.72 -17.61 -23.58
N SER F 147 12.53 -16.43 -22.98
CA SER F 147 11.18 -15.94 -22.77
C SER F 147 10.38 -15.92 -24.07
N THR F 148 10.83 -15.13 -25.04
CA THR F 148 10.06 -14.93 -26.27
C THR F 148 9.91 -16.24 -27.03
N ARG F 149 11.00 -17.00 -27.16
CA ARG F 149 10.95 -18.22 -27.98
C ARG F 149 9.98 -19.22 -27.40
N LEU F 150 10.09 -19.50 -26.09
CA LEU F 150 9.19 -20.46 -25.48
C LEU F 150 7.76 -19.95 -25.45
N THR F 151 7.57 -18.65 -25.22
CA THR F 151 6.22 -18.08 -25.27
C THR F 151 5.59 -18.37 -26.63
N SER F 152 6.30 -18.06 -27.70
CA SER F 152 5.75 -18.27 -29.04
C SER F 152 5.49 -19.76 -29.30
N GLU F 153 6.47 -20.61 -28.97
CA GLU F 153 6.32 -22.03 -29.27
C GLU F 153 5.13 -22.62 -28.53
N LEU F 154 4.98 -22.30 -27.24
CA LEU F 154 3.87 -22.85 -26.48
C LEU F 154 2.54 -22.24 -26.88
N ASN F 155 2.53 -20.96 -27.28
CA ASN F 155 1.30 -20.37 -27.79
C ASN F 155 0.83 -21.09 -29.05
N PHE F 156 1.77 -21.41 -29.94
CA PHE F 156 1.40 -22.20 -31.11
C PHE F 156 0.94 -23.61 -30.72
N LEU F 157 1.66 -24.24 -29.79
CA LEU F 157 1.41 -25.64 -29.46
C LEU F 157 0.04 -25.82 -28.79
N LEU F 158 -0.34 -24.91 -27.89
CA LEU F 158 -1.61 -25.05 -27.20
C LEU F 158 -2.77 -24.99 -28.19
N GLN F 159 -2.73 -24.02 -29.11
CA GLN F 159 -3.76 -23.93 -30.13
C GLN F 159 -3.75 -25.15 -31.04
N GLU F 160 -2.55 -25.63 -31.38
CA GLU F 160 -2.46 -26.81 -32.25
C GLU F 160 -3.09 -28.03 -31.59
N ILE F 161 -2.82 -28.24 -30.30
CA ILE F 161 -3.39 -29.39 -29.60
C ILE F 161 -4.90 -29.22 -29.43
N ASP F 162 -5.36 -28.00 -29.18
CA ASP F 162 -6.80 -27.76 -29.11
C ASP F 162 -7.47 -28.17 -30.42
N ASN F 163 -6.92 -27.71 -31.54
CA ASN F 163 -7.47 -28.08 -32.84
C ASN F 163 -7.34 -29.58 -33.09
N CYS F 164 -6.26 -30.19 -32.60
CA CYS F 164 -6.08 -31.64 -32.78
C CYS F 164 -7.17 -32.42 -32.06
N TYR F 165 -7.51 -32.01 -30.85
CA TYR F 165 -8.56 -32.72 -30.12
C TYR F 165 -9.94 -32.39 -30.66
N HIS F 166 -10.14 -31.20 -31.20
CA HIS F 166 -11.39 -30.94 -31.94
C HIS F 166 -11.49 -31.85 -33.15
N ARG F 167 -10.38 -32.06 -33.86
CA ARG F 167 -10.36 -33.01 -34.96
C ARG F 167 -10.64 -34.42 -34.50
N ALA F 168 -10.11 -34.78 -33.32
CA ALA F 168 -10.41 -36.10 -32.76
C ALA F 168 -11.90 -36.25 -32.50
N ALA F 169 -12.53 -35.22 -31.94
CA ALA F 169 -13.97 -35.25 -31.74
C ALA F 169 -14.70 -35.42 -33.07
N GLU F 170 -14.26 -34.70 -34.10
CA GLU F 170 -14.87 -34.83 -35.41
C GLU F 170 -14.72 -36.25 -35.97
N GLY F 171 -13.52 -36.83 -35.81
CA GLY F 171 -13.21 -38.10 -36.45
C GLY F 171 -13.73 -39.32 -35.73
N ARG F 172 -14.02 -39.21 -34.43
CA ARG F 172 -14.64 -40.34 -33.73
C ARG F 172 -16.07 -40.58 -34.16
N ALA F 173 -16.74 -39.56 -34.72
CA ALA F 173 -18.14 -39.72 -35.09
C ALA F 173 -18.35 -40.79 -36.15
N PRO F 174 -17.64 -40.81 -37.28
CA PRO F 174 -17.89 -41.85 -38.28
C PRO F 174 -17.52 -43.26 -37.83
N LYS F 175 -16.76 -43.41 -36.75
CA LYS F 175 -16.35 -44.75 -36.33
C LYS F 175 -17.55 -45.58 -35.90
N ILE F 176 -18.50 -44.99 -35.18
CA ILE F 176 -19.69 -45.74 -34.77
C ILE F 176 -20.49 -46.17 -35.98
N GLU F 177 -20.63 -45.27 -36.97
CA GLU F 177 -21.35 -45.63 -38.18
C GLU F 177 -20.64 -46.77 -38.90
N LYS F 178 -19.31 -46.73 -38.97
CA LYS F 178 -18.57 -47.82 -39.59
C LYS F 178 -18.79 -49.14 -38.85
N GLN F 179 -18.77 -49.10 -37.51
CA GLN F 179 -18.98 -50.31 -36.73
C GLN F 179 -20.36 -50.89 -36.97
N ILE F 180 -21.39 -50.03 -36.99
CA ILE F 180 -22.73 -50.52 -37.27
C ILE F 180 -22.83 -51.05 -38.69
N GLN F 181 -22.12 -50.43 -39.63
CA GLN F 181 -22.08 -50.97 -40.99
C GLN F 181 -21.51 -52.38 -41.00
N SER F 182 -20.45 -52.61 -40.23
CA SER F 182 -19.94 -53.98 -40.08
C SER F 182 -21.00 -54.90 -39.50
N LYS F 183 -21.88 -54.37 -38.65
CA LYS F 183 -22.95 -55.16 -38.06
C LYS F 183 -24.25 -54.97 -38.84
N GLU F 189 -9.54 -59.91 -37.95
CA GLU F 189 -10.40 -59.45 -36.86
C GLU F 189 -11.19 -58.21 -37.28
N ARG F 190 -12.48 -58.19 -36.94
CA ARG F 190 -13.32 -57.06 -37.32
C ARG F 190 -12.81 -55.76 -36.70
N GLU F 191 -12.62 -55.75 -35.38
CA GLU F 191 -12.16 -54.53 -34.72
C GLU F 191 -10.77 -54.15 -35.22
N LYS F 192 -9.87 -55.12 -35.34
CA LYS F 192 -8.51 -54.82 -35.77
C LYS F 192 -8.49 -54.23 -37.18
N ARG F 193 -9.23 -54.85 -38.11
CA ARG F 193 -9.24 -54.35 -39.47
C ARG F 193 -9.91 -52.98 -39.54
N GLU F 194 -10.96 -52.76 -38.74
CA GLU F 194 -11.59 -51.45 -38.70
C GLU F 194 -10.60 -50.39 -38.22
N ILE F 195 -9.85 -50.69 -37.17
CA ILE F 195 -8.86 -49.74 -36.67
C ILE F 195 -7.78 -49.48 -37.71
N ILE F 196 -7.34 -50.53 -38.40
CA ILE F 196 -6.29 -50.37 -39.41
C ILE F 196 -6.77 -49.46 -40.53
N GLU F 197 -7.97 -49.73 -41.06
CA GLU F 197 -8.48 -48.91 -42.16
C GLU F 197 -8.73 -47.48 -41.71
N ASN F 198 -9.20 -47.31 -40.47
CA ASN F 198 -9.37 -45.95 -39.94
C ASN F 198 -8.04 -45.22 -39.88
N ALA F 199 -7.00 -45.90 -39.41
CA ALA F 199 -5.69 -45.27 -39.35
C ALA F 199 -5.22 -44.89 -40.74
N GLU F 200 -5.44 -45.75 -41.73
CA GLU F 200 -4.99 -45.45 -43.09
C GLU F 200 -5.75 -44.26 -43.67
N LYS F 201 -7.07 -44.21 -43.49
CA LYS F 201 -7.90 -43.25 -44.21
C LYS F 201 -8.26 -42.00 -43.40
N GLU F 202 -7.80 -41.89 -42.16
CA GLU F 202 -8.23 -40.78 -41.31
C GLU F 202 -7.32 -39.56 -41.38
N LYS F 203 -6.11 -39.70 -41.92
CA LYS F 203 -5.14 -38.61 -41.92
C LYS F 203 -5.76 -37.34 -42.49
N SER F 204 -5.90 -36.34 -41.64
CA SER F 204 -6.47 -35.04 -41.96
C SER F 204 -5.37 -34.06 -42.36
N PRO F 205 -5.74 -32.91 -42.94
CA PRO F 205 -4.70 -31.91 -43.27
C PRO F 205 -3.92 -31.44 -42.05
N GLU F 206 -4.62 -31.00 -41.00
CA GLU F 206 -3.94 -30.60 -39.78
C GLU F 206 -3.19 -31.77 -39.16
N GLN F 207 -3.60 -33.00 -39.44
CA GLN F 207 -2.82 -34.15 -38.98
C GLN F 207 -1.45 -34.17 -39.64
N ASN F 208 -1.39 -33.91 -40.95
CA ASN F 208 -0.10 -33.77 -41.62
C ASN F 208 0.66 -32.56 -41.08
N LEU F 209 -0.05 -31.48 -40.74
CA LEU F 209 0.61 -30.36 -40.08
C LEU F 209 1.31 -30.80 -38.81
N PHE F 210 0.60 -31.55 -37.96
CA PHE F 210 1.18 -32.06 -36.73
C PHE F 210 2.39 -32.96 -37.02
N GLU F 211 2.26 -33.85 -38.00
CA GLU F 211 3.35 -34.76 -38.31
C GLU F 211 4.59 -34.00 -38.74
N LYS F 212 4.43 -33.04 -39.65
CA LYS F 212 5.56 -32.25 -40.11
C LYS F 212 6.16 -31.43 -38.97
N TYR F 213 5.32 -30.84 -38.14
CA TYR F 213 5.82 -30.07 -37.00
C TYR F 213 6.66 -30.93 -36.08
N LEU F 214 6.15 -32.12 -35.73
CA LEU F 214 6.91 -33.01 -34.85
C LEU F 214 8.21 -33.45 -35.50
N GLU F 215 8.16 -33.77 -36.80
CA GLU F 215 9.37 -34.21 -37.49
C GLU F 215 10.44 -33.13 -37.50
N ARG F 216 10.04 -31.87 -37.72
CA ARG F 216 11.01 -30.78 -37.74
C ARG F 216 11.50 -30.44 -36.34
N ARG F 217 10.64 -30.56 -35.32
CA ARG F 217 11.09 -30.27 -33.95
C ARG F 217 12.04 -31.34 -33.46
N GLY F 218 11.82 -32.61 -33.83
CA GLY F 218 12.66 -33.68 -33.34
C GLY F 218 14.13 -33.50 -33.67
N ARG F 219 14.43 -32.80 -34.77
CA ARG F 219 15.80 -32.55 -35.20
C ARG F 219 16.23 -31.11 -34.95
N SER F 220 15.57 -30.42 -34.03
CA SER F 220 15.90 -29.04 -33.66
C SER F 220 16.00 -29.00 -32.13
N ASN F 221 17.19 -29.32 -31.62
CA ASN F 221 17.42 -29.48 -30.19
C ASN F 221 17.81 -28.18 -29.50
N PHE F 222 17.39 -27.03 -30.03
CA PHE F 222 17.82 -25.76 -29.48
C PHE F 222 17.37 -25.61 -28.03
N LEU F 223 16.08 -25.84 -27.75
CA LEU F 223 15.57 -25.60 -26.41
C LEU F 223 16.08 -26.65 -25.42
N ALA F 224 16.24 -27.90 -25.88
CA ALA F 224 16.87 -28.89 -25.02
C ALA F 224 18.31 -28.50 -24.72
N LYS F 225 19.03 -28.01 -25.72
CA LYS F 225 20.37 -27.49 -25.50
C LYS F 225 20.36 -26.41 -24.43
N LEU F 226 19.42 -25.47 -24.53
CA LEU F 226 19.38 -24.35 -23.59
C LEU F 226 19.05 -24.82 -22.18
N TYR F 227 18.10 -25.75 -22.05
CA TYR F 227 17.73 -26.25 -20.72
C TYR F 227 18.88 -27.00 -20.08
N LEU F 228 19.51 -27.90 -20.84
CA LEU F 228 20.66 -28.63 -20.30
C LEU F 228 21.78 -27.66 -19.93
N ALA F 229 22.00 -26.64 -20.76
CA ALA F 229 23.03 -25.65 -20.45
C ALA F 229 22.70 -24.91 -19.16
N ARG F 230 21.44 -24.53 -18.98
CA ARG F 230 21.06 -23.83 -17.76
C ARG F 230 21.33 -24.68 -16.53
N HIS F 231 20.90 -25.94 -16.55
CA HIS F 231 21.05 -26.76 -15.35
C HIS F 231 22.51 -27.13 -15.11
N VAL F 232 23.25 -27.40 -16.17
CA VAL F 232 24.68 -27.67 -16.01
C VAL F 232 25.41 -26.44 -15.51
N LEU F 233 24.97 -25.24 -15.93
CA LEU F 233 25.57 -24.01 -15.41
C LEU F 233 25.25 -23.83 -13.94
N ILE F 234 24.02 -24.16 -13.53
CA ILE F 234 23.69 -24.12 -12.11
C ILE F 234 24.62 -25.04 -11.33
N LEU F 235 24.82 -26.26 -11.83
CA LEU F 235 25.71 -27.20 -11.16
C LEU F 235 27.14 -26.67 -11.08
N LEU F 236 27.66 -26.17 -12.20
CA LEU F 236 29.05 -25.69 -12.22
C LEU F 236 29.22 -24.47 -11.33
N LEU F 237 28.26 -23.56 -11.32
CA LEU F 237 28.34 -22.42 -10.41
C LEU F 237 28.28 -22.86 -8.96
N SER F 238 27.40 -23.81 -8.63
CA SER F 238 27.35 -24.34 -7.29
C SER F 238 28.66 -25.01 -6.89
N ALA F 239 29.41 -25.49 -7.88
CA ALA F 239 30.71 -26.09 -7.57
C ALA F 239 31.63 -25.14 -6.84
N VAL F 240 31.47 -23.84 -7.04
CA VAL F 240 32.36 -22.84 -6.44
C VAL F 240 32.07 -22.69 -4.95
N PRO F 241 30.88 -22.24 -4.55
CA PRO F 241 30.63 -22.05 -3.11
C PRO F 241 30.77 -23.32 -2.31
N ILE F 242 30.43 -24.47 -2.88
CA ILE F 242 30.63 -25.73 -2.16
C ILE F 242 32.11 -25.87 -1.79
N SER F 243 32.99 -25.69 -2.77
CA SER F 243 34.42 -25.82 -2.51
C SER F 243 34.90 -24.78 -1.50
N TYR F 244 34.49 -23.53 -1.68
CA TYR F 244 34.95 -22.48 -0.79
C TYR F 244 34.51 -22.74 0.65
N LEU F 245 33.22 -23.01 0.85
CA LEU F 245 32.71 -23.24 2.20
C LEU F 245 33.33 -24.48 2.82
N CYS F 246 33.47 -25.56 2.05
CA CYS F 246 34.11 -26.76 2.58
C CYS F 246 35.55 -26.48 2.99
N THR F 247 36.24 -25.61 2.26
CA THR F 247 37.59 -25.19 2.67
C THR F 247 37.55 -24.24 3.86
N TYR F 248 36.41 -23.58 4.10
CA TYR F 248 36.26 -22.68 5.23
C TYR F 248 35.76 -23.40 6.48
N TYR F 249 34.78 -24.30 6.31
CA TYR F 249 34.32 -25.11 7.43
C TYR F 249 35.41 -26.09 7.88
N ALA F 250 36.30 -26.47 6.98
CA ALA F 250 37.25 -27.55 7.28
C ALA F 250 38.40 -27.05 8.16
N THR F 251 39.13 -26.04 7.70
CA THR F 251 40.37 -25.62 8.33
C THR F 251 40.26 -24.31 9.08
N GLN F 252 39.73 -23.26 8.45
CA GLN F 252 39.70 -21.94 9.07
C GLN F 252 38.52 -21.83 10.04
N LYS F 253 38.66 -22.53 11.16
CA LYS F 253 37.69 -22.48 12.26
C LYS F 253 38.47 -22.17 13.54
N GLN F 254 38.70 -20.87 13.77
CA GLN F 254 39.40 -20.40 14.95
C GLN F 254 38.65 -19.22 15.54
N ASN F 255 38.54 -19.21 16.87
CA ASN F 255 37.74 -18.21 17.58
C ASN F 255 38.58 -17.14 18.26
N GLU F 256 39.70 -17.51 18.87
CA GLU F 256 40.48 -16.62 19.72
C GLU F 256 41.85 -16.39 19.09
N PHE F 257 42.33 -15.15 19.17
CA PHE F 257 43.68 -14.83 18.73
C PHE F 257 44.27 -13.78 19.67
N THR F 258 45.51 -13.37 19.40
CA THR F 258 46.22 -12.39 20.21
C THR F 258 46.85 -11.37 19.27
N CYS F 259 46.23 -10.21 19.17
CA CYS F 259 46.74 -9.14 18.31
C CYS F 259 47.83 -8.36 19.02
N ALA F 260 48.58 -7.59 18.24
CA ALA F 260 49.68 -6.78 18.76
C ALA F 260 49.50 -5.35 18.30
N LEU F 261 49.32 -4.43 19.25
CA LEU F 261 49.20 -3.02 18.93
C LEU F 261 50.58 -2.42 18.70
N GLY F 262 50.67 -1.52 17.73
CA GLY F 262 51.98 -1.05 17.28
C GLY F 262 52.38 0.33 17.79
N ALA F 263 51.46 1.29 17.78
CA ALA F 263 51.83 2.66 18.11
C ALA F 263 52.40 2.76 19.52
N SER F 264 51.59 2.44 20.52
CA SER F 264 52.01 2.46 21.91
C SER F 264 52.63 3.81 22.28
N PRO F 265 51.82 4.87 22.40
CA PRO F 265 52.36 6.14 22.91
C PRO F 265 52.71 6.03 24.38
N ASP F 266 53.11 7.15 25.00
CA ASP F 266 53.61 7.23 26.37
C ASP F 266 55.09 6.86 26.45
N GLY F 267 55.78 6.75 25.31
CA GLY F 267 57.19 6.42 25.33
C GLY F 267 58.06 7.49 25.94
N ALA F 268 57.58 8.73 25.96
CA ALA F 268 58.34 9.86 26.52
C ALA F 268 59.69 9.99 25.82
N ALA F 269 59.62 10.31 24.52
CA ALA F 269 60.79 10.39 23.65
C ALA F 269 61.42 9.03 23.38
N GLY F 270 60.68 7.95 23.68
CA GLY F 270 61.17 6.61 23.45
C GLY F 270 60.20 5.82 22.57
N ALA F 271 60.62 4.60 22.21
CA ALA F 271 59.82 3.77 21.34
C ALA F 271 58.49 3.40 21.99
N GLY F 272 58.54 2.85 23.21
CA GLY F 272 57.36 2.44 23.91
C GLY F 272 57.16 0.94 23.87
N PRO F 273 56.35 0.40 24.78
CA PRO F 273 56.12 -1.05 24.83
C PRO F 273 55.03 -1.48 23.85
N ALA F 274 55.35 -2.42 22.98
CA ALA F 274 54.36 -3.00 22.08
C ALA F 274 53.50 -3.99 22.85
N VAL F 275 52.23 -3.70 22.98
CA VAL F 275 51.33 -4.47 23.82
C VAL F 275 50.67 -5.57 22.99
N ARG F 276 50.43 -6.71 23.63
CA ARG F 276 49.72 -7.83 23.02
C ARG F 276 48.39 -8.01 23.77
N VAL F 277 47.30 -8.02 23.01
CA VAL F 277 45.96 -8.06 23.58
C VAL F 277 45.24 -9.29 23.01
N SER F 278 44.70 -10.11 23.89
CA SER F 278 43.98 -11.32 23.50
C SER F 278 42.54 -10.96 23.18
N CYS F 279 42.10 -11.32 21.97
CA CYS F 279 40.75 -11.02 21.52
C CYS F 279 40.03 -12.30 21.12
N LYS F 280 38.71 -12.24 21.24
CA LYS F 280 37.82 -13.35 20.91
C LYS F 280 36.68 -12.82 20.06
N LEU F 281 36.37 -13.54 18.97
CA LEU F 281 35.29 -13.20 18.06
C LEU F 281 34.00 -13.90 18.51
N PRO F 282 32.87 -13.20 18.62
CA PRO F 282 31.65 -13.85 19.09
C PRO F 282 30.85 -14.51 17.99
N SER F 283 31.07 -14.10 16.74
CA SER F 283 30.20 -14.49 15.63
C SER F 283 30.72 -15.69 14.85
N VAL F 284 31.82 -16.32 15.27
CA VAL F 284 32.37 -17.40 14.47
C VAL F 284 31.49 -18.65 14.54
N GLN F 285 30.82 -18.89 15.66
CA GLN F 285 30.06 -20.12 15.83
C GLN F 285 28.88 -20.18 14.87
N LEU F 286 28.07 -19.12 14.83
CA LEU F 286 26.91 -19.13 13.94
C LEU F 286 27.35 -19.19 12.48
N GLN F 287 28.43 -18.48 12.13
CA GLN F 287 28.93 -18.55 10.76
C GLN F 287 29.38 -19.96 10.41
N ARG F 288 30.09 -20.61 11.33
CA ARG F 288 30.57 -21.96 11.07
C ARG F 288 29.45 -22.98 11.01
N ILE F 289 28.31 -22.70 11.65
CA ILE F 289 27.16 -23.60 11.53
C ILE F 289 26.41 -23.34 10.23
N ILE F 290 26.20 -22.06 9.88
CA ILE F 290 25.50 -21.73 8.64
C ILE F 290 26.30 -22.21 7.44
N ALA F 291 27.64 -22.21 7.53
CA ALA F 291 28.44 -22.71 6.43
C ALA F 291 28.13 -24.18 6.16
N GLY F 292 28.08 -25.00 7.22
CA GLY F 292 27.73 -26.39 7.04
C GLY F 292 26.32 -26.57 6.52
N VAL F 293 25.38 -25.78 7.04
CA VAL F 293 23.99 -25.88 6.57
C VAL F 293 23.93 -25.60 5.08
N ASP F 294 24.59 -24.53 4.63
CA ASP F 294 24.58 -24.18 3.21
C ASP F 294 25.28 -25.25 2.37
N ILE F 295 26.38 -25.80 2.88
CA ILE F 295 27.08 -26.84 2.14
C ILE F 295 26.16 -28.02 1.91
N VAL F 296 25.49 -28.49 2.97
CA VAL F 296 24.60 -29.63 2.84
C VAL F 296 23.44 -29.31 1.89
N LEU F 297 22.86 -28.12 2.04
CA LEU F 297 21.72 -27.75 1.21
C LEU F 297 22.09 -27.74 -0.26
N LEU F 298 23.23 -27.11 -0.59
CA LEU F 298 23.63 -27.01 -1.99
C LEU F 298 24.08 -28.35 -2.55
N CYS F 299 24.70 -29.21 -1.71
CA CYS F 299 25.03 -30.55 -2.18
C CYS F 299 23.77 -31.35 -2.50
N VAL F 300 22.74 -31.22 -1.66
CA VAL F 300 21.51 -31.93 -1.92
C VAL F 300 20.84 -31.39 -3.18
N MET F 301 20.88 -30.07 -3.38
CA MET F 301 20.38 -29.50 -4.62
C MET F 301 21.13 -30.05 -5.84
N ASN F 302 22.45 -30.16 -5.74
CA ASN F 302 23.23 -30.71 -6.85
C ASN F 302 22.81 -32.15 -7.16
N LEU F 303 22.66 -32.96 -6.10
CA LEU F 303 22.24 -34.34 -6.30
C LEU F 303 20.85 -34.40 -6.95
N ILE F 304 19.93 -33.54 -6.49
CA ILE F 304 18.59 -33.52 -7.05
C ILE F 304 18.64 -33.15 -8.53
N ILE F 305 19.43 -32.14 -8.88
CA ILE F 305 19.54 -31.72 -10.27
C ILE F 305 20.07 -32.87 -11.13
N LEU F 306 21.12 -33.54 -10.65
CA LEU F 306 21.70 -34.63 -11.42
C LEU F 306 20.71 -35.76 -11.60
N VAL F 307 19.98 -36.11 -10.54
CA VAL F 307 19.01 -37.19 -10.64
C VAL F 307 17.92 -36.84 -11.64
N ASN F 308 17.42 -35.60 -11.58
CA ASN F 308 16.36 -35.21 -12.51
C ASN F 308 16.86 -35.25 -13.95
N LEU F 309 18.08 -34.74 -14.20
CA LEU F 309 18.61 -34.77 -15.55
C LEU F 309 18.77 -36.20 -16.05
N ILE F 310 19.30 -37.09 -15.21
CA ILE F 310 19.47 -38.48 -15.62
C ILE F 310 18.13 -39.11 -15.94
N HIS F 311 17.12 -38.84 -15.11
CA HIS F 311 15.79 -39.39 -15.36
C HIS F 311 15.21 -38.86 -16.66
N LEU F 312 15.42 -37.56 -16.94
CA LEU F 312 14.75 -36.94 -18.09
C LEU F 312 15.43 -37.35 -19.40
N PHE F 313 16.75 -37.42 -19.43
CA PHE F 313 17.47 -37.60 -20.69
C PHE F 313 18.00 -39.00 -20.91
N ILE F 314 17.91 -39.89 -19.93
CA ILE F 314 18.43 -41.25 -20.11
C ILE F 314 17.34 -42.27 -19.78
N PHE F 315 16.81 -42.22 -18.56
CA PHE F 315 15.84 -43.21 -18.12
C PHE F 315 14.44 -42.96 -18.67
N ARG F 316 14.12 -41.73 -19.07
CA ARG F 316 12.80 -41.44 -19.60
C ARG F 316 12.61 -42.12 -20.95
N LYS F 317 11.43 -42.70 -21.14
CA LYS F 317 11.06 -43.36 -22.40
C LYS F 317 9.82 -42.78 -23.03
N SER F 318 8.81 -42.43 -22.24
CA SER F 318 7.57 -41.86 -22.73
C SER F 318 7.36 -40.49 -22.13
N ASN F 319 6.92 -39.54 -22.96
CA ASN F 319 6.69 -38.16 -22.55
C ASN F 319 5.19 -37.88 -22.53
N PHE F 320 4.86 -36.61 -22.24
CA PHE F 320 3.47 -36.22 -22.06
C PHE F 320 2.74 -36.14 -23.39
N ILE F 321 3.24 -35.34 -24.33
CA ILE F 321 2.52 -35.11 -25.58
C ILE F 321 2.41 -36.40 -26.39
N PHE F 322 3.49 -37.19 -26.42
CA PHE F 322 3.45 -38.43 -27.20
C PHE F 322 2.36 -39.37 -26.69
N ASP F 323 2.33 -39.62 -25.38
CA ASP F 323 1.30 -40.48 -24.82
C ASP F 323 -0.08 -39.87 -24.99
N LYS F 324 -0.18 -38.55 -24.87
CA LYS F 324 -1.48 -37.89 -25.01
C LYS F 324 -2.03 -38.08 -26.41
N LEU F 325 -1.19 -37.92 -27.42
CA LEU F 325 -1.62 -38.17 -28.79
C LEU F 325 -1.94 -39.65 -29.01
N HIS F 326 -1.11 -40.55 -28.47
CA HIS F 326 -1.37 -41.98 -28.61
C HIS F 326 -2.70 -42.36 -27.98
N LYS F 327 -3.13 -41.61 -26.97
CA LYS F 327 -4.44 -41.86 -26.36
C LYS F 327 -5.53 -41.85 -27.42
N VAL F 328 -5.56 -40.83 -28.26
CA VAL F 328 -6.51 -40.78 -29.36
C VAL F 328 -6.13 -41.74 -30.47
N GLY F 329 -4.84 -42.02 -30.65
CA GLY F 329 -4.39 -42.98 -31.64
C GLY F 329 -3.60 -42.36 -32.78
N ILE F 330 -2.28 -42.47 -32.71
CA ILE F 330 -1.38 -42.08 -33.79
C ILE F 330 -0.21 -43.07 -33.79
N LYS F 331 0.71 -42.88 -34.74
CA LYS F 331 1.80 -43.81 -34.91
C LYS F 331 2.84 -43.68 -33.80
N THR F 332 3.30 -42.45 -33.54
CA THR F 332 4.39 -42.22 -32.58
C THR F 332 5.61 -43.08 -32.92
N ARG F 333 5.93 -43.19 -34.21
CA ARG F 333 7.05 -44.00 -34.62
C ARG F 333 8.37 -43.34 -34.23
N ARG F 334 9.45 -44.12 -34.32
CA ARG F 334 10.77 -43.67 -33.92
C ARG F 334 11.37 -42.64 -34.87
N GLN F 335 10.74 -42.37 -36.01
CA GLN F 335 11.29 -41.39 -36.94
C GLN F 335 11.46 -40.03 -36.28
N TRP F 336 10.65 -39.73 -35.26
CA TRP F 336 10.81 -38.54 -34.45
C TRP F 336 11.17 -38.90 -33.00
N ARG F 337 11.84 -40.03 -32.82
CA ARG F 337 12.23 -40.52 -31.50
C ARG F 337 13.63 -41.11 -31.63
N ARG F 338 14.04 -41.88 -30.62
CA ARG F 338 15.33 -42.53 -30.49
C ARG F 338 16.43 -41.55 -30.10
N SER F 339 16.13 -40.25 -30.02
CA SER F 339 17.08 -39.23 -29.58
C SER F 339 16.45 -38.55 -28.36
N GLN F 340 16.76 -39.08 -27.17
CA GLN F 340 16.13 -38.56 -25.96
C GLN F 340 16.47 -37.09 -25.74
N PHE F 341 17.65 -36.65 -26.19
CA PHE F 341 18.03 -35.25 -26.10
C PHE F 341 17.30 -34.48 -27.19
N CYS F 342 15.98 -34.40 -27.03
CA CYS F 342 15.08 -33.86 -28.03
C CYS F 342 14.34 -32.65 -27.49
N ASP F 343 13.88 -31.79 -28.41
CA ASP F 343 13.19 -30.57 -28.02
C ASP F 343 11.80 -30.87 -27.49
N ILE F 344 11.05 -31.74 -28.16
CA ILE F 344 9.72 -32.08 -27.68
C ILE F 344 9.79 -32.75 -26.32
N ASN F 345 10.91 -33.40 -26.02
CA ASN F 345 11.04 -34.09 -24.74
C ASN F 345 10.87 -33.13 -23.57
N ILE F 346 11.49 -31.96 -23.65
CA ILE F 346 11.32 -30.98 -22.58
C ILE F 346 10.00 -30.23 -22.74
N LEU F 347 9.58 -29.97 -23.98
CA LEU F 347 8.29 -29.30 -24.19
C LEU F 347 7.17 -30.06 -23.53
N ALA F 348 7.31 -31.38 -23.40
CA ALA F 348 6.30 -32.18 -22.71
C ALA F 348 6.12 -31.72 -21.28
N MET F 349 7.22 -31.40 -20.59
CA MET F 349 7.13 -30.98 -19.20
C MET F 349 6.39 -29.64 -19.09
N PHE F 350 6.71 -28.68 -19.94
CA PHE F 350 5.99 -27.40 -19.92
C PHE F 350 4.52 -27.61 -20.23
N CYS F 351 4.20 -28.47 -21.20
CA CYS F 351 2.80 -28.75 -21.50
C CYS F 351 2.10 -29.36 -20.30
N ASN F 352 2.76 -30.31 -19.61
CA ASN F 352 2.16 -30.91 -18.43
C ASN F 352 1.91 -29.87 -17.35
N GLU F 353 2.84 -28.95 -17.13
CA GLU F 353 2.60 -27.87 -16.19
C GLU F 353 1.44 -27.00 -16.66
N ASN F 354 1.39 -26.69 -17.96
CA ASN F 354 0.31 -25.92 -18.55
C ASN F 354 -0.82 -26.81 -19.07
N ARG F 355 -0.98 -28.02 -18.52
CA ARG F 355 -1.98 -28.94 -19.05
C ARG F 355 -3.38 -28.33 -18.99
N ASP F 356 -3.66 -27.53 -17.97
CA ASP F 356 -4.98 -26.94 -17.79
C ASP F 356 -5.11 -25.56 -18.43
N HIS F 357 -4.04 -25.05 -19.06
CA HIS F 357 -4.17 -23.81 -19.81
C HIS F 357 -5.07 -23.97 -21.03
N ILE F 358 -5.29 -25.21 -21.47
CA ILE F 358 -6.19 -25.53 -22.57
C ILE F 358 -7.34 -26.36 -22.01
N LYS F 359 -8.57 -25.95 -22.32
CA LYS F 359 -9.74 -26.55 -21.69
C LYS F 359 -10.02 -27.93 -22.25
N SER F 360 -10.30 -28.02 -23.55
CA SER F 360 -10.81 -29.26 -24.15
C SER F 360 -10.00 -30.46 -23.70
N LEU F 361 -8.71 -30.49 -24.03
CA LEU F 361 -7.85 -31.62 -23.70
C LEU F 361 -8.16 -32.15 -22.31
N ASN F 362 -8.19 -31.25 -21.32
CA ASN F 362 -8.40 -31.65 -19.94
C ASN F 362 -9.50 -32.70 -19.83
N ARG F 363 -10.71 -32.34 -20.26
CA ARG F 363 -11.83 -33.25 -20.06
C ARG F 363 -11.59 -34.56 -20.78
N LEU F 364 -11.09 -34.49 -22.01
CA LEU F 364 -10.87 -35.69 -22.80
C LEU F 364 -9.92 -36.66 -22.12
N ASP F 365 -9.10 -36.16 -21.19
CA ASP F 365 -8.16 -37.05 -20.50
C ASP F 365 -8.84 -37.82 -19.38
N PHE F 366 -9.82 -37.22 -18.71
CA PHE F 366 -10.43 -37.81 -17.54
C PHE F 366 -11.68 -38.62 -17.86
N ILE F 367 -12.14 -38.60 -19.11
CA ILE F 367 -13.29 -39.40 -19.50
C ILE F 367 -12.94 -40.88 -19.50
N THR F 368 -11.71 -41.23 -19.84
CA THR F 368 -11.31 -42.63 -20.01
C THR F 368 -9.93 -42.83 -19.39
N ASN F 369 -9.33 -43.97 -19.70
CA ASN F 369 -8.01 -44.32 -19.20
C ASN F 369 -7.37 -45.31 -20.17
N GLU F 370 -6.18 -45.78 -19.81
CA GLU F 370 -5.42 -46.80 -20.52
C GLU F 370 -4.86 -46.32 -21.86
N SER F 371 -5.13 -45.08 -22.26
CA SER F 371 -4.62 -44.54 -23.51
C SER F 371 -5.02 -45.42 -24.70
N ASP F 372 -6.24 -45.96 -24.63
CA ASP F 372 -6.83 -46.79 -25.69
C ASP F 372 -8.25 -46.34 -25.96
N LEU F 373 -8.43 -45.03 -26.13
CA LEU F 373 -9.77 -44.46 -26.23
C LEU F 373 -10.55 -45.07 -27.39
N MET F 374 -9.87 -45.48 -28.45
CA MET F 374 -10.53 -45.93 -29.67
C MET F 374 -10.62 -47.46 -29.77
N TYR F 375 -10.49 -48.18 -28.66
CA TYR F 375 -10.61 -49.64 -28.67
C TYR F 375 -11.89 -50.14 -28.03
N ASP F 376 -12.74 -49.24 -27.51
CA ASP F 376 -14.07 -49.63 -27.06
C ASP F 376 -15.04 -49.61 -28.24
N ASN F 377 -16.10 -50.40 -28.12
CA ASN F 377 -17.08 -50.47 -29.19
C ASN F 377 -18.12 -49.37 -29.09
N VAL F 378 -18.65 -49.13 -27.89
CA VAL F 378 -19.85 -48.30 -27.75
C VAL F 378 -19.64 -47.11 -26.82
N VAL F 379 -19.37 -47.38 -25.55
CA VAL F 379 -19.64 -46.38 -24.50
C VAL F 379 -18.84 -45.11 -24.75
N ARG F 380 -17.51 -45.21 -24.78
CA ARG F 380 -16.69 -43.99 -24.82
C ARG F 380 -16.97 -43.19 -26.07
N GLN F 381 -17.12 -43.86 -27.22
CA GLN F 381 -17.39 -43.14 -28.46
C GLN F 381 -18.87 -42.77 -28.61
N LEU F 382 -19.77 -43.58 -28.05
CA LEU F 382 -21.19 -43.26 -28.16
C LEU F 382 -21.50 -41.99 -27.39
N LEU F 383 -20.86 -41.81 -26.23
CA LEU F 383 -21.04 -40.57 -25.48
C LEU F 383 -20.68 -39.35 -26.33
N ALA F 384 -19.52 -39.40 -26.98
CA ALA F 384 -19.11 -38.28 -27.83
C ALA F 384 -20.06 -38.14 -29.02
N ALA F 385 -20.54 -39.25 -29.57
CA ALA F 385 -21.47 -39.20 -30.68
C ALA F 385 -22.73 -38.41 -30.30
N LEU F 386 -23.34 -38.76 -29.17
CA LEU F 386 -24.52 -38.02 -28.73
C LEU F 386 -24.18 -36.62 -28.27
N ALA F 387 -22.94 -36.37 -27.83
CA ALA F 387 -22.57 -35.04 -27.37
C ALA F 387 -22.35 -34.07 -28.53
N GLN F 388 -21.86 -34.55 -29.67
CA GLN F 388 -21.44 -33.67 -30.76
C GLN F 388 -22.26 -33.86 -32.02
N SER F 389 -22.46 -35.10 -32.48
CA SER F 389 -23.04 -35.33 -33.80
C SER F 389 -24.44 -34.73 -33.91
N ASN F 390 -25.28 -34.93 -32.87
CA ASN F 390 -26.64 -34.41 -32.93
C ASN F 390 -26.66 -32.89 -32.87
N HIS F 391 -25.72 -32.28 -32.16
CA HIS F 391 -25.73 -30.82 -32.02
C HIS F 391 -25.56 -30.11 -33.35
N ASP F 392 -24.88 -30.72 -34.32
CA ASP F 392 -24.70 -30.10 -35.62
C ASP F 392 -26.00 -30.09 -36.42
N LEU G 42 -13.88 -17.33 -10.83
CA LEU G 42 -13.38 -17.31 -9.46
C LEU G 42 -12.43 -18.48 -9.21
N GLN G 43 -12.07 -18.68 -7.95
CA GLN G 43 -11.15 -19.73 -7.55
C GLN G 43 -11.88 -20.82 -6.78
N LEU G 44 -11.35 -22.04 -6.86
CA LEU G 44 -11.89 -23.18 -6.14
C LEU G 44 -10.95 -23.56 -5.00
N LYS G 45 -11.53 -23.91 -3.86
CA LYS G 45 -10.76 -24.20 -2.67
C LYS G 45 -10.23 -25.64 -2.69
N LEU G 46 -9.02 -25.80 -2.21
CA LEU G 46 -8.44 -27.13 -2.00
C LEU G 46 -8.11 -27.41 -0.55
N GLU G 47 -8.15 -26.41 0.32
CA GLU G 47 -7.87 -26.63 1.74
C GLU G 47 -9.05 -27.32 2.40
N LEU G 48 -8.74 -28.08 3.45
CA LEU G 48 -9.76 -28.74 4.27
C LEU G 48 -9.57 -28.20 5.68
N PRO G 49 -10.64 -27.92 6.44
CA PRO G 49 -10.46 -27.18 7.70
C PRO G 49 -9.48 -27.86 8.63
N PHE G 50 -9.48 -29.19 8.63
CA PHE G 50 -8.53 -29.95 9.43
C PHE G 50 -7.09 -29.64 9.06
N ASP G 51 -6.79 -29.62 7.76
CA ASP G 51 -5.42 -29.37 7.33
C ASP G 51 -4.97 -27.96 7.70
N ARG G 52 -5.84 -26.97 7.54
CA ARG G 52 -5.46 -25.61 7.88
C ARG G 52 -5.29 -25.45 9.39
N VAL G 53 -6.15 -26.10 10.17
CA VAL G 53 -5.97 -26.07 11.63
C VAL G 53 -4.64 -26.70 12.00
N VAL G 54 -4.30 -27.82 11.37
CA VAL G 54 -3.05 -28.51 11.69
C VAL G 54 -1.86 -27.63 11.36
N THR G 55 -1.83 -27.05 10.16
CA THR G 55 -0.70 -26.22 9.78
C THR G 55 -0.62 -24.98 10.67
N ILE G 56 -1.78 -24.39 11.03
CA ILE G 56 -1.79 -23.27 11.96
C ILE G 56 -1.07 -23.68 13.25
N GLY G 57 -1.62 -24.67 13.94
CA GLY G 57 -1.10 -25.08 15.23
C GLY G 57 0.29 -25.67 15.19
N THR G 58 0.79 -26.03 14.01
CA THR G 58 2.11 -26.64 13.89
C THR G 58 3.18 -25.66 13.44
N VAL G 59 2.82 -24.57 12.77
CA VAL G 59 3.77 -23.61 12.23
C VAL G 59 3.55 -22.20 12.79
N LEU G 60 2.33 -21.68 12.65
CA LEU G 60 2.11 -20.28 12.96
C LEU G 60 2.33 -20.00 14.45
N VAL G 61 1.78 -20.85 15.31
CA VAL G 61 1.97 -20.67 16.74
C VAL G 61 3.45 -20.77 17.12
N PRO G 62 4.19 -21.80 16.72
CA PRO G 62 5.63 -21.82 17.03
C PRO G 62 6.37 -20.61 16.48
N ILE G 63 5.97 -20.08 15.32
CA ILE G 63 6.60 -18.87 14.81
C ILE G 63 6.34 -17.70 15.74
N LEU G 64 5.10 -17.58 16.24
CA LEU G 64 4.78 -16.51 17.18
C LEU G 64 5.61 -16.63 18.44
N LEU G 65 5.73 -17.85 18.98
CA LEU G 65 6.55 -18.04 20.17
C LEU G 65 8.02 -17.73 19.89
N VAL G 66 8.49 -18.08 18.70
CA VAL G 66 9.88 -17.80 18.33
C VAL G 66 10.13 -16.30 18.32
N THR G 67 9.23 -15.54 17.68
CA THR G 67 9.43 -14.10 17.63
C THR G 67 9.30 -13.48 19.01
N LEU G 68 8.42 -14.03 19.86
CA LEU G 68 8.32 -13.54 21.23
C LEU G 68 9.63 -13.77 21.98
N VAL G 69 10.23 -14.95 21.81
CA VAL G 69 11.50 -15.24 22.48
C VAL G 69 12.60 -14.34 21.95
N PHE G 70 12.62 -14.10 20.64
CA PHE G 70 13.60 -13.18 20.07
C PHE G 70 13.45 -11.79 20.66
N THR G 71 12.21 -11.30 20.75
CA THR G 71 11.98 -9.97 21.32
C THR G 71 12.44 -9.91 22.76
N LYS G 72 12.10 -10.92 23.56
CA LYS G 72 12.51 -10.93 24.95
C LYS G 72 14.03 -10.95 25.07
N ASN G 73 14.71 -11.80 24.29
CA ASN G 73 16.15 -11.95 24.41
C ASN G 73 16.87 -10.68 23.97
N PHE G 74 16.42 -10.05 22.87
CA PHE G 74 17.09 -8.85 22.40
C PHE G 74 16.70 -7.62 23.21
N ALA G 75 15.59 -7.66 23.95
CA ALA G 75 15.25 -6.56 24.83
C ALA G 75 16.13 -6.54 26.07
N GLU G 76 16.47 -7.71 26.59
CA GLU G 76 17.34 -7.83 27.75
C GLU G 76 18.80 -7.85 27.28
N GLU G 77 19.71 -8.11 28.19
CA GLU G 77 21.11 -8.28 27.88
C GLU G 77 21.44 -9.77 27.79
N PRO G 78 22.40 -10.20 26.95
CA PRO G 78 22.65 -11.64 26.81
C PRO G 78 22.96 -12.34 28.13
N ILE G 79 23.96 -11.85 28.87
CA ILE G 79 24.44 -12.53 30.06
C ILE G 79 24.77 -11.49 31.13
N TYR G 80 24.71 -11.92 32.39
CA TYR G 80 25.03 -11.05 33.53
C TYR G 80 26.14 -11.70 34.34
N CYS G 81 27.32 -11.10 34.34
CA CYS G 81 28.50 -11.67 34.97
C CYS G 81 28.97 -10.79 36.12
N TYR G 82 29.36 -11.45 37.22
CA TYR G 82 29.75 -10.75 38.45
C TYR G 82 31.27 -10.54 38.45
N THR G 83 31.70 -9.59 37.63
CA THR G 83 33.12 -9.35 37.47
C THR G 83 33.73 -8.86 38.80
N PRO G 84 34.98 -9.23 39.08
CA PRO G 84 35.60 -8.78 40.34
C PRO G 84 35.70 -7.27 40.44
N HIS G 85 36.16 -6.78 41.60
CA HIS G 85 36.26 -5.35 41.81
C HIS G 85 37.30 -4.72 40.88
N ASN G 86 38.44 -5.37 40.70
CA ASN G 86 39.53 -4.78 39.94
C ASN G 86 39.15 -4.54 38.48
N PHE G 87 38.29 -5.38 37.92
CA PHE G 87 38.00 -5.33 36.49
C PHE G 87 37.57 -3.93 36.08
N THR G 88 38.37 -3.31 35.20
CA THR G 88 37.95 -2.09 34.54
C THR G 88 36.77 -2.38 33.62
N ARG G 89 36.05 -1.32 33.26
CA ARG G 89 34.81 -1.51 32.49
C ARG G 89 35.08 -2.27 31.20
N ASP G 90 36.19 -1.97 30.52
CA ASP G 90 36.52 -2.68 29.29
C ASP G 90 36.78 -4.16 29.58
N GLN G 91 37.52 -4.46 30.64
CA GLN G 91 37.77 -5.85 31.00
C GLN G 91 36.48 -6.55 31.39
N ALA G 92 35.59 -5.85 32.09
CA ALA G 92 34.30 -6.44 32.44
C ALA G 92 33.48 -6.75 31.20
N LEU G 93 33.50 -5.85 30.22
CA LEU G 93 32.82 -6.13 28.96
C LEU G 93 33.44 -7.34 28.27
N TYR G 94 34.77 -7.43 28.28
CA TYR G 94 35.41 -8.61 27.69
C TYR G 94 34.96 -9.88 28.38
N ALA G 95 34.86 -9.86 29.71
CA ALA G 95 34.43 -11.04 30.44
C ALA G 95 33.00 -11.41 30.09
N ARG G 96 32.10 -10.42 30.09
CA ARG G 96 30.69 -10.67 29.79
C ARG G 96 30.50 -11.10 28.33
N GLY G 97 31.45 -10.81 27.46
CA GLY G 97 31.37 -11.29 26.09
C GLY G 97 31.97 -12.66 25.91
N TYR G 98 33.12 -12.89 26.53
CA TYR G 98 33.78 -14.19 26.43
C TYR G 98 32.94 -15.29 27.06
N CYS G 99 32.37 -15.02 28.23
CA CYS G 99 31.57 -16.04 28.91
C CYS G 99 30.26 -16.32 28.19
N TRP G 100 29.81 -15.42 27.32
CA TRP G 100 28.62 -15.66 26.50
C TRP G 100 28.96 -16.27 25.15
N THR G 101 30.20 -16.09 24.67
CA THR G 101 30.62 -16.77 23.46
C THR G 101 31.10 -18.19 23.76
N GLU G 102 32.02 -18.33 24.71
CA GLU G 102 32.44 -19.67 25.14
C GLU G 102 31.26 -20.45 25.71
N LEU G 103 30.57 -19.87 26.68
CA LEU G 103 29.33 -20.43 27.22
C LEU G 103 29.53 -21.87 27.70
N ARG G 104 30.62 -22.13 28.40
CA ARG G 104 30.93 -23.47 28.91
C ARG G 104 31.18 -23.37 30.41
N ASP G 105 30.35 -24.07 31.19
CA ASP G 105 30.46 -24.03 32.64
C ASP G 105 31.71 -24.76 33.11
N ALA G 106 32.34 -24.20 34.14
CA ALA G 106 33.51 -24.79 34.77
C ALA G 106 33.10 -25.54 36.03
N LEU G 107 34.09 -26.03 36.76
CA LEU G 107 33.90 -26.80 37.99
C LEU G 107 34.82 -26.25 39.06
N PRO G 108 34.49 -26.47 40.34
CA PRO G 108 35.30 -25.87 41.42
C PRO G 108 36.79 -26.16 41.28
N GLY G 109 37.15 -27.43 41.27
CA GLY G 109 38.49 -27.83 40.89
C GLY G 109 38.60 -27.97 39.39
N VAL G 110 39.80 -28.35 38.94
CA VAL G 110 39.97 -28.66 37.53
C VAL G 110 38.97 -29.72 37.11
N ASP G 111 39.09 -30.92 37.68
CA ASP G 111 38.06 -31.95 37.61
C ASP G 111 37.82 -32.49 36.21
N ALA G 112 38.42 -31.87 35.19
CA ALA G 112 38.27 -32.31 33.81
C ALA G 112 39.02 -31.34 32.92
N SER G 113 39.20 -31.74 31.66
CA SER G 113 39.48 -30.82 30.57
C SER G 113 38.25 -30.59 29.70
N LEU G 114 37.22 -31.42 29.86
CA LEU G 114 35.94 -31.28 29.15
C LEU G 114 34.85 -31.20 30.22
N TRP G 115 34.43 -29.99 30.54
CA TRP G 115 33.39 -29.74 31.52
C TRP G 115 32.09 -29.33 30.82
N PRO G 116 30.94 -29.51 31.49
CA PRO G 116 29.66 -29.39 30.79
C PRO G 116 29.48 -28.05 30.11
N SER G 117 28.85 -28.09 28.94
CA SER G 117 28.60 -26.91 28.13
C SER G 117 27.15 -26.47 28.26
N LEU G 118 26.85 -25.30 27.67
CA LEU G 118 25.51 -24.74 27.71
C LEU G 118 25.12 -24.13 26.36
N PHE G 119 25.68 -24.66 25.28
CA PHE G 119 25.41 -24.07 23.95
C PHE G 119 23.94 -24.13 23.60
N GLU G 120 23.18 -25.06 24.18
CA GLU G 120 21.77 -25.19 23.82
C GLU G 120 20.97 -23.97 24.23
N HIS G 121 21.25 -23.40 25.40
CA HIS G 121 20.51 -22.21 25.83
C HIS G 121 20.67 -21.07 24.83
N LYS G 122 21.82 -20.99 24.16
CA LYS G 122 22.07 -19.97 23.16
C LYS G 122 21.57 -20.36 21.78
N PHE G 123 21.48 -21.66 21.49
CA PHE G 123 21.15 -22.13 20.14
C PHE G 123 19.67 -22.44 19.94
N LEU G 124 18.90 -22.62 21.02
CA LEU G 124 17.51 -23.04 20.87
C LEU G 124 16.70 -22.09 19.99
N PRO G 125 16.67 -20.77 20.23
CA PRO G 125 15.74 -19.92 19.47
C PRO G 125 16.01 -19.88 17.97
N TYR G 126 17.03 -20.60 17.51
CA TYR G 126 17.24 -20.86 16.09
C TYR G 126 16.80 -22.26 15.68
N ALA G 127 17.07 -23.26 16.53
CA ALA G 127 16.55 -24.59 16.27
C ALA G 127 15.03 -24.60 16.21
N LEU G 128 14.39 -23.69 16.96
CA LEU G 128 12.94 -23.58 16.89
C LEU G 128 12.48 -23.10 15.52
N LEU G 129 13.18 -22.11 14.95
CA LEU G 129 12.88 -21.70 13.58
C LEU G 129 13.10 -22.85 12.60
N ALA G 130 14.19 -23.60 12.79
CA ALA G 130 14.44 -24.74 11.92
C ALA G 130 13.32 -25.76 12.00
N PHE G 131 12.83 -26.03 13.21
CA PHE G 131 11.73 -26.97 13.38
C PHE G 131 10.46 -26.44 12.72
N ALA G 132 10.19 -25.14 12.86
CA ALA G 132 9.03 -24.56 12.21
C ALA G 132 9.09 -24.76 10.70
N ALA G 133 10.24 -24.45 10.10
CA ALA G 133 10.38 -24.62 8.66
C ALA G 133 10.24 -26.10 8.25
N ILE G 134 10.86 -26.99 9.03
CA ILE G 134 10.79 -28.42 8.70
C ILE G 134 9.35 -28.90 8.75
N MET G 135 8.60 -28.48 9.77
CA MET G 135 7.21 -28.91 9.89
C MET G 135 6.33 -28.25 8.83
N TYR G 136 6.71 -27.08 8.34
CA TYR G 136 5.97 -26.46 7.25
C TYR G 136 6.27 -27.10 5.90
N VAL G 137 7.43 -27.76 5.77
CA VAL G 137 7.80 -28.36 4.48
C VAL G 137 6.72 -29.29 3.94
N PRO G 138 6.20 -30.25 4.70
CA PRO G 138 5.28 -31.24 4.10
C PRO G 138 4.05 -30.63 3.44
N ALA G 139 3.50 -29.56 4.00
CA ALA G 139 2.37 -28.90 3.35
C ALA G 139 2.75 -28.39 1.97
N LEU G 140 3.92 -27.75 1.86
CA LEU G 140 4.40 -27.29 0.56
C LEU G 140 4.63 -28.45 -0.39
N GLY G 141 5.19 -29.55 0.12
CA GLY G 141 5.42 -30.71 -0.74
C GLY G 141 4.13 -31.27 -1.30
N TRP G 142 3.12 -31.43 -0.44
CA TRP G 142 1.82 -31.93 -0.91
C TRP G 142 1.19 -30.96 -1.89
N GLU G 143 1.28 -29.66 -1.62
CA GLU G 143 0.76 -28.68 -2.56
C GLU G 143 1.40 -28.86 -3.94
N PHE G 144 2.74 -28.89 -3.97
CA PHE G 144 3.43 -29.01 -5.25
C PHE G 144 3.04 -30.30 -5.96
N LEU G 145 2.94 -31.41 -5.22
CA LEU G 145 2.71 -32.71 -5.83
C LEU G 145 1.25 -32.96 -6.21
N ALA G 146 0.30 -32.20 -5.67
CA ALA G 146 -1.11 -32.48 -5.88
C ALA G 146 -1.92 -31.35 -6.50
N SER G 147 -1.35 -30.15 -6.66
CA SER G 147 -2.15 -29.02 -7.14
C SER G 147 -2.86 -29.35 -8.44
N THR G 148 -2.09 -29.66 -9.49
CA THR G 148 -2.67 -29.85 -10.81
C THR G 148 -3.62 -31.04 -10.84
N ARG G 149 -3.19 -32.16 -10.24
CA ARG G 149 -4.00 -33.38 -10.31
C ARG G 149 -5.34 -33.19 -9.61
N LEU G 150 -5.33 -32.64 -8.39
CA LEU G 150 -6.58 -32.44 -7.68
C LEU G 150 -7.43 -31.37 -8.36
N THR G 151 -6.80 -30.32 -8.89
CA THR G 151 -7.56 -29.32 -9.63
C THR G 151 -8.34 -29.98 -10.77
N SER G 152 -7.65 -30.78 -11.57
CA SER G 152 -8.30 -31.45 -12.71
C SER G 152 -9.40 -32.38 -12.23
N GLU G 153 -9.11 -33.23 -11.24
CA GLU G 153 -10.09 -34.21 -10.80
C GLU G 153 -11.33 -33.54 -10.25
N LEU G 154 -11.17 -32.51 -9.42
CA LEU G 154 -12.33 -31.85 -8.84
C LEU G 154 -13.08 -31.02 -9.87
N ASN G 155 -12.37 -30.43 -10.83
CA ASN G 155 -13.05 -29.72 -11.91
C ASN G 155 -13.94 -30.66 -12.70
N PHE G 156 -13.44 -31.87 -12.99
CA PHE G 156 -14.27 -32.85 -13.67
C PHE G 156 -15.43 -33.29 -12.78
N LEU G 157 -15.17 -33.53 -11.49
CA LEU G 157 -16.18 -34.08 -10.60
C LEU G 157 -17.33 -33.12 -10.37
N LEU G 158 -17.04 -31.83 -10.20
CA LEU G 158 -18.10 -30.87 -9.93
C LEU G 158 -19.07 -30.79 -11.11
N GLN G 159 -18.53 -30.72 -12.33
CA GLN G 159 -19.39 -30.71 -13.51
C GLN G 159 -20.15 -32.02 -13.64
N GLU G 160 -19.50 -33.15 -13.34
CA GLU G 160 -20.17 -34.43 -13.45
C GLU G 160 -21.35 -34.52 -12.48
N ILE G 161 -21.17 -34.05 -11.25
CA ILE G 161 -22.26 -34.11 -10.27
C ILE G 161 -23.36 -33.12 -10.64
N ASP G 162 -23.00 -31.94 -11.17
CA ASP G 162 -24.01 -31.01 -11.65
C ASP G 162 -24.88 -31.67 -12.72
N ASN G 163 -24.23 -32.29 -13.72
CA ASN G 163 -24.99 -32.98 -14.76
C ASN G 163 -25.79 -34.13 -14.18
N CYS G 164 -25.25 -34.85 -13.21
CA CYS G 164 -25.96 -35.98 -12.62
C CYS G 164 -27.25 -35.51 -11.93
N TYR G 165 -27.19 -34.39 -11.21
CA TYR G 165 -28.40 -33.90 -10.57
C TYR G 165 -29.37 -33.29 -11.58
N HIS G 166 -28.86 -32.75 -12.69
CA HIS G 166 -29.76 -32.36 -13.78
C HIS G 166 -30.49 -33.58 -14.34
N ARG G 167 -29.77 -34.70 -14.50
CA ARG G 167 -30.42 -35.94 -14.92
C ARG G 167 -31.42 -36.43 -13.88
N ALA G 168 -31.11 -36.23 -12.60
CA ALA G 168 -32.08 -36.58 -11.56
C ALA G 168 -33.35 -35.77 -11.71
N ALA G 169 -33.22 -34.47 -11.97
CA ALA G 169 -34.39 -33.64 -12.22
C ALA G 169 -35.17 -34.15 -13.42
N GLU G 170 -34.46 -34.50 -14.49
CA GLU G 170 -35.13 -35.02 -15.69
C GLU G 170 -35.87 -36.32 -15.38
N GLY G 171 -35.24 -37.23 -14.65
CA GLY G 171 -35.77 -38.57 -14.44
C GLY G 171 -36.85 -38.67 -13.39
N ARG G 172 -36.93 -37.70 -12.47
CA ARG G 172 -38.03 -37.71 -11.52
C ARG G 172 -39.36 -37.37 -12.15
N ALA G 173 -39.36 -36.69 -13.30
CA ALA G 173 -40.61 -36.29 -13.93
C ALA G 173 -41.49 -37.49 -14.31
N PRO G 174 -41.00 -38.51 -15.02
CA PRO G 174 -41.87 -39.64 -15.38
C PRO G 174 -42.36 -40.46 -14.20
N LYS G 175 -41.74 -40.33 -13.02
CA LYS G 175 -42.16 -41.15 -11.90
C LYS G 175 -43.59 -40.83 -11.47
N ILE G 176 -43.95 -39.54 -11.45
CA ILE G 176 -45.31 -39.18 -11.07
C ILE G 176 -46.31 -39.75 -12.07
N GLU G 177 -46.00 -39.65 -13.36
CA GLU G 177 -46.87 -40.20 -14.38
C GLU G 177 -47.03 -41.71 -14.21
N LYS G 178 -45.93 -42.41 -13.91
CA LYS G 178 -46.02 -43.84 -13.65
C LYS G 178 -46.91 -44.13 -12.46
N GLN G 179 -46.78 -43.33 -11.39
CA GLN G 179 -47.60 -43.53 -10.20
C GLN G 179 -49.08 -43.35 -10.51
N ILE G 180 -49.42 -42.30 -11.26
CA ILE G 180 -50.83 -42.10 -11.62
C ILE G 180 -51.30 -43.23 -12.53
N GLN G 181 -50.42 -43.73 -13.41
CA GLN G 181 -50.78 -44.88 -14.23
C GLN G 181 -51.14 -46.08 -13.36
N SER G 182 -50.36 -46.31 -12.29
CA SER G 182 -50.72 -47.35 -11.34
C SER G 182 -52.08 -47.07 -10.71
N LYS G 183 -52.43 -45.80 -10.55
CA LYS G 183 -53.73 -45.42 -10.01
C LYS G 183 -54.72 -45.10 -11.12
N GLU G 189 -45.91 -55.21 -3.50
CA GLU G 189 -46.25 -53.84 -3.13
C GLU G 189 -46.09 -52.90 -4.33
N ARG G 190 -47.05 -52.00 -4.50
CA ARG G 190 -47.02 -51.10 -5.65
C ARG G 190 -45.80 -50.20 -5.63
N GLU G 191 -45.55 -49.54 -4.50
CA GLU G 191 -44.42 -48.61 -4.43
C GLU G 191 -43.10 -49.34 -4.63
N LYS G 192 -42.93 -50.49 -3.97
CA LYS G 192 -41.66 -51.20 -4.08
C LYS G 192 -41.41 -51.67 -5.50
N ARG G 193 -42.42 -52.24 -6.15
CA ARG G 193 -42.24 -52.71 -7.52
C ARG G 193 -42.00 -51.55 -8.47
N GLU G 194 -42.67 -50.41 -8.23
CA GLU G 194 -42.40 -49.22 -9.05
C GLU G 194 -40.96 -48.78 -8.90
N ILE G 195 -40.44 -48.76 -7.67
CA ILE G 195 -39.05 -48.37 -7.45
C ILE G 195 -38.10 -49.35 -8.13
N ILE G 196 -38.39 -50.65 -8.02
CA ILE G 196 -37.51 -51.65 -8.63
C ILE G 196 -37.47 -51.48 -10.14
N GLU G 197 -38.63 -51.33 -10.77
CA GLU G 197 -38.66 -51.17 -12.22
C GLU G 197 -38.00 -49.86 -12.64
N ASN G 198 -38.17 -48.81 -11.85
CA ASN G 198 -37.50 -47.54 -12.15
C ASN G 198 -35.99 -47.71 -12.09
N ALA G 199 -35.49 -48.39 -11.05
CA ALA G 199 -34.06 -48.63 -10.97
C ALA G 199 -33.57 -49.44 -12.15
N GLU G 200 -34.36 -50.43 -12.58
CA GLU G 200 -33.96 -51.28 -13.70
C GLU G 200 -33.87 -50.48 -15.00
N LYS G 201 -34.88 -49.64 -15.27
CA LYS G 201 -35.03 -49.02 -16.58
C LYS G 201 -34.52 -47.58 -16.65
N GLU G 202 -34.02 -47.03 -15.55
CA GLU G 202 -33.61 -45.62 -15.52
C GLU G 202 -32.14 -45.42 -15.88
N LYS G 203 -31.34 -46.49 -15.96
CA LYS G 203 -29.92 -46.34 -16.21
C LYS G 203 -29.68 -45.53 -17.48
N SER G 204 -29.07 -44.37 -17.33
CA SER G 204 -28.86 -43.41 -18.40
C SER G 204 -27.41 -43.47 -18.88
N PRO G 205 -27.12 -42.86 -20.04
CA PRO G 205 -25.71 -42.88 -20.52
C PRO G 205 -24.73 -42.29 -19.51
N GLU G 206 -24.96 -41.05 -19.06
CA GLU G 206 -24.07 -40.48 -18.07
C GLU G 206 -24.15 -41.20 -16.74
N GLN G 207 -25.24 -41.93 -16.47
CA GLN G 207 -25.25 -42.82 -15.32
C GLN G 207 -24.18 -43.90 -15.46
N ASN G 208 -24.08 -44.50 -16.65
CA ASN G 208 -23.01 -45.45 -16.91
C ASN G 208 -21.64 -44.77 -16.85
N LEU G 209 -21.55 -43.52 -17.31
CA LEU G 209 -20.31 -42.77 -17.16
C LEU G 209 -19.91 -42.66 -15.70
N PHE G 210 -20.87 -42.30 -14.83
CA PHE G 210 -20.59 -42.23 -13.39
C PHE G 210 -20.17 -43.58 -12.85
N GLU G 211 -20.87 -44.65 -13.25
CA GLU G 211 -20.54 -45.97 -12.74
C GLU G 211 -19.12 -46.37 -13.11
N LYS G 212 -18.75 -46.18 -14.38
CA LYS G 212 -17.40 -46.51 -14.82
C LYS G 212 -16.36 -45.64 -14.11
N TYR G 213 -16.65 -44.35 -13.96
CA TYR G 213 -15.72 -43.46 -13.27
C TYR G 213 -15.47 -43.93 -11.85
N LEU G 214 -16.55 -44.24 -11.11
CA LEU G 214 -16.40 -44.70 -9.73
C LEU G 214 -15.66 -46.02 -9.67
N GLU G 215 -15.97 -46.94 -10.59
CA GLU G 215 -15.30 -48.24 -10.58
C GLU G 215 -13.81 -48.09 -10.82
N ARG G 216 -13.42 -47.20 -11.74
CA ARG G 216 -12.00 -47.02 -12.02
C ARG G 216 -11.29 -46.24 -10.90
N ARG G 217 -11.99 -45.32 -10.24
CA ARG G 217 -11.37 -44.58 -9.14
C ARG G 217 -11.18 -45.47 -7.92
N GLY G 218 -12.14 -46.37 -7.66
CA GLY G 218 -12.06 -47.20 -6.47
C GLY G 218 -10.79 -48.03 -6.41
N ARG G 219 -10.21 -48.36 -7.56
CA ARG G 219 -8.99 -49.15 -7.63
C ARG G 219 -7.78 -48.31 -8.03
N SER G 220 -7.85 -47.00 -7.81
CA SER G 220 -6.75 -46.08 -8.09
C SER G 220 -6.55 -45.22 -6.85
N ASN G 221 -5.75 -45.73 -5.91
CA ASN G 221 -5.56 -45.12 -4.60
C ASN G 221 -4.44 -44.09 -4.57
N PHE G 222 -4.14 -43.45 -5.70
CA PHE G 222 -3.00 -42.54 -5.75
C PHE G 222 -3.18 -41.37 -4.78
N LEU G 223 -4.34 -40.70 -4.84
CA LEU G 223 -4.52 -39.52 -4.01
C LEU G 223 -4.66 -39.88 -2.53
N ALA G 224 -5.30 -41.02 -2.23
CA ALA G 224 -5.32 -41.49 -0.85
C ALA G 224 -3.91 -41.79 -0.37
N LYS G 225 -3.10 -42.43 -1.22
CA LYS G 225 -1.70 -42.66 -0.90
C LYS G 225 -1.01 -41.35 -0.56
N LEU G 226 -1.21 -40.33 -1.40
CA LEU G 226 -0.52 -39.06 -1.21
C LEU G 226 -0.97 -38.37 0.08
N TYR G 227 -2.27 -38.39 0.37
CA TYR G 227 -2.78 -37.74 1.58
C TYR G 227 -2.26 -38.44 2.83
N LEU G 228 -2.34 -39.77 2.85
CA LEU G 228 -1.81 -40.52 3.99
C LEU G 228 -0.31 -40.27 4.14
N ALA G 229 0.42 -40.23 3.02
CA ALA G 229 1.85 -39.96 3.08
C ALA G 229 2.12 -38.58 3.65
N ARG G 230 1.34 -37.58 3.24
CA ARG G 230 1.53 -36.23 3.76
C ARG G 230 1.35 -36.20 5.28
N HIS G 231 0.25 -36.79 5.76
CA HIS G 231 -0.03 -36.68 7.20
C HIS G 231 0.95 -37.54 8.01
N VAL G 232 1.32 -38.72 7.50
CA VAL G 232 2.31 -39.53 8.19
C VAL G 232 3.66 -38.82 8.19
N LEU G 233 3.99 -38.11 7.12
CA LEU G 233 5.23 -37.35 7.08
C LEU G 233 5.21 -36.21 8.09
N ILE G 234 4.06 -35.54 8.23
CA ILE G 234 3.94 -34.52 9.26
C ILE G 234 4.17 -35.11 10.64
N LEU G 235 3.57 -36.28 10.90
CA LEU G 235 3.77 -36.94 12.19
C LEU G 235 5.24 -37.28 12.41
N LEU G 236 5.88 -37.88 11.40
CA LEU G 236 7.28 -38.28 11.53
C LEU G 236 8.18 -37.08 11.72
N LEU G 237 7.93 -35.98 11.00
CA LEU G 237 8.72 -34.78 11.18
C LEU G 237 8.51 -34.19 12.57
N SER G 238 7.28 -34.20 13.07
CA SER G 238 7.02 -33.76 14.44
C SER G 238 7.75 -34.62 15.45
N ALA G 239 8.02 -35.89 15.10
CA ALA G 239 8.72 -36.77 16.03
C ALA G 239 10.08 -36.20 16.44
N VAL G 240 10.69 -35.39 15.58
CA VAL G 240 12.04 -34.86 15.85
C VAL G 240 11.98 -33.74 16.88
N PRO G 241 11.27 -32.64 16.63
CA PRO G 241 11.26 -31.55 17.61
C PRO G 241 10.69 -31.97 18.95
N ILE G 242 9.71 -32.86 18.98
CA ILE G 242 9.20 -33.35 20.24
C ILE G 242 10.33 -33.97 21.06
N SER G 243 11.08 -34.89 20.43
CA SER G 243 12.17 -35.55 21.14
C SER G 243 13.22 -34.55 21.60
N TYR G 244 13.62 -33.64 20.69
CA TYR G 244 14.67 -32.69 21.05
C TYR G 244 14.26 -31.81 22.21
N LEU G 245 13.06 -31.21 22.12
CA LEU G 245 12.61 -30.32 23.17
C LEU G 245 12.42 -31.06 24.48
N CYS G 246 11.84 -32.26 24.44
CA CYS G 246 11.68 -33.02 25.67
C CYS G 246 13.03 -33.34 26.31
N THR G 247 14.05 -33.61 25.49
CA THR G 247 15.39 -33.78 26.03
C THR G 247 15.92 -32.47 26.61
N TYR G 248 15.63 -31.35 25.97
CA TYR G 248 16.08 -30.04 26.43
C TYR G 248 15.32 -29.57 27.67
N TYR G 249 14.00 -29.73 27.68
CA TYR G 249 13.22 -29.40 28.86
C TYR G 249 13.54 -30.30 30.04
N ALA G 250 14.07 -31.50 29.78
CA ALA G 250 14.25 -32.48 30.84
C ALA G 250 15.51 -32.21 31.66
N THR G 251 16.66 -32.10 31.00
CA THR G 251 17.95 -32.04 31.68
C THR G 251 18.63 -30.69 31.58
N GLN G 252 18.85 -30.18 30.37
CA GLN G 252 19.62 -28.96 30.16
C GLN G 252 18.79 -27.73 30.58
N LYS G 253 18.61 -27.59 31.89
CA LYS G 253 17.75 -26.55 32.47
C LYS G 253 18.45 -25.90 33.67
N GLN G 254 19.72 -25.52 33.52
CA GLN G 254 20.43 -24.79 34.54
C GLN G 254 20.66 -23.36 34.09
N ASN G 255 20.66 -22.44 35.05
CA ASN G 255 20.69 -21.01 34.78
C ASN G 255 22.04 -20.36 35.04
N GLU G 256 22.77 -20.80 36.06
CA GLU G 256 23.97 -20.12 36.54
C GLU G 256 25.17 -21.01 36.32
N PHE G 257 26.28 -20.41 35.88
CA PHE G 257 27.54 -21.14 35.75
C PHE G 257 28.70 -20.24 36.16
N THR G 258 29.91 -20.79 36.09
CA THR G 258 31.12 -20.07 36.46
C THR G 258 32.16 -20.29 35.37
N CYS G 259 32.42 -19.27 34.57
CA CYS G 259 33.39 -19.34 33.48
C CYS G 259 34.77 -18.98 33.98
N ALA G 260 35.78 -19.35 33.19
CA ALA G 260 37.18 -19.11 33.53
C ALA G 260 37.84 -18.35 32.39
N LEU G 261 38.25 -17.11 32.66
CA LEU G 261 38.95 -16.32 31.65
C LEU G 261 40.39 -16.78 31.54
N GLY G 262 40.90 -16.81 30.32
CA GLY G 262 42.19 -17.43 30.06
C GLY G 262 43.37 -16.49 29.96
N ALA G 263 43.24 -15.40 29.20
CA ALA G 263 44.38 -14.55 28.91
C ALA G 263 44.98 -13.98 30.20
N SER G 264 44.22 -13.13 30.89
CA SER G 264 44.67 -12.55 32.15
C SER G 264 45.97 -11.80 31.98
N PRO G 265 45.97 -10.64 31.29
CA PRO G 265 47.19 -9.83 31.21
C PRO G 265 47.55 -9.24 32.57
N ASP G 266 48.58 -8.38 32.59
CA ASP G 266 49.14 -7.81 33.81
C ASP G 266 50.06 -8.78 34.53
N GLY G 267 50.55 -9.81 33.84
CA GLY G 267 51.50 -10.73 34.45
C GLY G 267 52.88 -10.13 34.65
N ALA G 268 53.20 -9.05 33.93
CA ALA G 268 54.50 -8.40 34.03
C ALA G 268 55.62 -9.40 33.75
N ALA G 269 55.64 -9.88 32.50
CA ALA G 269 56.56 -10.91 32.04
C ALA G 269 56.25 -12.27 32.65
N GLY G 270 55.06 -12.44 33.24
CA GLY G 270 54.65 -13.68 33.83
C GLY G 270 53.34 -14.18 33.22
N ALA G 271 52.92 -15.36 33.67
CA ALA G 271 51.70 -15.96 33.15
C ALA G 271 50.48 -15.10 33.47
N GLY G 272 50.21 -14.90 34.75
CA GLY G 272 49.06 -14.14 35.18
C GLY G 272 48.03 -15.00 35.87
N PRO G 273 47.11 -14.38 36.62
CA PRO G 273 46.11 -15.15 37.36
C PRO G 273 44.88 -15.48 36.52
N ALA G 274 44.55 -16.76 36.41
CA ALA G 274 43.34 -17.18 35.69
C ALA G 274 42.14 -16.92 36.60
N VAL G 275 41.29 -15.99 36.18
CA VAL G 275 40.17 -15.54 37.00
C VAL G 275 38.94 -16.37 36.66
N ARG G 276 38.10 -16.59 37.67
CA ARG G 276 36.83 -17.28 37.53
C ARG G 276 35.72 -16.31 37.84
N VAL G 277 34.76 -16.19 36.92
CA VAL G 277 33.68 -15.21 37.01
C VAL G 277 32.35 -15.97 36.96
N SER G 278 31.48 -15.68 37.91
CA SER G 278 30.16 -16.31 37.99
C SER G 278 29.18 -15.53 37.12
N CYS G 279 28.54 -16.23 36.18
CA CYS G 279 27.60 -15.61 35.27
C CYS G 279 26.24 -16.29 35.36
N LYS G 280 25.21 -15.51 35.03
CA LYS G 280 23.82 -15.94 35.06
C LYS G 280 23.16 -15.52 33.76
N LEU G 281 22.41 -16.44 33.16
CA LEU G 281 21.67 -16.21 31.92
C LEU G 281 20.26 -15.74 32.25
N PRO G 282 19.79 -14.63 31.66
CA PRO G 282 18.45 -14.15 32.01
C PRO G 282 17.33 -14.78 31.19
N SER G 283 17.67 -15.33 30.03
CA SER G 283 16.68 -15.76 29.06
C SER G 283 16.34 -17.24 29.14
N VAL G 284 16.83 -17.97 30.14
CA VAL G 284 16.57 -19.40 30.19
C VAL G 284 15.12 -19.68 30.60
N GLN G 285 14.52 -18.83 31.42
CA GLN G 285 13.19 -19.12 31.94
C GLN G 285 12.14 -19.11 30.83
N LEU G 286 12.12 -18.05 30.02
CA LEU G 286 11.14 -17.98 28.96
C LEU G 286 11.35 -19.10 27.94
N GLN G 287 12.62 -19.40 27.62
CA GLN G 287 12.90 -20.49 26.69
C GLN G 287 12.40 -21.82 27.25
N ARG G 288 12.63 -22.06 28.54
CA ARG G 288 12.23 -23.33 29.14
C ARG G 288 10.72 -23.44 29.25
N ILE G 289 10.00 -22.31 29.33
CA ILE G 289 8.55 -22.36 29.33
C ILE G 289 8.01 -22.57 27.92
N ILE G 290 8.58 -21.86 26.93
CA ILE G 290 8.14 -22.01 25.55
C ILE G 290 8.42 -23.41 25.05
N ALA G 291 9.50 -24.03 25.51
CA ALA G 291 9.79 -25.40 25.11
C ALA G 291 8.66 -26.34 25.54
N GLY G 292 8.20 -26.22 26.78
CA GLY G 292 7.09 -27.03 27.23
C GLY G 292 5.80 -26.72 26.48
N VAL G 293 5.56 -25.44 26.23
CA VAL G 293 4.34 -25.06 25.49
C VAL G 293 4.36 -25.70 24.11
N ASP G 294 5.49 -25.62 23.41
CA ASP G 294 5.59 -26.20 22.08
C ASP G 294 5.47 -27.72 22.13
N ILE G 295 6.06 -28.35 23.15
CA ILE G 295 5.96 -29.80 23.27
C ILE G 295 4.50 -30.20 23.40
N VAL G 296 3.77 -29.53 24.29
CA VAL G 296 2.35 -29.88 24.50
C VAL G 296 1.56 -29.63 23.22
N LEU G 297 1.80 -28.48 22.57
CA LEU G 297 1.04 -28.14 21.37
C LEU G 297 1.26 -29.18 20.28
N LEU G 298 2.51 -29.55 20.03
CA LEU G 298 2.81 -30.50 18.97
C LEU G 298 2.33 -31.90 19.32
N CYS G 299 2.38 -32.29 20.59
CA CYS G 299 1.83 -33.58 20.99
C CYS G 299 0.32 -33.62 20.76
N VAL G 300 -0.38 -32.54 21.08
CA VAL G 300 -1.81 -32.48 20.84
C VAL G 300 -2.10 -32.54 19.34
N MET G 301 -1.30 -31.85 18.53
CA MET G 301 -1.47 -31.94 17.08
C MET G 301 -1.26 -33.36 16.58
N ASN G 302 -0.24 -34.06 17.11
CA ASN G 302 -0.02 -35.45 16.72
C ASN G 302 -1.23 -36.31 17.06
N LEU G 303 -1.76 -36.13 18.28
CA LEU G 303 -2.94 -36.91 18.67
C LEU G 303 -4.12 -36.62 17.76
N ILE G 304 -4.33 -35.35 17.42
CA ILE G 304 -5.42 -34.97 16.54
C ILE G 304 -5.25 -35.62 15.17
N ILE G 305 -4.04 -35.58 14.63
CA ILE G 305 -3.78 -36.20 13.33
C ILE G 305 -4.09 -37.69 13.37
N LEU G 306 -3.61 -38.37 14.41
CA LEU G 306 -3.83 -39.82 14.51
C LEU G 306 -5.30 -40.13 14.62
N VAL G 307 -6.03 -39.37 15.45
CA VAL G 307 -7.46 -39.62 15.62
C VAL G 307 -8.19 -39.42 14.30
N ASN G 308 -7.86 -38.35 13.58
CA ASN G 308 -8.54 -38.09 12.30
C ASN G 308 -8.25 -39.20 11.30
N LEU G 309 -7.00 -39.65 11.21
CA LEU G 309 -6.68 -40.73 10.28
C LEU G 309 -7.44 -42.01 10.65
N ILE G 310 -7.48 -42.34 11.94
CA ILE G 310 -8.17 -43.55 12.36
C ILE G 310 -9.65 -43.45 12.02
N HIS G 311 -10.25 -42.28 12.27
CA HIS G 311 -11.66 -42.10 11.95
C HIS G 311 -11.91 -42.22 10.45
N LEU G 312 -11.02 -41.64 9.64
CA LEU G 312 -11.27 -41.56 8.21
C LEU G 312 -11.06 -42.90 7.51
N PHE G 313 -10.02 -43.64 7.89
CA PHE G 313 -9.63 -44.83 7.15
C PHE G 313 -10.02 -46.15 7.82
N ILE G 314 -10.53 -46.13 9.04
CA ILE G 314 -10.89 -47.37 9.72
C ILE G 314 -12.33 -47.31 10.21
N PHE G 315 -12.65 -46.32 11.04
CA PHE G 315 -14.00 -46.21 11.60
C PHE G 315 -15.02 -45.68 10.60
N ARG G 316 -14.60 -44.89 9.63
CA ARG G 316 -15.55 -44.32 8.68
C ARG G 316 -16.19 -45.42 7.84
N LYS G 317 -17.49 -45.30 7.63
CA LYS G 317 -18.26 -46.25 6.84
C LYS G 317 -18.97 -45.61 5.67
N SER G 318 -19.53 -44.42 5.84
CA SER G 318 -20.25 -43.70 4.80
C SER G 318 -19.57 -42.37 4.54
N ASN G 319 -19.44 -42.01 3.26
CA ASN G 319 -18.79 -40.78 2.84
C ASN G 319 -19.83 -39.82 2.26
N PHE G 320 -19.35 -38.68 1.78
CA PHE G 320 -20.21 -37.61 1.31
C PHE G 320 -20.86 -37.95 -0.03
N ILE G 321 -20.04 -38.24 -1.04
CA ILE G 321 -20.57 -38.45 -2.38
C ILE G 321 -21.46 -39.68 -2.44
N PHE G 322 -21.07 -40.76 -1.75
CA PHE G 322 -21.88 -41.98 -1.78
C PHE G 322 -23.27 -41.72 -1.21
N ASP G 323 -23.35 -41.08 -0.05
CA ASP G 323 -24.64 -40.79 0.55
C ASP G 323 -25.43 -39.81 -0.32
N LYS G 324 -24.72 -38.82 -0.90
CA LYS G 324 -25.40 -37.83 -1.73
C LYS G 324 -26.05 -38.49 -2.95
N LEU G 325 -25.33 -39.42 -3.59
CA LEU G 325 -25.92 -40.13 -4.72
C LEU G 325 -27.05 -41.05 -4.25
N HIS G 326 -26.87 -41.73 -3.13
CA HIS G 326 -27.93 -42.60 -2.61
C HIS G 326 -29.19 -41.81 -2.29
N LYS G 327 -29.03 -40.51 -1.97
CA LYS G 327 -30.19 -39.66 -1.73
C LYS G 327 -31.15 -39.70 -2.91
N VAL G 328 -30.61 -39.53 -4.12
CA VAL G 328 -31.45 -39.63 -5.32
C VAL G 328 -31.77 -41.08 -5.66
N GLY G 329 -30.90 -42.02 -5.27
CA GLY G 329 -31.17 -43.43 -5.48
C GLY G 329 -30.25 -44.10 -6.47
N ILE G 330 -29.24 -44.81 -5.96
CA ILE G 330 -28.35 -45.63 -6.76
C ILE G 330 -27.97 -46.86 -5.93
N LYS G 331 -27.21 -47.76 -6.55
CA LYS G 331 -26.88 -49.02 -5.88
C LYS G 331 -25.89 -48.83 -4.75
N THR G 332 -24.79 -48.12 -5.00
CA THR G 332 -23.71 -47.96 -4.02
C THR G 332 -23.25 -49.33 -3.50
N ARG G 333 -23.13 -50.30 -4.41
CA ARG G 333 -22.73 -51.63 -4.01
C ARG G 333 -21.26 -51.66 -3.63
N ARG G 334 -20.85 -52.76 -3.00
CA ARG G 334 -19.49 -52.93 -2.50
C ARG G 334 -18.47 -53.12 -3.61
N GLN G 335 -18.90 -53.28 -4.87
CA GLN G 335 -17.95 -53.47 -5.96
C GLN G 335 -16.97 -52.31 -6.05
N TRP G 336 -17.37 -51.12 -5.61
CA TRP G 336 -16.48 -49.97 -5.49
C TRP G 336 -16.30 -49.56 -4.03
N ARG G 337 -16.41 -50.51 -3.12
CA ARG G 337 -16.29 -50.28 -1.69
C ARG G 337 -15.51 -51.43 -1.08
N ARG G 338 -15.57 -51.55 0.25
CA ARG G 338 -14.90 -52.56 1.05
C ARG G 338 -13.42 -52.27 1.21
N SER G 339 -12.88 -51.24 0.56
CA SER G 339 -11.48 -50.83 0.69
C SER G 339 -11.50 -49.36 1.11
N GLN G 340 -11.56 -49.12 2.43
CA GLN G 340 -11.69 -47.76 2.92
C GLN G 340 -10.51 -46.90 2.51
N PHE G 341 -9.34 -47.51 2.30
CA PHE G 341 -8.19 -46.78 1.79
C PHE G 341 -8.40 -46.50 0.31
N CYS G 342 -9.38 -45.66 -0.02
CA CYS G 342 -9.83 -45.45 -1.38
C CYS G 342 -9.71 -43.98 -1.75
N ASP G 343 -9.58 -43.73 -3.06
CA ASP G 343 -9.41 -42.37 -3.54
C ASP G 343 -10.68 -41.55 -3.34
N ILE G 344 -11.84 -42.12 -3.66
CA ILE G 344 -13.09 -41.38 -3.53
C ILE G 344 -13.35 -41.02 -2.08
N ASN G 345 -12.73 -41.74 -1.13
CA ASN G 345 -12.97 -41.46 0.28
C ASN G 345 -12.54 -40.05 0.66
N ILE G 346 -11.38 -39.61 0.18
CA ILE G 346 -10.92 -38.26 0.46
C ILE G 346 -11.50 -37.24 -0.51
N LEU G 347 -11.80 -37.65 -1.74
CA LEU G 347 -12.52 -36.77 -2.64
C LEU G 347 -13.87 -36.38 -2.06
N ALA G 348 -14.47 -37.27 -1.25
CA ALA G 348 -15.71 -36.92 -0.58
C ALA G 348 -15.52 -35.74 0.36
N MET G 349 -14.45 -35.76 1.16
CA MET G 349 -14.18 -34.64 2.05
C MET G 349 -13.88 -33.37 1.26
N PHE G 350 -13.09 -33.49 0.19
CA PHE G 350 -12.80 -32.33 -0.64
C PHE G 350 -14.07 -31.72 -1.21
N CYS G 351 -14.99 -32.56 -1.69
CA CYS G 351 -16.26 -32.07 -2.19
C CYS G 351 -17.08 -31.43 -1.08
N ASN G 352 -17.08 -32.04 0.11
CA ASN G 352 -17.82 -31.48 1.23
C ASN G 352 -17.34 -30.07 1.55
N GLU G 353 -16.03 -29.85 1.53
CA GLU G 353 -15.52 -28.50 1.67
C GLU G 353 -15.98 -27.62 0.52
N ASN G 354 -15.93 -28.14 -0.71
CA ASN G 354 -16.41 -27.44 -1.89
C ASN G 354 -17.88 -27.68 -2.15
N ARG G 355 -18.65 -28.02 -1.12
CA ARG G 355 -20.06 -28.38 -1.32
C ARG G 355 -20.82 -27.27 -2.05
N ASP G 356 -20.55 -26.02 -1.71
CA ASP G 356 -21.28 -24.90 -2.28
C ASP G 356 -20.63 -24.35 -3.54
N HIS G 357 -19.53 -24.94 -4.01
CA HIS G 357 -18.96 -24.54 -5.29
C HIS G 357 -19.85 -24.92 -6.46
N ILE G 358 -20.83 -25.80 -6.24
CA ILE G 358 -21.80 -26.19 -7.27
C ILE G 358 -23.18 -25.81 -6.76
N LYS G 359 -23.92 -25.06 -7.58
CA LYS G 359 -25.17 -24.47 -7.12
C LYS G 359 -26.27 -25.50 -6.95
N SER G 360 -26.65 -26.15 -8.05
CA SER G 360 -27.83 -27.01 -8.05
C SER G 360 -27.85 -27.94 -6.85
N LEU G 361 -26.83 -28.80 -6.74
CA LEU G 361 -26.76 -29.78 -5.66
C LEU G 361 -27.21 -29.17 -4.34
N ASN G 362 -26.68 -27.99 -4.01
CA ASN G 362 -27.00 -27.35 -2.75
C ASN G 362 -28.49 -27.42 -2.45
N ARG G 363 -29.30 -26.79 -3.32
CA ARG G 363 -30.73 -26.73 -3.04
C ARG G 363 -31.31 -28.13 -2.89
N LEU G 364 -30.90 -29.05 -3.77
CA LEU G 364 -31.48 -30.39 -3.76
C LEU G 364 -31.23 -31.12 -2.45
N ASP G 365 -30.27 -30.67 -1.64
CA ASP G 365 -30.04 -31.33 -0.36
C ASP G 365 -30.99 -30.83 0.71
N PHE G 366 -31.38 -29.55 0.67
CA PHE G 366 -32.17 -28.96 1.73
C PHE G 366 -33.67 -29.03 1.48
N ILE G 367 -34.08 -29.48 0.30
CA ILE G 367 -35.51 -29.64 0.03
C ILE G 367 -36.09 -30.79 0.83
N THR G 368 -35.28 -31.82 1.12
CA THR G 368 -35.77 -33.03 1.77
C THR G 368 -34.75 -33.47 2.81
N ASN G 369 -34.93 -34.69 3.30
CA ASN G 369 -34.04 -35.27 4.30
C ASN G 369 -34.17 -36.79 4.21
N GLU G 370 -33.46 -37.49 5.11
CA GLU G 370 -33.48 -38.94 5.26
C GLU G 370 -32.84 -39.68 4.10
N SER G 371 -32.35 -38.99 3.08
CA SER G 371 -31.70 -39.63 1.94
C SER G 371 -32.63 -40.66 1.29
N ASP G 372 -33.91 -40.35 1.26
CA ASP G 372 -34.95 -41.17 0.63
C ASP G 372 -35.85 -40.31 -0.22
N LEU G 373 -35.24 -39.48 -1.06
CA LEU G 373 -35.99 -38.49 -1.83
C LEU G 373 -37.09 -39.13 -2.67
N MET G 374 -36.89 -40.38 -3.09
CA MET G 374 -37.77 -41.00 -4.06
C MET G 374 -38.75 -41.99 -3.45
N TYR G 375 -38.91 -41.98 -2.13
CA TYR G 375 -39.87 -42.87 -1.47
C TYR G 375 -41.16 -42.17 -1.09
N ASP G 376 -41.28 -40.86 -1.34
CA ASP G 376 -42.56 -40.19 -1.20
C ASP G 376 -43.39 -40.37 -2.46
N ASN G 377 -44.71 -40.26 -2.31
CA ASN G 377 -45.59 -40.41 -3.44
C ASN G 377 -45.77 -39.09 -4.20
N VAL G 378 -45.97 -37.98 -3.48
CA VAL G 378 -46.45 -36.76 -4.11
C VAL G 378 -45.53 -35.56 -3.88
N VAL G 379 -45.39 -35.13 -2.63
CA VAL G 379 -44.96 -33.76 -2.36
C VAL G 379 -43.60 -33.47 -2.98
N ARG G 380 -42.57 -34.23 -2.58
CA ARG G 380 -41.22 -33.86 -2.97
C ARG G 380 -41.04 -33.93 -4.48
N GLN G 381 -41.68 -34.92 -5.13
CA GLN G 381 -41.58 -35.04 -6.58
C GLN G 381 -42.58 -34.16 -7.31
N LEU G 382 -43.75 -33.91 -6.72
CA LEU G 382 -44.71 -33.01 -7.34
C LEU G 382 -44.16 -31.59 -7.43
N LEU G 383 -43.44 -31.15 -6.39
CA LEU G 383 -42.80 -29.84 -6.46
C LEU G 383 -41.86 -29.74 -7.65
N ALA G 384 -41.01 -30.75 -7.84
CA ALA G 384 -40.09 -30.73 -8.97
C ALA G 384 -40.84 -30.82 -10.29
N ALA G 385 -41.92 -31.61 -10.32
CA ALA G 385 -42.71 -31.74 -11.54
C ALA G 385 -43.25 -30.38 -11.98
N LEU G 386 -43.86 -29.64 -11.07
CA LEU G 386 -44.36 -28.31 -11.42
C LEU G 386 -43.24 -27.31 -11.63
N ALA G 387 -42.06 -27.55 -11.04
CA ALA G 387 -40.95 -26.62 -11.22
C ALA G 387 -40.28 -26.76 -12.58
N GLN G 388 -40.24 -27.98 -13.14
CA GLN G 388 -39.47 -28.25 -14.34
C GLN G 388 -40.32 -28.67 -15.52
N SER G 389 -41.24 -29.62 -15.33
CA SER G 389 -41.94 -30.23 -16.46
C SER G 389 -42.73 -29.18 -17.26
N ASN G 390 -43.43 -28.29 -16.56
CA ASN G 390 -44.23 -27.29 -17.26
C ASN G 390 -43.36 -26.27 -17.99
N HIS G 391 -42.18 -25.97 -17.44
CA HIS G 391 -41.32 -24.96 -18.05
C HIS G 391 -40.84 -25.35 -19.44
N ASP G 392 -40.74 -26.65 -19.73
CA ASP G 392 -40.31 -27.10 -21.04
C ASP G 392 -41.41 -26.86 -22.09
C1 NAG H . 32.66 -2.96 51.30
C2 NAG H . 31.30 -3.61 51.52
C3 NAG H . 31.35 -4.57 52.71
C4 NAG H . 32.49 -5.57 52.52
C5 NAG H . 33.80 -4.84 52.24
C6 NAG H . 34.94 -5.78 51.90
C7 NAG H . 28.97 -2.86 51.60
C8 NAG H . 28.04 -1.72 51.85
N2 NAG H . 30.26 -2.61 51.72
O3 NAG H . 30.11 -5.25 52.83
O4 NAG H . 32.65 -6.34 53.71
O5 NAG H . 33.65 -3.97 51.11
O6 NAG H . 35.82 -5.21 50.95
O7 NAG H . 28.55 -3.98 51.30
C1 NAG I . 27.09 11.48 52.81
C2 NAG I . 25.74 11.77 53.46
C3 NAG I . 25.88 11.84 54.97
C4 NAG I . 26.55 10.58 55.50
C5 NAG I . 27.86 10.31 54.76
C6 NAG I . 28.48 8.99 55.12
C7 NAG I . 23.86 13.27 53.00
C8 NAG I . 23.44 14.59 52.41
N2 NAG I . 25.17 12.99 52.94
O3 NAG I . 24.60 11.99 55.58
O4 NAG I . 26.83 10.72 56.89
O5 NAG I . 27.61 10.26 53.34
O6 NAG I . 28.83 8.24 53.97
O7 NAG I . 23.05 12.50 53.50
C1 NAG J . 32.21 23.48 45.55
C2 NAG J . 31.19 24.57 45.26
C3 NAG J . 30.74 25.24 46.55
C4 NAG J . 30.25 24.19 47.55
C5 NAG J . 31.29 23.09 47.73
C6 NAG J . 30.80 21.94 48.58
C7 NAG J . 30.97 26.51 43.77
C8 NAG J . 31.69 27.44 42.83
N2 NAG J . 31.72 25.55 44.34
O3 NAG J . 29.70 26.16 46.28
O4 NAG J . 29.98 24.80 48.80
O5 NAG J . 31.65 22.53 46.46
O6 NAG J . 31.54 20.75 48.33
O7 NAG J . 29.77 26.61 44.00
C1 NAG K . 42.56 24.54 35.68
C2 NAG K . 42.57 25.48 34.48
C3 NAG K . 42.88 26.89 34.93
C4 NAG K . 41.91 27.33 36.02
C5 NAG K . 41.88 26.30 37.15
C6 NAG K . 40.82 26.58 38.18
C7 NAG K . 43.21 24.95 32.17
C8 NAG K . 44.32 24.47 31.28
N2 NAG K . 43.51 25.04 33.47
O3 NAG K . 42.79 27.78 33.82
O4 NAG K . 42.31 28.59 36.56
O5 NAG K . 41.60 24.99 36.63
O6 NAG K . 40.14 25.40 38.56
O7 NAG K . 42.10 25.24 31.74
C1 NAG L . 51.03 14.08 29.73
C2 NAG L . 51.86 13.84 28.49
C3 NAG L . 53.21 14.54 28.61
C4 NAG L . 53.01 16.02 28.92
C5 NAG L . 52.09 16.19 30.14
C6 NAG L . 51.73 17.63 30.40
C7 NAG L . 51.66 11.80 27.13
C8 NAG L . 51.93 10.33 27.07
N2 NAG L . 52.05 12.41 28.26
O3 NAG L . 53.94 14.40 27.39
O4 NAG L . 54.26 16.63 29.19
O5 NAG L . 50.86 15.48 29.92
O6 NAG L . 50.38 17.75 30.83
O7 NAG L . 51.11 12.40 26.21
C1 NAG M . 51.40 -0.55 32.50
C2 NAG M . 51.58 -1.68 31.49
C3 NAG M . 53.06 -1.97 31.29
C4 NAG M . 53.79 -0.70 30.90
C5 NAG M . 53.50 0.42 31.89
C6 NAG M . 54.07 1.75 31.45
C7 NAG M . 50.33 -3.75 31.08
C8 NAG M . 49.65 -4.93 31.70
N2 NAG M . 50.88 -2.88 31.93
O3 NAG M . 53.22 -2.96 30.28
O4 NAG M . 55.20 -0.94 30.87
O5 NAG M . 52.08 0.61 32.03
O6 NAG M . 53.07 2.78 31.46
O7 NAG M . 50.39 -3.61 29.87
C1 NAG N . 43.13 -7.74 41.99
C2 NAG N . 42.81 -9.23 41.91
C3 NAG N . 44.05 -10.05 42.22
C4 NAG N . 45.19 -9.63 41.30
C5 NAG N . 45.41 -8.12 41.36
C6 NAG N . 46.43 -7.62 40.36
C7 NAG N . 40.73 -10.40 42.47
C8 NAG N . 39.69 -10.64 43.53
N2 NAG N . 41.73 -9.57 42.81
O3 NAG N . 43.76 -11.43 42.04
O4 NAG N . 46.39 -10.29 41.70
O5 NAG N . 44.18 -7.44 41.08
O6 NAG N . 46.01 -6.42 39.75
O7 NAG N . 40.65 -10.91 41.35
#